data_1WHF
#
_entry.id   1WHF
#
_cell.length_a   1.000
_cell.length_b   1.000
_cell.length_c   1.000
_cell.angle_alpha   90.00
_cell.angle_beta   90.00
_cell.angle_gamma   90.00
#
_symmetry.space_group_name_H-M   'P 1'
#
_entity_poly.entity_id   1
_entity_poly.type   'polypeptide(L)'
_entity_poly.pdbx_seq_one_letter_code
;ANSFL(CGU)(CGU)VKQGNL(CGU)R(CGU)CL(CGU)(CGU)ACSL(CGU)(CGU)AR(CGU)VF(CGU)DA(CGU)Q
TD(CGU)FWSKYKDGDQCEGHPCLNQGHCK(BHD)GIGDYTCTCAEGFEGKNCEFSTR
;
_entity_poly.pdbx_strand_id   A
#
# COMPACT_ATOMS: atom_id res chain seq x y z
N ALA A 1 -18.74 -12.13 -10.49
CA ALA A 1 -19.13 -11.01 -9.57
C ALA A 1 -19.27 -9.72 -10.36
N ASN A 2 -20.46 -9.18 -10.43
CA ASN A 2 -20.65 -7.91 -11.20
C ASN A 2 -20.91 -6.77 -10.22
N SER A 3 -20.02 -5.81 -10.15
CA SER A 3 -20.21 -4.67 -9.22
C SER A 3 -19.22 -3.55 -9.57
N PHE A 4 -18.58 -2.97 -8.59
CA PHE A 4 -17.61 -1.87 -8.88
C PHE A 4 -16.56 -2.37 -9.88
N LEU A 5 -16.45 -3.66 -10.04
CA LEU A 5 -15.45 -4.21 -11.00
C LEU A 5 -15.95 -4.03 -12.43
N CGU A 6 -17.20 -4.30 -12.66
CA CGU A 6 -17.74 -4.13 -14.05
C CGU A 6 -17.25 -2.79 -14.58
O CGU A 6 -17.07 -2.60 -15.77
CB CGU A 6 -19.27 -4.15 -14.01
CG CGU A 6 -19.79 -5.37 -14.77
CD1 CGU A 6 -21.31 -5.47 -14.58
CD2 CGU A 6 -19.48 -5.22 -16.26
OE11 CGU A 6 -21.96 -5.98 -15.48
OE12 CGU A 6 -21.79 -5.05 -13.55
OE21 CGU A 6 -20.17 -4.47 -16.92
OE22 CGU A 6 -18.54 -5.85 -16.71
H CGU A 6 -17.78 -4.59 -11.93
HA CGU A 6 -17.38 -4.93 -14.67
HB2 CGU A 6 -19.65 -3.24 -14.47
HB3 CGU A 6 -19.60 -4.19 -12.98
HG CGU A 6 -19.32 -6.26 -14.39
N CGU A 7 -17.02 -1.86 -13.70
CA CGU A 7 -16.52 -0.52 -14.12
C CGU A 7 -15.50 -0.06 -13.07
O CGU A 7 -15.65 0.97 -12.44
CB CGU A 7 -17.68 0.47 -14.17
CG CGU A 7 -17.77 1.07 -15.58
CD1 CGU A 7 -18.91 0.40 -16.35
CD2 CGU A 7 -18.05 2.57 -15.47
OE11 CGU A 7 -18.61 -0.38 -17.24
OE12 CGU A 7 -20.05 0.68 -16.04
OE21 CGU A 7 -18.90 3.05 -16.19
OE22 CGU A 7 -17.39 3.22 -14.68
H CGU A 7 -17.17 -2.05 -12.75
HA CGU A 7 -16.05 -0.60 -15.08
HB2 CGU A 7 -17.51 1.26 -13.45
HB3 CGU A 7 -18.60 -0.04 -13.94
HG CGU A 7 -16.84 0.90 -16.09
N VAL A 8 -14.47 -0.84 -12.86
CA VAL A 8 -13.45 -0.50 -11.85
C VAL A 8 -13.16 0.99 -11.89
N LYS A 9 -13.81 1.71 -11.05
CA LYS A 9 -13.59 3.18 -10.98
C LYS A 9 -12.09 3.44 -11.05
N GLN A 10 -11.30 2.50 -10.58
CA GLN A 10 -9.82 2.66 -10.61
C GLN A 10 -9.19 1.57 -9.74
N GLY A 11 -8.21 0.87 -10.24
CA GLY A 11 -7.58 -0.21 -9.44
C GLY A 11 -6.17 0.22 -9.01
N ASN A 12 -5.92 0.23 -7.72
CA ASN A 12 -4.56 0.62 -7.23
C ASN A 12 -3.85 -0.62 -6.66
N LEU A 13 -2.72 -0.46 -6.05
CA LEU A 13 -2.02 -1.64 -5.50
C LEU A 13 -2.70 -2.08 -4.19
N CGU A 14 -1.96 -2.19 -3.11
CA CGU A 14 -2.59 -2.63 -1.83
C CGU A 14 -3.00 -1.41 -1.01
O CGU A 14 -3.66 -1.53 0.01
CB CGU A 14 -1.56 -3.45 -1.04
CG CGU A 14 -2.25 -4.47 -0.13
CD1 CGU A 14 -3.34 -5.21 -0.90
CD2 CGU A 14 -1.22 -5.47 0.37
OE11 CGU A 14 -3.06 -6.28 -1.41
OE12 CGU A 14 -4.45 -4.71 -0.96
OE21 CGU A 14 -1.45 -6.66 0.23
OE22 CGU A 14 -0.19 -5.04 0.88
H CGU A 14 -1.00 -2.01 -3.15
HA CGU A 14 -3.45 -3.24 -2.05
HB2 CGU A 14 -0.97 -2.78 -0.43
HB3 CGU A 14 -0.91 -3.96 -1.72
HG CGU A 14 -2.70 -3.96 0.71
N ARG A 15 -2.60 -0.24 -1.42
CA ARG A 15 -2.97 0.97 -0.64
C ARG A 15 -4.44 1.35 -0.89
N CGU A 16 -4.87 1.34 -2.14
CA CGU A 16 -6.30 1.71 -2.41
C CGU A 16 -7.20 0.50 -2.15
O CGU A 16 -8.22 0.61 -1.48
CB CGU A 16 -6.45 2.14 -3.87
CG CGU A 16 -7.70 3.01 -4.03
CD1 CGU A 16 -8.92 2.23 -3.54
CD2 CGU A 16 -7.55 4.28 -3.19
OE11 CGU A 16 -9.60 2.72 -2.66
OE12 CGU A 16 -9.16 1.15 -4.07
OE21 CGU A 16 -7.94 4.26 -2.05
OE22 CGU A 16 -7.04 5.25 -3.73
H CGU A 16 -4.27 1.11 -2.87
HA CGU A 16 -6.59 2.52 -1.77
HB2 CGU A 16 -6.53 1.26 -4.50
HB3 CGU A 16 -5.58 2.71 -4.16
HG CGU A 16 -7.82 3.27 -5.07
N CYS A 17 -6.85 -0.65 -2.67
CA CYS A 17 -7.70 -1.87 -2.44
C CYS A 17 -7.33 -2.52 -1.10
N LEU A 18 -7.13 -1.71 -0.10
CA LEU A 18 -6.76 -2.27 1.23
C LEU A 18 -8.01 -2.75 1.96
N CGU A 19 -9.13 -2.28 1.54
CA CGU A 19 -10.40 -2.68 2.19
C CGU A 19 -11.22 -3.53 1.23
O CGU A 19 -10.69 -4.33 0.48
CB CGU A 19 -11.18 -1.41 2.57
CG CGU A 19 -10.26 -0.49 3.37
CD1 CGU A 19 -10.22 0.89 2.72
CD2 CGU A 19 -10.79 -0.37 4.80
OE11 CGU A 19 -10.45 0.97 1.53
OE12 CGU A 19 -9.98 1.86 3.44
OE21 CGU A 19 -11.07 0.75 5.22
OE22 CGU A 19 -10.91 -1.39 5.46
H CGU A 19 -9.15 -1.66 0.80
HA CGU A 19 -10.20 -3.24 3.09
HB2 CGU A 19 -12.03 -1.68 3.15
HB3 CGU A 19 -11.50 -0.90 1.67
HG CGU A 19 -9.26 -0.90 3.40
N CGU A 20 -12.52 -3.38 1.22
CA CGU A 20 -13.35 -4.18 0.29
C CGU A 20 -13.20 -3.65 -1.13
O CGU A 20 -13.76 -4.18 -2.07
CB CGU A 20 -14.81 -4.11 0.73
CG CGU A 20 -14.92 -4.44 2.22
CD1 CGU A 20 -16.39 -4.66 2.60
CD2 CGU A 20 -14.12 -5.72 2.52
OE11 CGU A 20 -16.70 -4.50 3.77
OE12 CGU A 20 -17.16 -4.99 1.72
OE21 CGU A 20 -12.90 -5.64 2.53
OE22 CGU A 20 -14.74 -6.75 2.73
H CGU A 20 -12.94 -2.72 1.82
HA CGU A 20 -13.01 -5.21 0.32
HB2 CGU A 20 -15.39 -4.83 0.17
HB3 CGU A 20 -15.20 -3.12 0.55
HG CGU A 20 -14.52 -3.62 2.80
N ALA A 21 -12.44 -2.60 -1.30
CA ALA A 21 -12.25 -2.05 -2.68
C ALA A 21 -11.90 -3.20 -3.61
N CYS A 22 -10.90 -3.92 -3.26
CA CYS A 22 -10.47 -5.09 -4.07
C CYS A 22 -9.80 -6.12 -3.15
N SER A 23 -9.19 -7.12 -3.73
CA SER A 23 -8.52 -8.16 -2.91
C SER A 23 -7.82 -9.13 -3.84
N LEU A 24 -8.41 -9.40 -4.98
CA LEU A 24 -7.79 -10.32 -5.95
C LEU A 24 -8.48 -10.16 -7.30
N CGU A 25 -9.77 -9.94 -7.30
CA CGU A 25 -10.50 -9.78 -8.58
C CGU A 25 -10.02 -8.52 -9.31
O CGU A 25 -9.54 -8.58 -10.42
CB CGU A 25 -12.00 -9.65 -8.30
CG CGU A 25 -12.53 -10.98 -7.74
CD1 CGU A 25 -13.37 -10.69 -6.49
CD2 CGU A 25 -13.41 -11.66 -8.79
OE11 CGU A 25 -12.80 -10.34 -5.48
OE12 CGU A 25 -14.58 -10.83 -6.57
OE21 CGU A 25 -13.19 -11.40 -9.97
OE22 CGU A 25 -14.27 -12.43 -8.41
H CGU A 25 -10.25 -9.89 -6.45
HA CGU A 25 -10.33 -10.64 -9.21
HB2 CGU A 25 -12.52 -9.41 -9.20
HB3 CGU A 25 -12.16 -8.87 -7.57
HG CGU A 25 -11.70 -11.62 -7.48
N CGU A 26 -10.17 -7.37 -8.69
CA CGU A 26 -9.73 -6.12 -9.36
C CGU A 26 -8.22 -5.91 -9.21
O CGU A 26 -7.57 -5.43 -10.13
CB CGU A 26 -10.48 -4.93 -8.75
CG CGU A 26 -9.88 -3.63 -9.28
CD1 CGU A 26 -9.98 -3.59 -10.81
CD2 CGU A 26 -10.63 -2.44 -8.70
OE11 CGU A 26 -10.65 -4.45 -11.36
OE12 CGU A 26 -9.39 -2.71 -11.41
OE21 CGU A 26 -11.64 -2.66 -8.04
OE22 CGU A 26 -10.20 -1.31 -8.92
H CGU A 26 -10.57 -7.34 -7.80
HA CGU A 26 -9.98 -6.18 -10.41
HB2 CGU A 26 -10.38 -4.95 -7.68
HB3 CGU A 26 -11.53 -4.98 -9.02
HG CGU A 26 -8.84 -3.56 -9.00
N ALA A 27 -7.65 -6.23 -8.08
CA ALA A 27 -6.18 -6.03 -7.89
C ALA A 27 -5.40 -7.20 -8.49
N ARG A 28 -5.62 -7.48 -9.75
CA ARG A 28 -4.88 -8.57 -10.43
C ARG A 28 -4.85 -8.21 -11.91
N CGU A 29 -3.69 -8.08 -12.46
CA CGU A 29 -3.56 -7.69 -13.88
C CGU A 29 -3.72 -6.17 -13.97
O CGU A 29 -3.49 -5.58 -15.01
CB CGU A 29 -4.63 -8.37 -14.74
CG CGU A 29 -4.67 -9.87 -14.42
CD1 CGU A 29 -5.90 -10.50 -15.08
CD2 CGU A 29 -3.41 -10.53 -14.96
OE11 CGU A 29 -6.44 -9.89 -15.99
OE12 CGU A 29 -6.28 -11.58 -14.65
OE21 CGU A 29 -3.13 -11.65 -14.57
OE22 CGU A 29 -2.73 -9.92 -15.77
H CGU A 29 -2.89 -8.21 -11.91
HA CGU A 29 -2.58 -7.96 -14.25
HB2 CGU A 29 -4.38 -8.24 -15.78
HB3 CGU A 29 -5.60 -7.93 -14.54
HG CGU A 29 -4.72 -10.01 -13.35
N VAL A 30 -4.09 -5.52 -12.88
CA VAL A 30 -4.24 -4.04 -12.94
C VAL A 30 -2.83 -3.43 -12.85
N PHE A 31 -1.90 -4.17 -12.30
CA PHE A 31 -0.51 -3.65 -12.17
C PHE A 31 0.44 -4.62 -12.87
N CGU A 32 1.58 -4.15 -13.31
CA CGU A 32 2.56 -5.06 -13.97
C CGU A 32 3.03 -6.11 -12.96
O CGU A 32 3.75 -7.03 -13.28
CB CGU A 32 3.78 -4.27 -14.43
CG CGU A 32 4.22 -4.75 -15.81
CD1 CGU A 32 3.11 -4.47 -16.83
CD2 CGU A 32 5.49 -4.01 -16.22
OE11 CGU A 32 2.58 -5.43 -17.37
OE12 CGU A 32 2.82 -3.31 -17.05
OE21 CGU A 32 6.25 -3.63 -15.34
OE22 CGU A 32 5.68 -3.81 -17.41
H CGU A 32 1.80 -3.21 -13.18
HA CGU A 32 2.09 -5.55 -14.82
HB2 CGU A 32 4.58 -4.43 -13.72
HB3 CGU A 32 3.53 -3.21 -14.47
HG CGU A 32 4.42 -5.81 -15.78
N ASP A 33 2.63 -5.94 -11.73
CA ASP A 33 3.03 -6.85 -10.64
C ASP A 33 3.09 -8.31 -11.13
N ALA A 34 4.21 -8.73 -11.64
CA ALA A 34 4.34 -10.14 -12.11
C ALA A 34 4.62 -11.04 -10.90
N CGU A 35 5.64 -10.73 -10.15
CA CGU A 35 5.97 -11.53 -8.92
C CGU A 35 5.06 -11.03 -7.82
O CGU A 35 4.56 -11.80 -7.03
CB CGU A 35 7.43 -11.32 -8.52
CG CGU A 35 8.33 -11.98 -9.57
CD1 CGU A 35 9.76 -11.46 -9.43
CD2 CGU A 35 8.32 -13.50 -9.36
OE11 CGU A 35 10.66 -12.27 -9.34
OE12 CGU A 35 9.92 -10.25 -9.43
OE21 CGU A 35 8.17 -14.21 -10.33
OE22 CGU A 35 8.48 -13.92 -8.22
H CGU A 35 6.18 -9.95 -10.37
HA CGU A 35 5.77 -12.58 -9.09
HB2 CGU A 35 7.60 -11.77 -7.57
HB3 CGU A 35 7.65 -10.27 -8.49
HG CGU A 35 7.96 -11.76 -10.56
N GLN A 36 4.79 -9.75 -7.79
CA GLN A 36 3.87 -9.26 -6.74
C GLN A 36 2.64 -10.14 -6.84
N THR A 37 2.34 -10.66 -8.00
CA THR A 37 1.16 -11.58 -8.07
C THR A 37 1.21 -12.45 -6.83
N ASP A 38 2.25 -13.18 -6.67
CA ASP A 38 2.41 -14.02 -5.46
C ASP A 38 2.94 -13.15 -4.30
N CGU A 39 4.16 -12.65 -4.40
CA CGU A 39 4.73 -11.80 -3.31
C CGU A 39 3.61 -10.91 -2.74
O CGU A 39 3.27 -10.99 -1.59
CB CGU A 39 5.84 -10.91 -3.87
CG CGU A 39 7.15 -11.20 -3.14
CD1 CGU A 39 8.30 -11.20 -4.15
CD2 CGU A 39 7.40 -10.14 -2.09
OE11 CGU A 39 8.99 -10.20 -4.23
OE12 CGU A 39 8.48 -12.21 -4.82
OE21 CGU A 39 8.10 -10.42 -1.12
OE22 CGU A 39 6.89 -9.04 -2.24
H CGU A 39 4.69 -12.82 -5.21
HA CGU A 39 5.12 -12.42 -2.52
HB2 CGU A 39 5.59 -9.88 -3.74
HB3 CGU A 39 5.97 -11.11 -4.93
HG CGU A 39 7.09 -12.18 -2.67
N PHE A 40 3.04 -10.09 -3.58
CA PHE A 40 1.91 -9.23 -3.15
C PHE A 40 1.01 -10.07 -2.25
N TRP A 41 0.52 -11.17 -2.77
CA TRP A 41 -0.32 -12.08 -1.96
C TRP A 41 0.63 -12.95 -1.10
N SER A 42 0.13 -13.95 -0.43
CA SER A 42 1.03 -14.82 0.40
C SER A 42 2.04 -13.94 1.15
N LYS A 43 1.66 -13.49 2.33
CA LYS A 43 2.50 -12.61 3.20
C LYS A 43 1.80 -11.26 3.31
N TYR A 44 0.62 -11.17 2.77
CA TYR A 44 -0.14 -9.91 2.84
C TYR A 44 -0.81 -9.84 4.20
N LYS A 45 -2.05 -10.26 4.29
CA LYS A 45 -2.79 -10.24 5.61
C LYS A 45 -2.05 -9.41 6.66
N ASP A 46 -1.75 -8.18 6.36
CA ASP A 46 -0.99 -7.32 7.32
C ASP A 46 -1.52 -5.88 7.22
N GLY A 47 -2.67 -5.71 6.63
CA GLY A 47 -3.18 -4.32 6.46
C GLY A 47 -2.40 -3.67 5.32
N ASP A 48 -1.50 -4.41 4.71
CA ASP A 48 -0.66 -3.87 3.59
C ASP A 48 0.59 -3.26 4.20
N GLN A 49 0.79 -3.43 5.49
CA GLN A 49 2.00 -2.88 6.14
C GLN A 49 1.95 -1.36 6.27
N CYS A 50 1.19 -0.69 5.45
CA CYS A 50 1.11 0.78 5.60
C CYS A 50 -0.10 1.10 6.48
N GLU A 51 -1.02 0.18 6.59
CA GLU A 51 -2.21 0.43 7.45
C GLU A 51 -1.71 0.76 8.87
N GLY A 52 -2.32 1.70 9.54
CA GLY A 52 -1.87 2.05 10.91
C GLY A 52 -1.03 3.33 10.86
N HIS A 53 -0.62 3.73 9.69
CA HIS A 53 0.20 4.97 9.57
C HIS A 53 1.56 4.77 10.23
N PRO A 54 2.32 3.85 9.70
CA PRO A 54 3.67 3.53 10.22
C PRO A 54 4.57 4.76 10.13
N CYS A 55 4.46 5.51 9.07
CA CYS A 55 5.30 6.72 8.91
C CYS A 55 4.73 7.86 9.75
N LEU A 56 5.51 8.88 10.02
CA LEU A 56 5.00 10.00 10.86
C LEU A 56 5.60 11.33 10.39
N ASN A 57 5.32 12.37 11.13
CA ASN A 57 5.84 13.71 10.78
C ASN A 57 5.66 13.93 9.28
N GLN A 58 4.43 13.97 8.84
CA GLN A 58 4.17 14.23 7.41
C GLN A 58 5.00 13.29 6.54
N GLY A 59 5.27 12.12 7.02
CA GLY A 59 6.07 11.15 6.21
C GLY A 59 5.16 10.42 5.22
N HIS A 60 5.63 10.18 4.04
CA HIS A 60 4.80 9.46 3.04
C HIS A 60 4.85 7.96 3.37
N CYS A 61 4.47 7.10 2.47
CA CYS A 61 4.52 5.64 2.80
C CYS A 61 4.49 4.79 1.52
N LYS A 62 5.50 3.99 1.31
CA LYS A 62 5.53 3.11 0.11
C LYS A 62 5.31 1.66 0.60
N BHD A 63 4.12 1.15 0.42
CA BHD A 63 3.80 -0.24 0.91
CB BHD A 63 2.29 -0.35 1.10
OB BHD A 63 1.76 0.91 1.48
CG BHD A 63 1.59 -0.71 -0.22
OD1 BHD A 63 1.00 -1.77 -0.29
OD2 BHD A 63 1.66 0.09 -1.14
C BHD A 63 4.28 -1.30 -0.09
O BHD A 63 5.10 -1.06 -0.95
H BHD A 63 3.42 1.68 -0.01
HA BHD A 63 4.30 -0.39 1.86
HB BHD A 63 2.06 -1.08 1.86
HOB BHD A 63 0.80 0.84 1.48
N GLY A 64 3.75 -2.49 0.03
CA GLY A 64 4.14 -3.59 -0.89
C GLY A 64 4.46 -4.89 -0.13
N ILE A 65 3.67 -5.26 0.85
CA ILE A 65 3.93 -6.51 1.67
C ILE A 65 5.44 -6.71 1.83
N GLY A 66 5.88 -7.88 2.24
CA GLY A 66 7.35 -8.07 2.44
C GLY A 66 7.83 -6.85 3.24
N ASP A 67 6.94 -6.35 4.06
CA ASP A 67 7.19 -5.10 4.87
C ASP A 67 6.84 -3.89 4.00
N TYR A 68 7.12 -2.72 4.46
CA TYR A 68 6.77 -1.51 3.67
C TYR A 68 7.93 -0.54 3.72
N THR A 69 7.69 0.69 3.40
CA THR A 69 8.75 1.71 3.46
C THR A 69 8.08 3.03 3.81
N CYS A 70 8.82 4.01 4.20
CA CYS A 70 8.18 5.30 4.52
C CYS A 70 8.95 6.41 3.82
N THR A 71 8.74 7.63 4.19
CA THR A 71 9.48 8.75 3.54
C THR A 71 9.44 9.99 4.44
N CYS A 72 10.58 10.45 4.88
CA CYS A 72 10.60 11.65 5.77
C CYS A 72 10.88 12.90 4.92
N ALA A 73 10.22 13.99 5.21
CA ALA A 73 10.45 15.22 4.41
C ALA A 73 11.81 15.83 4.73
N GLU A 74 12.10 16.97 4.16
CA GLU A 74 13.37 17.63 4.44
C GLU A 74 13.22 18.40 5.74
N GLY A 75 13.76 17.82 6.73
CA GLY A 75 13.72 18.39 8.11
C GLY A 75 13.04 17.40 9.04
N PHE A 76 13.03 16.15 8.66
CA PHE A 76 12.36 15.13 9.49
C PHE A 76 13.40 14.13 10.00
N GLU A 77 13.06 13.31 10.97
CA GLU A 77 14.07 12.33 11.48
C GLU A 77 13.37 11.18 12.21
N GLY A 78 14.10 10.16 12.55
CA GLY A 78 13.49 9.01 13.28
C GLY A 78 13.03 7.96 12.27
N LYS A 79 12.73 6.77 12.73
CA LYS A 79 12.27 5.71 11.80
C LYS A 79 11.05 6.22 11.04
N ASN A 80 10.06 6.61 11.75
CA ASN A 80 8.82 7.13 11.11
C ASN A 80 8.91 8.66 11.00
N CYS A 81 10.09 9.18 10.86
CA CYS A 81 10.22 10.66 10.76
C CYS A 81 9.67 11.29 12.06
N GLU A 82 9.49 10.49 13.07
CA GLU A 82 8.95 10.99 14.36
C GLU A 82 9.62 12.30 14.78
N PHE A 83 10.92 12.37 14.69
CA PHE A 83 11.64 13.60 15.11
C PHE A 83 11.60 14.65 14.01
N SER A 84 10.56 15.42 13.94
CA SER A 84 10.49 16.48 12.90
C SER A 84 11.57 17.52 13.21
N THR A 85 12.73 17.41 12.62
CA THR A 85 13.82 18.37 12.90
C THR A 85 13.31 19.80 12.80
N ARG A 86 12.34 19.99 11.97
CA ARG A 86 11.77 21.35 11.80
C ARG A 86 10.24 21.26 11.73
N ALA A 1 -0.46 -16.48 -15.54
CA ALA A 1 -1.53 -16.62 -14.53
C ALA A 1 -0.91 -16.59 -13.13
N ASN A 2 -0.08 -15.63 -12.86
CA ASN A 2 0.56 -15.54 -11.51
C ASN A 2 -0.15 -14.47 -10.67
N SER A 3 -0.70 -13.47 -11.31
CA SER A 3 -1.40 -12.39 -10.56
C SER A 3 -2.37 -13.03 -9.55
N PHE A 4 -2.36 -12.56 -8.33
CA PHE A 4 -3.27 -13.13 -7.30
C PHE A 4 -4.67 -12.55 -7.45
N LEU A 5 -4.93 -11.83 -8.51
CA LEU A 5 -6.28 -11.24 -8.69
C LEU A 5 -7.33 -12.36 -8.77
N CGU A 6 -7.00 -13.42 -9.46
CA CGU A 6 -7.97 -14.56 -9.56
C CGU A 6 -8.53 -14.83 -8.16
O CGU A 6 -9.72 -14.99 -7.98
CB CGU A 6 -7.25 -15.80 -10.07
CG CGU A 6 -7.33 -15.86 -11.60
CD1 CGU A 6 -5.94 -16.06 -12.18
CD2 CGU A 6 -8.23 -17.03 -12.02
OE11 CGU A 6 -5.76 -16.99 -12.94
OE12 CGU A 6 -5.06 -15.27 -11.86
OE21 CGU A 6 -9.10 -17.39 -11.24
OE22 CGU A 6 -8.03 -17.54 -13.10
H CGU A 6 -6.12 -13.49 -9.88
HA CGU A 6 -8.77 -14.30 -10.23
HB2 CGU A 6 -7.71 -16.69 -9.65
HB3 CGU A 6 -6.21 -15.78 -9.76
HG CGU A 6 -7.75 -14.94 -11.96
N CGU A 7 -7.68 -14.84 -7.18
CA CGU A 7 -8.14 -15.08 -5.78
C CGU A 7 -7.97 -13.78 -5.00
O CGU A 7 -7.28 -13.72 -4.00
CB CGU A 7 -7.30 -16.18 -5.14
CG CGU A 7 -8.21 -17.17 -4.43
CD1 CGU A 7 -7.93 -18.59 -4.95
CD2 CGU A 7 -7.96 -17.13 -2.92
OE11 CGU A 7 -7.47 -18.70 -6.07
OE12 CGU A 7 -8.18 -19.53 -4.21
OE21 CGU A 7 -7.77 -18.19 -2.34
OE22 CGU A 7 -7.95 -16.04 -2.37
H CGU A 7 -6.73 -14.69 -7.36
HA CGU A 7 -9.19 -15.37 -5.79
HB2 CGU A 7 -6.62 -15.74 -4.41
HB3 CGU A 7 -6.74 -16.69 -5.90
HG CGU A 7 -9.24 -16.93 -4.63
N VAL A 8 -8.57 -12.71 -5.47
CA VAL A 8 -8.44 -11.40 -4.79
C VAL A 8 -8.48 -11.60 -3.29
N LYS A 9 -7.33 -11.61 -2.71
CA LYS A 9 -7.22 -11.80 -1.23
C LYS A 9 -8.17 -10.82 -0.53
N GLN A 10 -8.59 -9.78 -1.21
CA GLN A 10 -9.51 -8.76 -0.61
C GLN A 10 -8.70 -7.66 0.06
N GLY A 11 -7.85 -7.00 -0.68
CA GLY A 11 -7.03 -5.91 -0.09
C GLY A 11 -6.90 -4.76 -1.10
N ASN A 12 -7.76 -4.72 -2.08
CA ASN A 12 -7.68 -3.62 -3.09
C ASN A 12 -8.52 -2.44 -2.62
N LEU A 13 -8.30 -1.99 -1.42
CA LEU A 13 -9.06 -0.85 -0.87
C LEU A 13 -8.09 0.24 -0.39
N CGU A 14 -6.83 0.06 -0.69
CA CGU A 14 -5.82 1.06 -0.28
C CGU A 14 -4.63 0.90 -1.20
O CGU A 14 -4.34 1.75 -2.02
CB CGU A 14 -5.39 0.80 1.18
CG CGU A 14 -5.51 2.10 1.99
CD1 CGU A 14 -6.99 2.43 2.20
CD2 CGU A 14 -4.83 1.92 3.35
OE11 CGU A 14 -7.62 1.74 2.99
OE12 CGU A 14 -7.47 3.35 1.58
OE21 CGU A 14 -3.75 2.44 3.51
OE22 CGU A 14 -5.40 1.25 4.19
H CGU A 14 -6.56 -0.73 -1.19
HA CGU A 14 -6.22 2.05 -0.37
HB2 CGU A 14 -4.37 0.46 1.19
HB3 CGU A 14 -6.03 0.04 1.61
HG CGU A 14 -5.04 2.90 1.44
N ARG A 15 -3.95 -0.22 -1.12
CA ARG A 15 -2.84 -0.45 -2.03
C ARG A 15 -3.45 -0.95 -3.31
N CGU A 16 -3.59 -0.09 -4.26
CA CGU A 16 -4.16 -0.48 -5.57
C CGU A 16 -3.37 -1.67 -6.14
O CGU A 16 -3.67 -2.15 -7.21
CB CGU A 16 -4.07 0.76 -6.50
CG CGU A 16 -3.11 0.53 -7.68
CD1 CGU A 16 -3.87 -0.11 -8.85
CD2 CGU A 16 -2.55 1.89 -8.14
OE11 CGU A 16 -3.43 -1.14 -9.31
OE12 CGU A 16 -4.87 0.45 -9.26
OE21 CGU A 16 -1.65 1.87 -8.96
OE22 CGU A 16 -3.04 2.90 -7.67
H CGU A 16 -3.32 0.83 -4.10
HA CGU A 16 -5.19 -0.76 -5.44
HB2 CGU A 16 -3.72 1.60 -5.91
HB3 CGU A 16 -5.06 0.98 -6.87
HG CGU A 16 -2.30 -0.10 -7.39
N CYS A 17 -2.35 -2.12 -5.43
CA CYS A 17 -1.47 -3.26 -5.87
C CYS A 17 -0.07 -2.71 -6.08
N LEU A 18 0.01 -1.57 -6.75
CA LEU A 18 1.30 -0.85 -7.02
C LEU A 18 1.58 -0.84 -8.53
N CGU A 19 2.48 -1.67 -8.94
CA CGU A 19 2.85 -1.72 -10.38
C CGU A 19 1.97 -2.73 -11.13
O CGU A 19 0.82 -2.91 -10.81
CB CGU A 19 4.31 -2.18 -10.49
CG CGU A 19 5.16 -1.68 -9.30
CD1 CGU A 19 4.68 -0.31 -8.83
CD2 CGU A 19 5.08 -2.70 -8.15
OE11 CGU A 19 4.09 0.40 -9.63
OE12 CGU A 19 4.91 0.02 -7.68
OE21 CGU A 19 4.44 -3.71 -8.33
OE22 CGU A 19 5.66 -2.43 -7.11
H CGU A 19 2.93 -2.24 -8.32
HA CGU A 19 2.75 -0.74 -10.82
HB2 CGU A 19 4.73 -1.79 -11.41
HB3 CGU A 19 4.34 -3.27 -10.52
HG CGU A 19 6.17 -1.60 -9.62
N CGU A 20 2.52 -3.40 -12.11
CA CGU A 20 1.74 -4.40 -12.88
C CGU A 20 1.30 -5.53 -11.95
O CGU A 20 0.51 -6.37 -12.32
CB CGU A 20 2.62 -4.98 -13.99
CG CGU A 20 4.04 -5.21 -13.47
CD1 CGU A 20 4.52 -6.60 -13.89
CD2 CGU A 20 4.97 -4.15 -14.06
OE11 CGU A 20 4.62 -7.46 -13.03
OE12 CGU A 20 4.78 -6.78 -15.07
OE21 CGU A 20 5.32 -3.23 -13.34
OE22 CGU A 20 5.33 -4.27 -15.21
H CGU A 20 3.47 -3.24 -12.33
HA CGU A 20 0.87 -3.93 -13.31
HB2 CGU A 20 2.65 -4.30 -14.83
HB3 CGU A 20 2.20 -5.92 -14.31
HG CGU A 20 4.04 -5.14 -12.39
N ALA A 21 1.83 -5.55 -10.76
CA ALA A 21 1.46 -6.61 -9.77
C ALA A 21 -0.01 -6.99 -9.94
N CYS A 22 -0.79 -6.04 -10.32
CA CYS A 22 -2.24 -6.30 -10.52
C CYS A 22 -2.62 -6.02 -11.98
N SER A 23 -3.79 -6.41 -12.39
CA SER A 23 -4.21 -6.13 -13.79
C SER A 23 -4.88 -4.76 -13.85
N LEU A 24 -4.95 -4.08 -12.74
CA LEU A 24 -5.61 -2.74 -12.71
C LEU A 24 -7.13 -2.90 -12.71
N CGU A 25 -7.61 -4.11 -12.85
CA CGU A 25 -9.08 -4.33 -12.85
C CGU A 25 -9.63 -4.33 -11.42
O CGU A 25 -10.77 -3.99 -11.18
CB CGU A 25 -9.39 -5.67 -13.53
CG CGU A 25 -9.69 -5.43 -15.01
CD1 CGU A 25 -10.03 -6.77 -15.68
CD2 CGU A 25 -10.89 -4.49 -15.15
OE11 CGU A 25 -11.17 -7.20 -15.56
OE12 CGU A 25 -9.14 -7.34 -16.29
OE21 CGU A 25 -11.99 -4.89 -14.80
OE22 CGU A 25 -10.69 -3.37 -15.59
H CGU A 25 -7.01 -4.87 -12.93
HA CGU A 25 -9.55 -3.53 -13.41
HB2 CGU A 25 -10.25 -6.12 -13.05
HB3 CGU A 25 -8.54 -6.33 -13.43
HG CGU A 25 -8.83 -5.00 -15.49
N CGU A 26 -8.82 -4.72 -10.47
CA CGU A 26 -9.30 -4.77 -9.06
C CGU A 26 -9.30 -3.36 -8.45
O CGU A 26 -10.34 -2.81 -8.14
CB CGU A 26 -8.39 -5.67 -8.23
CG CGU A 26 -9.12 -6.98 -7.89
CD1 CGU A 26 -10.20 -6.69 -6.84
CD2 CGU A 26 -9.78 -7.53 -9.15
OE11 CGU A 26 -10.44 -7.57 -6.03
OE12 CGU A 26 -10.75 -5.61 -6.86
OE21 CGU A 26 -9.44 -7.08 -10.24
OE22 CGU A 26 -10.62 -8.41 -9.02
H CGU A 26 -7.91 -5.01 -10.68
HA CGU A 26 -10.31 -5.17 -9.03
HB2 CGU A 26 -8.12 -5.17 -7.31
HB3 CGU A 26 -7.50 -5.90 -8.80
HG CGU A 26 -8.42 -7.69 -7.50
N ALA A 27 -8.16 -2.76 -8.29
CA ALA A 27 -8.11 -1.39 -7.69
C ALA A 27 -8.93 -0.40 -8.53
N ARG A 28 -9.40 -0.80 -9.68
CA ARG A 28 -10.20 0.14 -10.52
C ARG A 28 -11.64 0.23 -10.05
N CGU A 29 -12.42 -0.74 -10.37
CA CGU A 29 -13.87 -0.72 -10.00
C CGU A 29 -14.09 -1.30 -8.59
O CGU A 29 -15.22 -1.42 -8.15
CB CGU A 29 -14.66 -1.55 -11.01
CG CGU A 29 -14.53 -0.91 -12.39
CD1 CGU A 29 -13.65 -1.79 -13.29
CD2 CGU A 29 -15.92 -0.77 -13.02
OE11 CGU A 29 -13.20 -2.82 -12.81
OE12 CGU A 29 -13.46 -1.42 -14.44
OE21 CGU A 29 -16.34 0.36 -13.24
OE22 CGU A 29 -16.54 -1.79 -13.28
H CGU A 29 -12.05 -1.47 -10.90
HA CGU A 29 -14.22 0.29 -10.01
HB2 CGU A 29 -15.70 -1.58 -10.72
HB3 CGU A 29 -14.27 -2.56 -11.04
HG CGU A 29 -14.07 0.07 -12.30
N VAL A 30 -13.07 -1.68 -7.88
CA VAL A 30 -13.30 -2.24 -6.52
C VAL A 30 -13.44 -1.11 -5.51
N PHE A 31 -12.79 0.00 -5.76
CA PHE A 31 -12.89 1.14 -4.80
C PHE A 31 -14.21 1.88 -4.99
N CGU A 32 -15.22 1.52 -4.25
CA CGU A 32 -16.51 2.22 -4.39
C CGU A 32 -16.28 3.70 -4.08
O CGU A 32 -17.03 4.57 -4.46
CB CGU A 32 -17.52 1.66 -3.37
CG CGU A 32 -18.79 1.23 -4.09
CD1 CGU A 32 -18.96 -0.29 -3.96
CD2 CGU A 32 -20.00 1.93 -3.48
OE11 CGU A 32 -17.95 -0.99 -3.98
OE12 CGU A 32 -20.08 -0.73 -3.84
OE21 CGU A 32 -20.34 3.00 -3.96
OE22 CGU A 32 -20.56 1.39 -2.53
H CGU A 32 -15.11 0.79 -3.60
HA CGU A 32 -16.89 2.11 -5.38
HB2 CGU A 32 -17.76 2.42 -2.64
HB3 CGU A 32 -17.07 0.81 -2.87
HG CGU A 32 -18.71 1.49 -5.14
N ASP A 33 -15.20 3.98 -3.40
CA ASP A 33 -14.86 5.39 -3.04
C ASP A 33 -15.11 6.31 -4.22
N ALA A 34 -16.01 7.25 -4.05
CA ALA A 34 -16.29 8.22 -5.14
C ALA A 34 -15.17 9.25 -5.14
N CGU A 35 -14.62 9.51 -3.98
CA CGU A 35 -13.50 10.47 -3.89
C CGU A 35 -12.23 9.72 -4.28
O CGU A 35 -11.57 10.07 -5.23
CB CGU A 35 -13.39 11.00 -2.46
CG CGU A 35 -14.67 11.76 -2.10
CD1 CGU A 35 -15.55 10.87 -1.22
CD2 CGU A 35 -14.30 13.04 -1.35
OE11 CGU A 35 -16.63 11.33 -0.86
OE12 CGU A 35 -15.14 9.77 -0.92
OE21 CGU A 35 -13.24 13.57 -1.61
OE22 CGU A 35 -15.10 13.47 -0.52
H CGU A 35 -14.94 9.04 -3.18
HA CGU A 35 -13.65 11.29 -4.59
HB2 CGU A 35 -12.54 11.67 -2.39
HB3 CGU A 35 -13.25 10.17 -1.78
HG CGU A 35 -15.20 12.01 -3.01
N GLN A 36 -11.90 8.67 -3.57
CA GLN A 36 -10.68 7.92 -3.96
C GLN A 36 -10.75 7.63 -5.44
N THR A 37 -11.93 7.36 -5.98
CA THR A 37 -11.98 7.11 -7.45
C THR A 37 -11.05 8.12 -8.12
N ASP A 38 -11.29 9.38 -7.92
CA ASP A 38 -10.39 10.43 -8.51
C ASP A 38 -9.17 10.60 -7.59
N CGU A 39 -9.35 11.11 -6.39
CA CGU A 39 -8.19 11.29 -5.44
C CGU A 39 -7.23 10.14 -5.62
O CGU A 39 -6.09 10.32 -6.00
CB CGU A 39 -8.72 11.29 -4.00
CG CGU A 39 -8.05 12.41 -3.20
CD1 CGU A 39 -9.12 13.32 -2.58
CD2 CGU A 39 -7.19 11.80 -2.09
OE11 CGU A 39 -9.30 14.41 -3.09
OE12 CGU A 39 -9.72 12.90 -1.61
OE21 CGU A 39 -6.98 12.48 -1.09
OE22 CGU A 39 -6.77 10.67 -2.25
H CGU A 39 -10.25 11.37 -6.11
HA CGU A 39 -7.68 12.22 -5.64
HB2 CGU A 39 -8.49 10.34 -3.53
HB3 CGU A 39 -9.80 11.44 -4.00
HG CGU A 39 -7.42 13.00 -3.86
N PHE A 40 -7.69 8.95 -5.36
CA PHE A 40 -6.80 7.76 -5.54
C PHE A 40 -6.06 7.94 -6.85
N TRP A 41 -6.74 8.15 -7.94
CA TRP A 41 -6.06 8.39 -9.22
C TRP A 41 -5.56 9.84 -9.26
N SER A 42 -4.92 10.23 -10.33
CA SER A 42 -4.42 11.64 -10.46
C SER A 42 -3.94 12.14 -9.10
N LYS A 43 -2.65 11.98 -8.87
CA LYS A 43 -2.01 12.39 -7.58
C LYS A 43 -1.34 11.14 -7.02
N TYR A 44 -1.96 10.03 -7.26
CA TYR A 44 -1.40 8.73 -6.78
C TYR A 44 0.03 8.61 -7.28
N LYS A 45 0.20 8.34 -8.56
CA LYS A 45 1.57 8.20 -9.17
C LYS A 45 2.67 8.43 -8.14
N ASP A 46 2.81 7.53 -7.20
CA ASP A 46 3.84 7.70 -6.14
C ASP A 46 4.12 6.36 -5.49
N GLY A 47 3.95 5.29 -6.23
CA GLY A 47 4.19 3.95 -5.60
C GLY A 47 3.12 3.70 -4.54
N ASP A 48 2.10 4.53 -4.53
CA ASP A 48 0.99 4.37 -3.53
C ASP A 48 1.50 4.79 -2.15
N GLN A 49 2.55 5.56 -2.10
CA GLN A 49 3.10 6.04 -0.79
C GLN A 49 3.77 4.91 0.00
N CYS A 50 3.62 3.67 -0.39
CA CYS A 50 4.27 2.58 0.38
C CYS A 50 5.35 1.91 -0.49
N GLU A 51 5.40 2.21 -1.76
CA GLU A 51 6.43 1.58 -2.62
C GLU A 51 7.81 1.99 -2.11
N GLY A 52 8.81 1.17 -2.33
CA GLY A 52 10.18 1.52 -1.86
C GLY A 52 10.43 0.92 -0.49
N HIS A 53 9.41 0.45 0.18
CA HIS A 53 9.62 -0.15 1.53
C HIS A 53 10.00 0.97 2.52
N PRO A 54 9.07 1.85 2.75
CA PRO A 54 9.28 2.99 3.67
C PRO A 54 9.58 2.53 5.10
N CYS A 55 8.92 1.50 5.55
CA CYS A 55 9.17 1.02 6.94
C CYS A 55 10.38 0.08 6.96
N LEU A 56 10.79 -0.34 8.13
CA LEU A 56 11.95 -1.26 8.24
C LEU A 56 11.74 -2.19 9.43
N ASN A 57 12.74 -2.95 9.78
CA ASN A 57 12.62 -3.88 10.94
C ASN A 57 11.33 -4.68 10.83
N GLN A 58 11.16 -5.39 9.75
CA GLN A 58 9.94 -6.22 9.60
C GLN A 58 8.73 -5.41 10.04
N GLY A 59 8.78 -4.13 9.80
CA GLY A 59 7.65 -3.23 10.21
C GLY A 59 6.54 -3.27 9.15
N HIS A 60 5.32 -3.01 9.57
CA HIS A 60 4.20 -3.00 8.58
C HIS A 60 4.23 -1.67 7.84
N CYS A 61 3.52 -1.57 6.74
CA CYS A 61 3.54 -0.30 5.97
C CYS A 61 2.12 0.10 5.58
N LYS A 62 1.61 1.16 6.13
CA LYS A 62 0.26 1.62 5.74
C LYS A 62 0.43 2.41 4.43
N BHD A 63 -0.63 2.87 3.83
CA BHD A 63 -0.44 3.62 2.56
CB BHD A 63 -0.45 2.63 1.41
OB BHD A 63 0.45 1.57 1.66
CG BHD A 63 -1.84 2.00 1.27
OD1 BHD A 63 -2.60 2.48 0.44
OD2 BHD A 63 -2.11 1.05 1.99
C BHD A 63 -1.53 4.67 2.35
O BHD A 63 -2.31 4.98 3.23
H BHD A 63 -1.53 2.74 4.19
HA BHD A 63 0.52 4.11 2.59
HB BHD A 63 -0.18 3.15 0.50
HOB BHD A 63 0.09 1.02 2.35
N GLY A 64 -1.56 5.22 1.18
CA GLY A 64 -2.55 6.27 0.84
C GLY A 64 -1.95 7.14 -0.27
N ILE A 65 -2.61 8.19 -0.67
CA ILE A 65 -2.01 9.04 -1.74
C ILE A 65 -1.24 10.20 -1.12
N GLY A 66 -1.91 11.12 -0.48
CA GLY A 66 -1.20 12.27 0.15
C GLY A 66 0.05 11.75 0.86
N ASP A 67 0.03 10.51 1.28
CA ASP A 67 1.23 9.94 1.97
C ASP A 67 0.90 8.52 2.47
N TYR A 68 1.50 8.11 3.55
CA TYR A 68 1.26 6.74 4.08
C TYR A 68 1.69 6.71 5.55
N THR A 69 1.83 5.54 6.09
CA THR A 69 2.26 5.41 7.50
C THR A 69 3.07 4.13 7.61
N CYS A 70 3.58 3.82 8.76
CA CYS A 70 4.34 2.57 8.90
C CYS A 70 4.00 1.95 10.26
N THR A 71 4.71 0.94 10.63
CA THR A 71 4.45 0.29 11.95
C THR A 71 5.68 -0.52 12.37
N CYS A 72 6.00 -0.51 13.64
CA CYS A 72 7.19 -1.28 14.10
C CYS A 72 6.72 -2.53 14.84
N ALA A 73 7.36 -3.64 14.64
CA ALA A 73 6.95 -4.89 15.34
C ALA A 73 7.32 -4.79 16.81
N GLU A 74 6.94 -5.76 17.59
CA GLU A 74 7.29 -5.76 19.00
C GLU A 74 8.71 -6.24 19.13
N GLY A 75 9.56 -5.32 19.31
CA GLY A 75 11.01 -5.61 19.44
C GLY A 75 11.81 -4.71 18.53
N PHE A 76 11.19 -3.74 17.91
CA PHE A 76 11.94 -2.87 17.00
C PHE A 76 11.66 -1.40 17.31
N GLU A 77 12.41 -0.50 16.73
CA GLU A 77 12.19 0.95 17.04
C GLU A 77 12.81 1.81 15.94
N GLY A 78 12.61 3.10 16.00
CA GLY A 78 13.20 4.00 14.96
C GLY A 78 12.10 4.60 14.09
N LYS A 79 12.44 5.58 13.29
CA LYS A 79 11.42 6.20 12.41
C LYS A 79 10.78 5.11 11.56
N ASN A 80 11.61 4.41 10.86
CA ASN A 80 11.12 3.29 10.01
C ASN A 80 11.36 2.01 10.78
N CYS A 81 11.40 2.08 12.08
CA CYS A 81 11.71 0.85 12.84
C CYS A 81 13.04 0.35 12.30
N GLU A 82 14.11 1.05 12.60
CA GLU A 82 15.43 0.68 12.05
C GLU A 82 16.31 0.08 13.15
N PHE A 83 16.13 0.51 14.38
CA PHE A 83 16.96 -0.05 15.49
C PHE A 83 16.32 -1.32 16.04
N SER A 84 16.53 -2.42 15.40
CA SER A 84 15.94 -3.70 15.92
C SER A 84 16.39 -3.88 17.36
N THR A 85 15.50 -3.73 18.31
CA THR A 85 15.90 -3.90 19.74
C THR A 85 15.83 -5.36 20.14
N ARG A 86 15.23 -6.16 19.31
CA ARG A 86 15.10 -7.61 19.62
C ARG A 86 16.49 -8.19 19.91
N ALA A 1 -14.25 -14.22 -22.37
CA ALA A 1 -13.07 -14.05 -23.25
C ALA A 1 -11.79 -14.23 -22.44
N ASN A 2 -11.30 -13.19 -21.82
CA ASN A 2 -10.06 -13.31 -21.01
C ASN A 2 -9.99 -12.14 -20.02
N SER A 3 -9.67 -12.43 -18.78
CA SER A 3 -9.59 -11.33 -17.78
C SER A 3 -8.65 -11.75 -16.64
N PHE A 4 -7.89 -10.82 -16.13
CA PHE A 4 -6.95 -11.15 -15.02
C PHE A 4 -7.76 -11.41 -13.74
N LEU A 5 -8.97 -10.93 -13.67
CA LEU A 5 -9.79 -11.15 -12.45
C LEU A 5 -10.39 -12.56 -12.48
N CGU A 6 -10.11 -13.32 -13.51
CA CGU A 6 -10.66 -14.70 -13.57
C CGU A 6 -9.83 -15.61 -12.67
O CGU A 6 -10.33 -16.56 -12.10
CB CGU A 6 -10.59 -15.21 -15.01
CG CGU A 6 -11.97 -15.06 -15.67
CD1 CGU A 6 -11.83 -15.24 -17.18
CD2 CGU A 6 -12.91 -16.13 -15.11
OE11 CGU A 6 -12.85 -15.26 -17.85
OE12 CGU A 6 -10.72 -15.35 -17.65
OE21 CGU A 6 -12.56 -17.29 -15.17
OE22 CGU A 6 -13.98 -15.76 -14.63
H CGU A 6 -9.53 -12.98 -14.22
HA CGU A 6 -11.69 -14.69 -13.24
HB2 CGU A 6 -10.31 -16.24 -15.03
HB3 CGU A 6 -9.87 -14.62 -15.57
HG CGU A 6 -12.37 -14.08 -15.46
N CGU A 7 -8.58 -15.32 -12.52
CA CGU A 7 -7.70 -16.14 -11.65
C CGU A 7 -7.36 -15.33 -10.40
O CGU A 7 -6.26 -15.40 -9.87
CB CGU A 7 -6.41 -16.50 -12.39
CG CGU A 7 -5.47 -17.26 -11.46
CD1 CGU A 7 -5.09 -18.60 -12.09
CD2 CGU A 7 -4.21 -16.43 -11.24
OE11 CGU A 7 -4.94 -18.64 -13.30
OE12 CGU A 7 -4.97 -19.56 -11.35
OE21 CGU A 7 -3.58 -16.06 -12.22
OE22 CGU A 7 -3.88 -16.18 -10.09
H CGU A 7 -8.20 -14.53 -12.98
HA CGU A 7 -8.22 -17.05 -11.36
HB2 CGU A 7 -5.93 -15.60 -12.74
HB3 CGU A 7 -6.65 -17.12 -13.24
HG CGU A 7 -5.96 -17.44 -10.51
N VAL A 8 -8.29 -14.55 -9.92
CA VAL A 8 -8.05 -13.71 -8.72
C VAL A 8 -7.25 -14.49 -7.70
N LYS A 9 -5.98 -14.28 -7.71
CA LYS A 9 -5.10 -14.97 -6.73
C LYS A 9 -5.72 -14.81 -5.34
N GLN A 10 -6.33 -13.68 -5.11
CA GLN A 10 -6.99 -13.41 -3.79
C GLN A 10 -6.98 -11.90 -3.55
N GLY A 11 -6.02 -11.20 -4.11
CA GLY A 11 -5.95 -9.72 -3.90
C GLY A 11 -5.34 -9.43 -2.54
N ASN A 12 -4.62 -8.36 -2.41
CA ASN A 12 -3.99 -8.03 -1.09
C ASN A 12 -4.79 -6.91 -0.41
N LEU A 13 -4.26 -6.35 0.65
CA LEU A 13 -5.02 -5.28 1.35
C LEU A 13 -4.91 -3.97 0.58
N CGU A 14 -4.05 -3.89 -0.40
CA CGU A 14 -3.89 -2.64 -1.21
C CGU A 14 -2.42 -2.42 -1.56
O CGU A 14 -2.09 -1.84 -2.58
CB CGU A 14 -4.37 -1.40 -0.44
CG CGU A 14 -3.72 -1.34 0.95
CD1 CGU A 14 -2.59 -0.30 0.94
CD2 CGU A 14 -4.76 -0.94 2.00
OE11 CGU A 14 -2.56 0.50 0.02
OE12 CGU A 14 -1.80 -0.31 1.87
OE21 CGU A 14 -4.67 -1.45 3.10
OE22 CGU A 14 -5.62 -0.15 1.68
H CGU A 14 -3.49 -4.68 -0.62
HA CGU A 14 -4.46 -2.73 -2.13
HB2 CGU A 14 -5.44 -1.42 -0.33
HB3 CGU A 14 -4.10 -0.50 -0.99
HG CGU A 14 -3.31 -2.31 1.18
N ARG A 15 -1.51 -2.84 -0.72
CA ARG A 15 -0.07 -2.61 -1.01
C ARG A 15 0.43 -3.54 -2.12
N CGU A 16 -0.10 -4.73 -2.22
CA CGU A 16 0.38 -5.66 -3.28
C CGU A 16 -0.23 -5.28 -4.64
O CGU A 16 0.22 -5.73 -5.67
CB CGU A 16 -0.01 -7.09 -2.94
CG CGU A 16 0.97 -8.07 -3.58
CD1 CGU A 16 1.82 -8.73 -2.50
CD2 CGU A 16 0.19 -9.14 -4.35
OE11 CGU A 16 2.96 -9.06 -2.79
OE12 CGU A 16 1.32 -8.90 -1.40
OE21 CGU A 16 0.33 -10.31 -4.01
OE22 CGU A 16 -0.54 -8.79 -5.26
H CGU A 16 -0.79 -5.02 -1.59
HA CGU A 16 1.46 -5.60 -3.35
HB2 CGU A 16 -1.01 -7.29 -3.31
HB3 CGU A 16 0.00 -7.22 -1.86
HG CGU A 16 1.61 -7.53 -4.26
N CYS A 17 -1.25 -4.48 -4.65
CA CYS A 17 -1.86 -4.11 -5.96
C CYS A 17 -1.45 -2.69 -6.36
N LEU A 18 -0.52 -2.10 -5.68
CA LEU A 18 -0.09 -0.73 -6.06
C LEU A 18 0.49 -0.77 -7.48
N CGU A 19 0.77 -1.95 -7.94
CA CGU A 19 1.32 -2.12 -9.31
C CGU A 19 0.23 -2.73 -10.20
O CGU A 19 -0.94 -2.44 -10.06
CB CGU A 19 2.51 -3.07 -9.24
CG CGU A 19 3.32 -2.79 -7.97
CD1 CGU A 19 3.09 -3.91 -6.96
CD2 CGU A 19 4.81 -2.71 -8.32
OE11 CGU A 19 4.00 -4.70 -6.76
OE12 CGU A 19 2.02 -3.96 -6.40
OE21 CGU A 19 5.36 -1.63 -8.27
OE22 CGU A 19 5.37 -3.74 -8.64
H CGU A 19 0.62 -2.74 -7.39
HA CGU A 19 1.63 -1.17 -9.70
HB2 CGU A 19 3.14 -2.92 -10.10
HB3 CGU A 19 2.16 -4.10 -9.23
HG CGU A 19 3.00 -1.85 -7.55
N CGU A 20 0.60 -3.57 -11.13
CA CGU A 20 -0.42 -4.19 -12.03
C CGU A 20 -1.10 -5.35 -11.30
O CGU A 20 -1.94 -6.03 -11.86
CB CGU A 20 0.25 -4.70 -13.30
CG CGU A 20 1.11 -3.59 -13.91
CD1 CGU A 20 1.58 -4.01 -15.29
CD2 CGU A 20 0.28 -2.31 -14.02
OE11 CGU A 20 2.02 -5.14 -15.43
OE12 CGU A 20 1.48 -3.20 -16.21
OE21 CGU A 20 -0.84 -2.39 -14.51
OE22 CGU A 20 0.77 -1.26 -13.63
H CGU A 20 1.54 -3.80 -11.23
HA CGU A 20 -1.16 -3.44 -12.28
HB2 CGU A 20 -0.50 -5.00 -14.01
HB3 CGU A 20 0.88 -5.55 -13.06
HG CGU A 20 1.97 -3.40 -13.28
N ALA A 21 -0.75 -5.61 -10.07
CA ALA A 21 -1.37 -6.74 -9.33
C ALA A 21 -2.89 -6.63 -9.40
N CYS A 22 -3.41 -5.50 -9.09
CA CYS A 22 -4.89 -5.28 -9.15
C CYS A 22 -5.18 -3.87 -9.64
N SER A 23 -4.46 -2.90 -9.13
CA SER A 23 -4.68 -1.49 -9.56
C SER A 23 -6.11 -1.04 -9.25
N LEU A 24 -7.05 -1.31 -10.12
CA LEU A 24 -8.45 -0.87 -9.86
C LEU A 24 -9.40 -2.07 -9.93
N CGU A 25 -9.05 -3.06 -10.68
CA CGU A 25 -9.96 -4.25 -10.80
C CGU A 25 -9.99 -5.02 -9.47
O CGU A 25 -10.87 -4.80 -8.65
CB CGU A 25 -9.45 -5.18 -11.90
CG CGU A 25 -10.29 -4.99 -13.16
CD1 CGU A 25 -9.52 -5.48 -14.38
CD2 CGU A 25 -11.59 -5.79 -13.03
OE11 CGU A 25 -9.39 -4.72 -15.33
OE12 CGU A 25 -9.07 -6.61 -14.36
OE21 CGU A 25 -12.13 -5.85 -11.93
OE22 CGU A 25 -12.03 -6.34 -14.03
H CGU A 25 -8.22 -3.04 -11.18
HA CGU A 25 -10.96 -3.92 -11.05
HB2 CGU A 25 -9.51 -6.20 -11.57
HB3 CGU A 25 -8.41 -4.94 -12.12
HG CGU A 25 -10.53 -3.94 -13.28
N CGU A 26 -9.07 -5.92 -9.27
CA CGU A 26 -9.06 -6.72 -8.01
C CGU A 26 -8.95 -5.82 -6.77
O CGU A 26 -9.22 -6.25 -5.68
CB CGU A 26 -7.88 -7.70 -8.05
CG CGU A 26 -8.39 -9.12 -7.91
CD1 CGU A 26 -7.36 -10.10 -8.48
CD2 CGU A 26 -8.62 -9.43 -6.43
OE11 CGU A 26 -7.63 -10.68 -9.52
OE12 CGU A 26 -6.31 -10.25 -7.87
OE21 CGU A 26 -9.14 -8.58 -5.74
OE22 CGU A 26 -8.28 -10.53 -6.02
H CGU A 26 -8.40 -6.08 -9.96
HA CGU A 26 -9.97 -7.29 -7.95
HB2 CGU A 26 -7.21 -7.48 -7.24
HB3 CGU A 26 -7.36 -7.59 -8.99
HG CGU A 26 -9.32 -9.23 -8.45
N ALA A 27 -8.55 -4.58 -6.93
CA ALA A 27 -8.42 -3.69 -5.73
C ALA A 27 -9.80 -3.16 -5.34
N ARG A 28 -10.84 -3.64 -5.94
CA ARG A 28 -12.21 -3.16 -5.59
C ARG A 28 -13.00 -4.23 -4.86
N CGU A 29 -13.13 -5.35 -5.49
CA CGU A 29 -13.89 -6.47 -4.89
C CGU A 29 -13.13 -7.07 -3.70
O CGU A 29 -13.70 -7.76 -2.88
CB CGU A 29 -14.11 -7.56 -5.95
CG CGU A 29 -15.45 -7.31 -6.66
CD1 CGU A 29 -15.48 -8.08 -7.98
CD2 CGU A 29 -16.60 -7.77 -5.78
OE11 CGU A 29 -14.48 -8.05 -8.69
OE12 CGU A 29 -16.50 -8.69 -8.27
OE21 CGU A 29 -16.81 -8.97 -5.67
OE22 CGU A 29 -17.27 -6.92 -5.21
H CGU A 29 -12.73 -5.44 -6.37
HA CGU A 29 -14.85 -6.11 -4.55
HB2 CGU A 29 -14.15 -8.52 -5.47
HB3 CGU A 29 -13.31 -7.54 -6.66
HG CGU A 29 -15.54 -6.25 -6.87
N VAL A 30 -11.85 -6.82 -3.59
CA VAL A 30 -11.09 -7.37 -2.44
C VAL A 30 -11.26 -6.45 -1.23
N PHE A 31 -11.88 -5.31 -1.41
CA PHE A 31 -12.05 -4.38 -0.27
C PHE A 31 -13.51 -4.29 0.15
N CGU A 32 -13.82 -4.75 1.33
CA CGU A 32 -15.21 -4.62 1.84
C CGU A 32 -15.40 -3.16 2.25
O CGU A 32 -16.48 -2.73 2.62
CB CGU A 32 -15.40 -5.52 3.05
CG CGU A 32 -16.62 -6.41 2.85
CD1 CGU A 32 -16.16 -7.86 2.69
CD2 CGU A 32 -17.53 -6.30 4.07
OE11 CGU A 32 -15.79 -8.23 1.59
OE12 CGU A 32 -16.18 -8.59 3.67
OE21 CGU A 32 -17.70 -5.20 4.57
OE22 CGU A 32 -18.05 -7.33 4.49
H CGU A 32 -13.12 -5.14 1.90
HA CGU A 32 -15.92 -4.88 1.06
HB2 CGU A 32 -15.55 -4.89 3.93
HB3 CGU A 32 -14.52 -6.13 3.19
HG CGU A 32 -17.15 -6.10 1.97
N ASP A 33 -14.33 -2.40 2.22
CA ASP A 33 -14.40 -0.97 2.63
C ASP A 33 -15.37 -0.20 1.75
N ALA A 34 -16.45 0.28 2.32
CA ALA A 34 -17.40 1.08 1.53
C ALA A 34 -16.79 2.47 1.40
N CGU A 35 -15.99 2.82 2.37
CA CGU A 35 -15.31 4.14 2.34
C CGU A 35 -14.07 4.01 1.45
O CGU A 35 -13.93 4.71 0.49
CB CGU A 35 -14.90 4.54 3.76
CG CGU A 35 -16.06 4.26 4.71
CD1 CGU A 35 -15.70 3.11 5.64
CD2 CGU A 35 -16.35 5.51 5.55
OE11 CGU A 35 -16.60 2.52 6.22
OE12 CGU A 35 -14.52 2.82 5.77
OE21 CGU A 35 -16.15 5.46 6.75
OE22 CGU A 35 -16.77 6.51 4.96
H CGU A 35 -15.83 2.21 3.12
HA CGU A 35 -15.96 4.89 1.91
HB2 CGU A 35 -14.66 5.59 3.77
HB3 CGU A 35 -14.04 3.96 4.07
HG CGU A 35 -16.95 4.00 4.14
N GLN A 36 -13.17 3.10 1.76
CA GLN A 36 -11.98 2.98 0.88
C GLN A 36 -12.48 2.77 -0.54
N THR A 37 -13.58 2.07 -0.72
CA THR A 37 -14.06 1.90 -2.13
C THR A 37 -13.89 3.27 -2.81
N ASP A 38 -14.53 4.28 -2.30
CA ASP A 38 -14.35 5.64 -2.85
C ASP A 38 -13.06 6.25 -2.28
N CGU A 39 -13.05 6.61 -1.01
CA CGU A 39 -11.81 7.19 -0.37
C CGU A 39 -10.57 6.68 -1.07
O CGU A 39 -9.83 7.44 -1.67
CB CGU A 39 -11.75 6.78 1.10
CG CGU A 39 -11.27 7.97 1.94
CD1 CGU A 39 -12.46 8.80 2.39
CD2 CGU A 39 -10.53 7.44 3.18
OE11 CGU A 39 -13.57 8.51 1.96
OE12 CGU A 39 -12.26 9.73 3.17
OE21 CGU A 39 -10.32 6.23 3.25
OE22 CGU A 39 -10.18 8.24 4.02
H CGU A 39 -13.85 6.49 -0.46
HA CGU A 39 -11.82 8.27 -0.44
HB2 CGU A 39 -11.07 5.96 1.22
HB3 CGU A 39 -12.74 6.49 1.43
HG CGU A 39 -10.60 8.57 1.36
N PHE A 40 -10.35 5.41 -1.03
CA PHE A 40 -9.18 4.82 -1.74
C PHE A 40 -9.07 5.52 -3.10
N TRP A 41 -10.10 5.41 -3.89
CA TRP A 41 -10.14 6.13 -5.20
C TRP A 41 -10.57 7.58 -4.96
N SER A 42 -10.72 8.35 -6.02
CA SER A 42 -11.19 9.76 -5.91
C SER A 42 -10.12 10.66 -5.33
N LYS A 43 -9.88 10.51 -4.09
CA LYS A 43 -8.85 11.36 -3.43
C LYS A 43 -7.51 10.68 -3.58
N TYR A 44 -7.39 9.77 -4.52
CA TYR A 44 -6.11 9.07 -4.72
C TYR A 44 -5.15 9.93 -5.55
N LYS A 45 -5.23 11.23 -5.42
CA LYS A 45 -4.31 12.12 -6.19
C LYS A 45 -3.07 12.37 -5.33
N ASP A 46 -2.84 11.53 -4.37
CA ASP A 46 -1.64 11.71 -3.49
C ASP A 46 -0.58 10.68 -3.88
N GLY A 47 -0.83 9.92 -4.91
CA GLY A 47 0.17 8.90 -5.34
C GLY A 47 -0.14 7.57 -4.66
N ASP A 48 0.11 7.48 -3.39
CA ASP A 48 -0.17 6.22 -2.64
C ASP A 48 0.66 6.21 -1.35
N GLN A 49 0.81 7.33 -0.73
CA GLN A 49 1.59 7.38 0.54
C GLN A 49 2.96 6.71 0.35
N CYS A 50 3.03 5.42 0.52
CA CYS A 50 4.33 4.70 0.33
C CYS A 50 5.08 5.30 -0.87
N GLU A 51 4.39 5.86 -1.83
CA GLU A 51 5.11 6.44 -2.98
C GLU A 51 6.18 7.42 -2.46
N GLY A 52 7.37 7.36 -2.97
CA GLY A 52 8.43 8.30 -2.48
C GLY A 52 9.39 7.57 -1.54
N HIS A 53 9.03 6.40 -1.09
CA HIS A 53 9.93 5.64 -0.17
C HIS A 53 9.99 6.33 1.20
N PRO A 54 8.84 6.41 1.84
CA PRO A 54 8.71 7.04 3.17
C PRO A 54 9.61 6.34 4.20
N CYS A 55 9.62 5.03 4.21
CA CYS A 55 10.46 4.31 5.20
C CYS A 55 11.89 4.15 4.66
N LEU A 56 12.83 3.80 5.49
CA LEU A 56 14.24 3.66 5.01
C LEU A 56 14.98 2.61 5.82
N ASN A 57 16.25 2.49 5.57
CA ASN A 57 17.10 1.52 6.29
C ASN A 57 16.36 0.19 6.40
N GLN A 58 16.09 -0.42 5.28
CA GLN A 58 15.42 -1.74 5.29
C GLN A 58 14.13 -1.67 6.11
N GLY A 59 13.52 -0.53 6.15
CA GLY A 59 12.25 -0.40 6.92
C GLY A 59 11.08 -0.86 6.06
N HIS A 60 10.08 -1.47 6.66
CA HIS A 60 8.91 -1.92 5.85
C HIS A 60 8.03 -0.71 5.59
N CYS A 61 7.01 -0.84 4.79
CA CYS A 61 6.15 0.34 4.51
C CYS A 61 4.68 -0.06 4.45
N LYS A 62 3.94 0.28 5.47
CA LYS A 62 2.48 -0.02 5.47
C LYS A 62 1.81 1.23 4.91
N BHD A 63 0.54 1.20 4.61
CA BHD A 63 -0.10 2.45 4.07
CB BHD A 63 0.24 2.57 2.58
OB BHD A 63 -0.05 3.88 2.12
CG BHD A 63 1.74 2.38 2.36
OD1 BHD A 63 2.46 3.36 2.50
OD2 BHD A 63 2.13 1.28 2.05
C BHD A 63 -1.61 2.43 4.26
O BHD A 63 -2.12 2.00 5.27
H BHD A 63 0.00 0.39 4.74
HA BHD A 63 0.32 3.30 4.58
HB BHD A 63 -0.31 1.84 2.01
HOB BHD A 63 -0.04 3.86 1.15
N GLY A 64 -2.37 2.90 3.29
CA GLY A 64 -3.86 2.92 3.42
C GLY A 64 -4.41 4.31 3.04
N ILE A 65 -4.14 4.78 1.84
CA ILE A 65 -4.65 6.12 1.39
C ILE A 65 -4.43 7.17 2.49
N GLY A 66 -4.72 8.41 2.18
CA GLY A 66 -4.52 9.51 3.17
C GLY A 66 -3.05 9.54 3.60
N ASP A 67 -2.68 8.68 4.49
CA ASP A 67 -1.27 8.61 4.94
C ASP A 67 -0.86 7.13 5.00
N TYR A 68 0.20 6.82 5.67
CA TYR A 68 0.65 5.42 5.71
C TYR A 68 1.38 5.14 7.03
N THR A 69 2.18 4.11 7.07
CA THR A 69 2.96 3.77 8.28
C THR A 69 4.26 3.10 7.83
N CYS A 70 5.18 2.89 8.73
CA CYS A 70 6.45 2.23 8.33
C CYS A 70 6.86 1.24 9.43
N THR A 71 8.05 0.74 9.35
CA THR A 71 8.53 -0.23 10.37
C THR A 71 10.05 -0.28 10.35
N CYS A 72 10.71 -0.05 11.46
CA CYS A 72 12.19 -0.09 11.48
C CYS A 72 12.66 -1.42 12.07
N ALA A 73 13.73 -1.98 11.54
CA ALA A 73 14.23 -3.28 12.07
C ALA A 73 14.91 -3.10 13.41
N GLU A 74 15.45 -4.15 13.95
CA GLU A 74 16.16 -4.08 15.22
C GLU A 74 17.55 -3.56 14.94
N GLY A 75 17.71 -2.34 15.24
CA GLY A 75 19.01 -1.64 15.02
C GLY A 75 18.78 -0.46 14.09
N PHE A 76 17.57 -0.01 14.00
CA PHE A 76 17.27 1.12 13.09
C PHE A 76 16.72 2.30 13.90
N GLU A 77 16.70 3.47 13.33
CA GLU A 77 16.18 4.65 14.09
C GLU A 77 15.71 5.75 13.12
N GLY A 78 15.13 6.79 13.64
CA GLY A 78 14.66 7.89 12.76
C GLY A 78 13.21 7.64 12.35
N LYS A 79 12.55 8.65 11.86
CA LYS A 79 11.15 8.48 11.45
C LYS A 79 11.06 7.43 10.35
N ASN A 80 12.06 7.38 9.53
CA ASN A 80 12.08 6.39 8.42
C ASN A 80 13.19 5.36 8.68
N CYS A 81 13.54 5.14 9.91
CA CYS A 81 14.63 4.18 10.20
C CYS A 81 15.92 4.70 9.57
N GLU A 82 15.92 5.94 9.15
CA GLU A 82 17.11 6.54 8.51
C GLU A 82 18.38 6.27 9.32
N PHE A 83 18.30 6.41 10.61
CA PHE A 83 19.52 6.18 11.46
C PHE A 83 19.71 4.70 11.73
N SER A 84 20.33 4.00 10.82
CA SER A 84 20.58 2.54 11.05
C SER A 84 21.54 2.39 12.24
N THR A 85 21.00 2.20 13.42
CA THR A 85 21.87 2.05 14.62
C THR A 85 22.82 0.89 14.45
N ARG A 86 22.53 0.03 13.53
CA ARG A 86 23.40 -1.14 13.29
C ARG A 86 24.30 -0.88 12.07
N ALA A 1 -10.25 -20.48 -17.09
CA ALA A 1 -10.71 -21.07 -15.80
C ALA A 1 -11.07 -19.96 -14.82
N ASN A 2 -10.11 -19.15 -14.45
CA ASN A 2 -10.40 -18.05 -13.50
C ASN A 2 -9.18 -17.12 -13.41
N SER A 3 -9.23 -16.13 -12.56
CA SER A 3 -8.08 -15.21 -12.43
C SER A 3 -7.32 -15.51 -11.14
N PHE A 4 -6.05 -15.20 -11.10
CA PHE A 4 -5.25 -15.50 -9.88
C PHE A 4 -5.98 -14.94 -8.65
N LEU A 5 -6.59 -13.80 -8.73
CA LEU A 5 -7.31 -13.31 -7.53
C LEU A 5 -8.59 -14.13 -7.40
N CGU A 6 -9.71 -13.54 -7.07
CA CGU A 6 -10.95 -14.36 -6.89
C CGU A 6 -10.53 -15.55 -6.02
O CGU A 6 -11.08 -16.62 -6.09
CB CGU A 6 -11.43 -14.85 -8.24
CG CGU A 6 -12.04 -13.68 -9.01
CD1 CGU A 6 -12.17 -14.05 -10.49
CD2 CGU A 6 -13.43 -13.37 -8.45
OE11 CGU A 6 -12.33 -15.22 -10.77
OE12 CGU A 6 -12.10 -13.15 -11.32
OE21 CGU A 6 -14.25 -12.83 -9.18
OE22 CGU A 6 -13.66 -13.66 -7.29
H CGU A 6 -9.74 -12.57 -6.91
HA CGU A 6 -11.71 -13.78 -6.40
HB2 CGU A 6 -12.18 -15.60 -8.10
HB3 CGU A 6 -10.60 -15.26 -8.81
HG CGU A 6 -11.40 -12.81 -8.91
N CGU A 7 -9.54 -15.32 -5.22
CA CGU A 7 -8.98 -16.38 -4.34
C CGU A 7 -8.23 -15.67 -3.21
O CGU A 7 -8.25 -16.10 -2.07
CB CGU A 7 -8.03 -17.26 -5.15
CG CGU A 7 -7.16 -18.11 -4.20
CD1 CGU A 7 -5.99 -17.27 -3.68
CD2 CGU A 7 -8.00 -18.63 -3.03
OE11 CGU A 7 -5.29 -17.76 -2.80
OE12 CGU A 7 -5.82 -16.16 -4.15
OE21 CGU A 7 -9.15 -18.95 -3.25
OE22 CGU A 7 -7.47 -18.68 -1.93
H CGU A 7 -9.12 -14.44 -5.22
HA CGU A 7 -9.79 -16.97 -3.92
HB2 CGU A 7 -7.39 -16.64 -5.76
HB3 CGU A 7 -8.60 -17.92 -5.78
HG CGU A 7 -6.76 -18.96 -4.75
N VAL A 8 -7.55 -14.59 -3.52
CA VAL A 8 -6.80 -13.85 -2.48
C VAL A 8 -7.67 -13.73 -1.25
N LYS A 9 -7.47 -14.59 -0.31
CA LYS A 9 -8.28 -14.53 0.94
C LYS A 9 -8.28 -13.09 1.44
N GLN A 10 -9.23 -12.30 0.97
CA GLN A 10 -9.31 -10.86 1.37
C GLN A 10 -7.93 -10.32 1.73
N GLY A 11 -7.24 -9.73 0.80
CA GLY A 11 -5.88 -9.21 1.09
C GLY A 11 -5.93 -7.69 1.27
N ASN A 12 -4.89 -7.01 0.88
CA ASN A 12 -4.85 -5.53 1.02
C ASN A 12 -5.10 -4.88 -0.34
N LEU A 13 -4.90 -3.59 -0.45
CA LEU A 13 -5.12 -2.91 -1.74
C LEU A 13 -3.95 -1.96 -2.00
N CGU A 14 -3.54 -1.86 -3.24
CA CGU A 14 -2.37 -1.00 -3.63
C CGU A 14 -1.07 -1.75 -3.31
O CGU A 14 -0.30 -2.07 -4.19
CB CGU A 14 -2.37 0.34 -2.89
CG CGU A 14 -1.08 1.09 -3.22
CD1 CGU A 14 -1.04 1.47 -4.70
CD2 CGU A 14 -1.00 2.36 -2.37
OE11 CGU A 14 -0.13 2.17 -5.09
OE12 CGU A 14 -1.93 1.05 -5.41
OE21 CGU A 14 -1.97 2.65 -1.69
OE22 CGU A 14 0.02 3.03 -2.43
H CGU A 14 -3.99 -2.39 -3.92
HA CGU A 14 -2.41 -0.82 -4.68
HB2 CGU A 14 -2.42 0.18 -1.83
HB3 CGU A 14 -3.21 0.93 -3.21
HG CGU A 14 -0.23 0.46 -2.98
N ARG A 15 -0.82 -2.02 -2.06
CA ARG A 15 0.42 -2.75 -1.70
C ARG A 15 0.29 -4.19 -2.16
N CGU A 16 -0.77 -4.86 -1.77
CA CGU A 16 -0.98 -6.26 -2.22
C CGU A 16 -1.55 -6.26 -3.64
O CGU A 16 -1.88 -7.29 -4.19
CB CGU A 16 -1.96 -6.96 -1.27
CG CGU A 16 -1.26 -8.15 -0.61
CD1 CGU A 16 -1.92 -8.44 0.73
CD2 CGU A 16 -1.37 -9.38 -1.51
OE11 CGU A 16 -1.90 -7.57 1.59
OE12 CGU A 16 -2.45 -9.53 0.89
OE21 CGU A 16 -1.31 -10.48 -0.99
OE22 CGU A 16 -1.51 -9.19 -2.71
H CGU A 16 -1.45 -4.41 -1.22
HA CGU A 16 -0.04 -6.78 -2.22
HB2 CGU A 16 -2.81 -7.32 -1.84
HB3 CGU A 16 -2.28 -6.26 -0.52
HG CGU A 16 -0.22 -7.91 -0.45
N CYS A 17 -1.71 -5.09 -4.23
CA CYS A 17 -2.28 -5.00 -5.60
C CYS A 17 -1.16 -4.71 -6.61
N LEU A 18 0.07 -4.94 -6.23
CA LEU A 18 1.20 -4.67 -7.16
C LEU A 18 0.83 -5.11 -8.58
N CGU A 19 1.04 -6.34 -8.88
CA CGU A 19 0.73 -6.83 -10.24
C CGU A 19 0.01 -8.19 -10.20
O CGU A 19 -1.19 -8.26 -10.19
CB CGU A 19 2.03 -6.99 -11.01
CG CGU A 19 2.47 -5.63 -11.54
CD1 CGU A 19 3.78 -5.77 -12.32
CD2 CGU A 19 1.39 -5.06 -12.46
OE11 CGU A 19 4.63 -6.52 -11.88
OE12 CGU A 19 3.91 -5.12 -13.35
OE21 CGU A 19 1.10 -3.89 -12.35
OE22 CGU A 19 0.87 -5.82 -13.26
H CGU A 19 1.40 -6.94 -8.21
HA CGU A 19 0.11 -6.13 -10.76
HB2 CGU A 19 1.89 -7.66 -11.83
HB3 CGU A 19 2.79 -7.38 -10.34
HG CGU A 19 2.63 -4.95 -10.71
N CGU A 20 0.77 -9.24 -10.21
CA CGU A 20 0.17 -10.61 -10.20
C CGU A 20 -0.58 -10.86 -8.89
O CGU A 20 -1.23 -11.89 -8.73
CB CGU A 20 1.27 -11.64 -10.37
CG CGU A 20 1.82 -11.58 -11.80
CD1 CGU A 20 3.13 -10.81 -11.80
CD2 CGU A 20 2.08 -13.00 -12.30
OE11 CGU A 20 4.00 -11.12 -10.98
OE12 CGU A 20 3.27 -9.90 -12.61
OE21 CGU A 20 2.77 -13.75 -11.62
OE22 CGU A 20 1.58 -13.33 -13.37
H CGU A 20 1.73 -9.14 -10.24
HA CGU A 20 -0.53 -10.69 -11.02
HB2 CGU A 20 0.86 -12.63 -10.19
HB3 CGU A 20 2.06 -11.45 -9.66
HG CGU A 20 1.10 -11.09 -12.44
N ALA A 21 -0.50 -9.97 -7.95
CA ALA A 21 -1.21 -10.18 -6.66
C ALA A 21 -2.44 -9.29 -6.59
N CYS A 22 -2.78 -8.65 -7.67
CA CYS A 22 -3.98 -7.76 -7.67
C CYS A 22 -5.10 -8.38 -8.55
N SER A 23 -5.62 -7.64 -9.50
CA SER A 23 -6.70 -8.17 -10.38
C SER A 23 -7.53 -6.99 -10.90
N LEU A 24 -7.49 -5.89 -10.17
CA LEU A 24 -8.26 -4.69 -10.58
C LEU A 24 -9.72 -4.81 -10.11
N CGU A 25 -10.30 -5.97 -10.25
CA CGU A 25 -11.71 -6.15 -9.81
C CGU A 25 -11.78 -6.08 -8.28
O CGU A 25 -12.55 -5.33 -7.72
CB CGU A 25 -12.22 -7.50 -10.28
CG CGU A 25 -13.74 -7.59 -10.03
CD1 CGU A 25 -14.48 -6.95 -11.21
CD2 CGU A 25 -14.15 -9.06 -9.91
OE11 CGU A 25 -14.71 -7.64 -12.19
OE12 CGU A 25 -14.80 -5.78 -11.11
OE21 CGU A 25 -14.95 -9.36 -9.05
OE22 CGU A 25 -13.65 -9.86 -10.70
H CGU A 25 -9.81 -6.72 -10.64
HA CGU A 25 -12.32 -5.36 -10.23
HB2 CGU A 25 -11.73 -8.30 -9.73
HB3 CGU A 25 -12.02 -7.61 -11.34
HG CGU A 25 -13.99 -7.07 -9.12
N CGU A 26 -10.99 -6.87 -7.60
CA CGU A 26 -11.04 -6.85 -6.11
C CGU A 26 -10.65 -5.46 -5.58
O CGU A 26 -11.22 -4.98 -4.62
CB CGU A 26 -10.10 -7.90 -5.54
CG CGU A 26 -10.88 -8.83 -4.60
CD1 CGU A 26 -11.75 -8.00 -3.66
CD2 CGU A 26 -11.76 -9.76 -5.43
OE11 CGU A 26 -12.97 -8.14 -3.74
OE12 CGU A 26 -11.20 -7.24 -2.88
OE21 CGU A 26 -12.15 -10.80 -4.93
OE22 CGU A 26 -12.05 -9.41 -6.57
H CGU A 26 -10.37 -7.48 -8.06
HA CGU A 26 -12.05 -7.07 -5.78
HB2 CGU A 26 -9.31 -7.42 -4.98
HB3 CGU A 26 -9.67 -8.48 -6.34
HG CGU A 26 -10.19 -9.43 -4.02
N ALA A 27 -9.67 -4.82 -6.16
CA ALA A 27 -9.27 -3.47 -5.64
C ALA A 27 -10.53 -2.62 -5.45
N ARG A 28 -11.25 -2.35 -6.50
CA ARG A 28 -12.48 -1.52 -6.35
C ARG A 28 -13.35 -2.04 -5.22
N CGU A 29 -13.74 -3.26 -5.32
CA CGU A 29 -14.62 -3.87 -4.28
C CGU A 29 -14.05 -3.59 -2.89
O CGU A 29 -14.77 -3.52 -1.92
CB CGU A 29 -14.68 -5.39 -4.50
CG CGU A 29 -15.90 -5.73 -5.36
CD1 CGU A 29 -15.86 -7.22 -5.73
CD2 CGU A 29 -17.19 -5.43 -4.58
OE11 CGU A 29 -16.32 -7.55 -6.81
OE12 CGU A 29 -15.38 -7.99 -4.91
OE21 CGU A 29 -17.51 -6.20 -3.70
OE22 CGU A 29 -17.82 -4.43 -4.88
H CGU A 29 -13.46 -3.77 -6.10
HA CGU A 29 -15.61 -3.45 -4.36
HB2 CGU A 29 -14.77 -5.89 -3.55
HB3 CGU A 29 -13.79 -5.71 -5.00
HG CGU A 29 -15.88 -5.14 -6.27
N VAL A 30 -12.76 -3.43 -2.79
CA VAL A 30 -12.13 -3.15 -1.47
C VAL A 30 -12.31 -1.66 -1.11
N PHE A 31 -12.23 -0.78 -2.06
CA PHE A 31 -12.37 0.67 -1.74
C PHE A 31 -13.27 1.39 -2.75
N CGU A 32 -14.24 2.12 -2.27
CA CGU A 32 -15.14 2.89 -3.17
C CGU A 32 -14.47 4.20 -3.59
O CGU A 32 -15.05 5.01 -4.28
CB CGU A 32 -16.41 3.26 -2.41
CG CGU A 32 -17.63 2.66 -3.11
CD1 CGU A 32 -17.65 3.12 -4.57
CD2 CGU A 32 -17.55 1.14 -3.07
OE11 CGU A 32 -17.97 2.30 -5.43
OE12 CGU A 32 -17.37 4.28 -4.81
OE21 CGU A 32 -16.65 0.62 -2.44
OE22 CGU A 32 -18.42 0.49 -3.66
H CGU A 32 -14.35 2.19 -1.31
HA CGU A 32 -15.39 2.30 -4.04
HB2 CGU A 32 -16.50 4.33 -2.39
HB3 CGU A 32 -16.35 2.88 -1.41
HG CGU A 32 -18.53 3.00 -2.62
N ASP A 33 -13.25 4.41 -3.15
CA ASP A 33 -12.56 5.68 -3.47
C ASP A 33 -12.84 6.11 -4.92
N ALA A 34 -13.51 7.23 -5.08
CA ALA A 34 -13.81 7.74 -6.44
C ALA A 34 -12.57 8.44 -7.00
N CGU A 35 -11.80 9.05 -6.16
CA CGU A 35 -10.57 9.71 -6.64
C CGU A 35 -9.51 8.64 -6.80
O CGU A 35 -8.95 8.48 -7.86
CB CGU A 35 -10.10 10.77 -5.63
CG CGU A 35 -11.25 11.71 -5.28
CD1 CGU A 35 -11.89 11.27 -3.97
CD2 CGU A 35 -10.72 13.13 -5.14
OE11 CGU A 35 -13.01 11.69 -3.71
OE12 CGU A 35 -11.26 10.51 -3.25
OE21 CGU A 35 -9.86 13.51 -5.92
OE22 CGU A 35 -11.16 13.83 -4.24
H CGU A 35 -12.01 9.04 -5.20
HA CGU A 35 -10.76 10.18 -7.61
HB2 CGU A 35 -9.28 11.33 -6.06
HB3 CGU A 35 -9.75 10.27 -4.74
HG CGU A 35 -11.99 11.68 -6.07
N GLN A 36 -9.26 7.87 -5.78
CA GLN A 36 -8.25 6.80 -5.94
C GLN A 36 -8.70 5.92 -7.09
N THR A 37 -9.98 5.66 -7.24
CA THR A 37 -10.38 4.81 -8.42
C THR A 37 -9.50 5.22 -9.61
N ASP A 38 -9.54 6.46 -9.98
CA ASP A 38 -8.65 6.93 -11.10
C ASP A 38 -7.24 7.24 -10.55
N CGU A 39 -7.08 8.28 -9.75
CA CGU A 39 -5.72 8.61 -9.17
C CGU A 39 -4.97 7.31 -8.93
O CGU A 39 -3.92 7.08 -9.50
CB CGU A 39 -5.91 9.35 -7.84
CG CGU A 39 -4.96 10.56 -7.79
CD1 CGU A 39 -5.43 11.60 -8.80
CD2 CGU A 39 -4.99 11.15 -6.38
OE11 CGU A 39 -6.46 11.39 -9.41
OE12 CGU A 39 -4.74 12.60 -8.94
OE21 CGU A 39 -4.38 10.57 -5.51
OE22 CGU A 39 -5.61 12.19 -6.21
H CGU A 39 -7.86 8.83 -9.51
HA CGU A 39 -5.18 9.22 -9.86
HB2 CGU A 39 -5.67 8.68 -7.03
HB3 CGU A 39 -6.93 9.68 -7.75
HG CGU A 39 -3.96 10.24 -8.03
N PHE A 40 -5.52 6.46 -8.12
CA PHE A 40 -4.90 5.13 -7.85
C PHE A 40 -4.34 4.62 -9.17
N TRP A 41 -5.20 4.46 -10.14
CA TRP A 41 -4.75 4.02 -11.49
C TRP A 41 -4.19 5.24 -12.24
N SER A 42 -3.80 5.07 -13.48
CA SER A 42 -3.26 6.22 -14.28
C SER A 42 -2.46 7.16 -13.38
N LYS A 43 -1.23 6.80 -13.14
CA LYS A 43 -0.32 7.59 -12.25
C LYS A 43 0.34 6.57 -11.33
N TYR A 44 -0.34 5.48 -11.12
CA TYR A 44 0.18 4.39 -10.28
C TYR A 44 1.63 4.11 -10.66
N LYS A 45 1.84 3.53 -11.82
CA LYS A 45 3.22 3.21 -12.34
C LYS A 45 4.32 3.66 -11.38
N ASP A 46 4.37 3.06 -10.22
CA ASP A 46 5.40 3.44 -9.22
C ASP A 46 5.51 2.32 -8.19
N GLY A 47 5.13 1.12 -8.55
CA GLY A 47 5.17 0.00 -7.57
C GLY A 47 3.90 0.06 -6.73
N ASP A 48 3.85 1.00 -5.81
CA ASP A 48 2.64 1.20 -4.95
C ASP A 48 2.98 2.16 -3.80
N GLN A 49 4.09 2.86 -3.90
CA GLN A 49 4.48 3.83 -2.85
C GLN A 49 4.95 3.13 -1.56
N CYS A 50 4.50 1.93 -1.28
CA CYS A 50 4.96 1.24 -0.06
C CYS A 50 5.55 -0.13 -0.43
N GLU A 51 5.62 -0.45 -1.70
CA GLU A 51 6.19 -1.77 -2.11
C GLU A 51 7.63 -1.95 -1.58
N GLY A 52 8.46 -0.96 -1.76
CA GLY A 52 9.89 -1.08 -1.30
C GLY A 52 9.98 -1.12 0.23
N HIS A 53 8.89 -1.05 0.93
CA HIS A 53 8.96 -1.09 2.42
C HIS A 53 9.86 0.05 2.90
N PRO A 54 9.45 1.26 2.61
CA PRO A 54 10.21 2.48 2.99
C PRO A 54 10.30 2.65 4.51
N CYS A 55 9.21 2.48 5.21
CA CYS A 55 9.26 2.66 6.70
C CYS A 55 10.19 1.61 7.32
N LEU A 56 10.65 1.82 8.52
CA LEU A 56 11.56 0.84 9.16
C LEU A 56 11.28 0.77 10.65
N ASN A 57 12.07 0.02 11.35
CA ASN A 57 11.87 -0.13 12.81
C ASN A 57 10.39 -0.26 13.12
N GLN A 58 9.79 -1.32 12.65
CA GLN A 58 8.35 -1.53 12.94
C GLN A 58 7.59 -0.23 12.68
N GLY A 59 8.00 0.50 11.69
CA GLY A 59 7.31 1.79 11.38
C GLY A 59 6.02 1.51 10.60
N HIS A 60 4.99 2.26 10.88
CA HIS A 60 3.72 2.04 10.15
C HIS A 60 3.81 2.70 8.77
N CYS A 61 3.34 2.04 7.75
CA CYS A 61 3.44 2.62 6.39
C CYS A 61 2.07 3.09 5.90
N LYS A 62 1.92 4.34 5.58
CA LYS A 62 0.63 4.83 5.05
C LYS A 62 0.83 5.00 3.55
N BHD A 63 0.43 4.03 2.79
CA BHD A 63 0.69 4.11 1.33
CB BHD A 63 0.60 2.71 0.72
OB BHD A 63 1.23 1.77 1.57
CG BHD A 63 -0.86 2.27 0.61
OD1 BHD A 63 -1.70 2.95 1.16
OD2 BHD A 63 -1.10 1.26 -0.05
C BHD A 63 -0.30 5.03 0.63
O BHD A 63 -1.11 5.71 1.23
H BHD A 63 0.01 3.23 3.17
HA BHD A 63 1.68 4.50 1.17
HB BHD A 63 1.07 2.71 -0.26
HOB BHD A 63 1.70 2.24 2.26
N GLY A 64 -0.20 5.06 -0.67
CA GLY A 64 -1.07 5.92 -1.51
C GLY A 64 -0.41 5.98 -2.88
N ILE A 65 -0.80 6.87 -3.75
CA ILE A 65 -0.14 6.90 -5.08
C ILE A 65 0.95 7.98 -5.11
N GLY A 66 0.57 9.22 -5.15
CA GLY A 66 1.59 10.30 -5.21
C GLY A 66 2.74 9.99 -4.24
N ASP A 67 2.47 9.25 -3.20
CA ASP A 67 3.57 8.91 -2.23
C ASP A 67 3.04 8.04 -1.10
N TYR A 68 3.68 8.10 0.03
CA TYR A 68 3.26 7.26 1.20
C TYR A 68 3.85 7.88 2.47
N THR A 69 3.05 8.08 3.49
CA THR A 69 3.59 8.68 4.73
C THR A 69 3.88 7.57 5.74
N CYS A 70 5.11 7.39 6.13
CA CYS A 70 5.42 6.33 7.10
C CYS A 70 5.06 6.83 8.50
N THR A 71 5.47 6.11 9.47
CA THR A 71 5.17 6.50 10.88
C THR A 71 6.15 5.78 11.81
N CYS A 72 6.48 6.38 12.93
CA CYS A 72 7.41 5.71 13.86
C CYS A 72 6.67 5.37 15.16
N ALA A 73 6.57 4.11 15.51
CA ALA A 73 5.83 3.72 16.75
C ALA A 73 6.28 4.57 17.93
N GLU A 74 5.76 4.28 19.10
CA GLU A 74 6.16 5.02 20.29
C GLU A 74 7.47 4.45 20.76
N GLY A 75 8.47 5.17 20.45
CA GLY A 75 9.86 4.77 20.79
C GLY A 75 10.66 4.59 19.52
N PHE A 76 10.20 5.18 18.45
CA PHE A 76 10.89 5.04 17.17
C PHE A 76 11.33 6.41 16.67
N GLU A 77 12.33 6.46 15.83
CA GLU A 77 12.79 7.79 15.34
C GLU A 77 13.62 7.64 14.05
N GLY A 78 13.76 8.70 13.32
CA GLY A 78 14.56 8.64 12.05
C GLY A 78 13.62 8.78 10.85
N LYS A 79 14.15 8.94 9.67
CA LYS A 79 13.30 9.07 8.48
C LYS A 79 12.31 7.91 8.44
N ASN A 80 12.85 6.73 8.41
CA ASN A 80 11.99 5.52 8.40
C ASN A 80 12.05 4.87 9.79
N CYS A 81 12.25 5.67 10.80
CA CYS A 81 12.33 5.12 12.18
C CYS A 81 13.62 4.28 12.29
N GLU A 82 14.53 4.48 11.38
CA GLU A 82 15.81 3.73 11.38
C GLU A 82 16.30 3.45 12.80
N PHE A 83 16.04 4.33 13.71
CA PHE A 83 16.50 4.12 15.10
C PHE A 83 15.32 3.70 15.96
N SER A 84 15.50 3.85 17.21
CA SER A 84 14.44 3.49 18.20
C SER A 84 14.69 4.27 19.49
N THR A 85 14.06 5.39 19.66
CA THR A 85 14.27 6.22 20.88
C THR A 85 14.11 5.35 22.13
N ARG A 86 13.21 4.43 22.06
CA ARG A 86 12.96 3.52 23.22
C ARG A 86 11.97 2.44 22.80
N ALA A 1 -16.89 -0.94 -21.69
CA ALA A 1 -17.69 -2.17 -21.42
C ALA A 1 -16.91 -3.07 -20.46
N ASN A 2 -17.58 -3.99 -19.81
CA ASN A 2 -16.87 -4.90 -18.87
C ASN A 2 -16.49 -4.13 -17.60
N SER A 3 -15.61 -4.67 -16.81
CA SER A 3 -15.21 -3.98 -15.55
C SER A 3 -14.06 -3.01 -15.85
N PHE A 4 -13.89 -2.01 -15.04
CA PHE A 4 -12.79 -1.03 -15.26
C PHE A 4 -11.45 -1.72 -15.00
N LEU A 5 -11.45 -2.81 -14.27
CA LEU A 5 -10.17 -3.50 -13.98
C LEU A 5 -9.59 -4.06 -15.28
N CGU A 6 -10.33 -4.02 -16.35
CA CGU A 6 -9.78 -4.53 -17.64
C CGU A 6 -8.54 -3.71 -17.97
O CGU A 6 -7.56 -4.22 -18.50
CB CGU A 6 -10.82 -4.36 -18.74
CG CGU A 6 -11.56 -5.68 -18.97
CD1 CGU A 6 -12.65 -5.49 -20.02
CD2 CGU A 6 -10.55 -6.74 -19.46
OE11 CGU A 6 -12.76 -4.39 -20.55
OE12 CGU A 6 -13.35 -6.46 -20.30
OE21 CGU A 6 -10.46 -6.93 -20.66
OE22 CGU A 6 -9.90 -7.34 -18.62
H CGU A 6 -11.23 -3.63 -16.32
HA CGU A 6 -9.52 -5.57 -17.53
HB2 CGU A 6 -10.32 -4.06 -19.67
HB3 CGU A 6 -11.54 -3.60 -18.47
HG CGU A 6 -12.00 -6.01 -18.05
N CGU A 7 -8.55 -2.46 -17.62
CA CGU A 7 -7.37 -1.59 -17.88
C CGU A 7 -6.62 -1.41 -16.55
O CGU A 7 -6.12 -0.35 -16.24
CB CGU A 7 -7.85 -0.22 -18.38
CG CGU A 7 -7.60 -0.12 -19.89
CD1 CGU A 7 -8.72 -0.84 -20.65
CD2 CGU A 7 -7.58 1.35 -20.30
OE11 CGU A 7 -8.85 -0.61 -21.83
OE12 CGU A 7 -9.43 -1.61 -20.01
OE21 CGU A 7 -7.71 2.20 -19.42
OE22 CGU A 7 -7.44 1.62 -21.48
H CGU A 7 -9.34 -2.08 -17.18
HA CGU A 7 -6.72 -2.04 -18.61
HB2 CGU A 7 -7.30 0.56 -17.88
HB3 CGU A 7 -8.91 -0.11 -18.18
HG CGU A 7 -6.65 -0.57 -20.13
N VAL A 8 -6.58 -2.45 -15.76
CA VAL A 8 -5.90 -2.40 -14.46
C VAL A 8 -4.65 -1.58 -14.56
N LYS A 9 -4.59 -0.65 -13.70
CA LYS A 9 -3.44 0.29 -13.64
C LYS A 9 -2.27 -0.34 -12.87
N GLN A 10 -2.19 -1.65 -12.83
CA GLN A 10 -1.06 -2.30 -12.09
C GLN A 10 -1.12 -1.91 -10.61
N GLY A 11 -0.77 -2.82 -9.74
CA GLY A 11 -0.80 -2.51 -8.28
C GLY A 11 -1.46 -3.66 -7.53
N ASN A 12 -2.44 -3.38 -6.70
CA ASN A 12 -3.13 -4.46 -5.93
C ASN A 12 -2.10 -5.49 -5.45
N LEU A 13 -0.97 -5.05 -4.98
CA LEU A 13 0.06 -5.99 -4.49
C LEU A 13 0.52 -5.55 -3.10
N CGU A 14 0.10 -4.40 -2.66
CA CGU A 14 0.50 -3.91 -1.31
C CGU A 14 -0.54 -2.90 -0.85
O CGU A 14 -1.33 -3.17 0.05
CB CGU A 14 1.87 -3.20 -1.39
CG CGU A 14 3.02 -4.22 -1.36
CD1 CGU A 14 2.71 -5.38 -0.41
CD2 CGU A 14 3.28 -4.76 -2.77
OE11 CGU A 14 2.98 -6.51 -0.78
OE12 CGU A 14 2.18 -5.12 0.66
OE21 CGU A 14 3.81 -5.85 -2.87
OE22 CGU A 14 2.94 -4.07 -3.71
H CGU A 14 -0.50 -3.85 -3.21
HA CGU A 14 0.55 -4.74 -0.62
HB2 CGU A 14 1.97 -2.52 -0.56
HB3 CGU A 14 1.92 -2.64 -2.31
HG CGU A 14 3.91 -3.72 -1.00
N ARG A 15 -0.60 -1.76 -1.48
CA ARG A 15 -1.64 -0.77 -1.12
C ARG A 15 -2.88 -1.15 -1.88
N CGU A 16 -3.77 -1.87 -1.27
CA CGU A 16 -5.02 -2.34 -1.95
C CGU A 16 -5.57 -1.26 -2.90
O CGU A 16 -6.55 -0.62 -2.60
CB CGU A 16 -6.07 -2.63 -0.87
CG CGU A 16 -7.01 -3.76 -1.29
CD1 CGU A 16 -7.56 -3.52 -2.69
CD2 CGU A 16 -6.26 -5.10 -1.27
OE11 CGU A 16 -6.77 -3.40 -3.61
OE12 CGU A 16 -8.78 -3.48 -2.81
OE21 CGU A 16 -6.76 -6.03 -0.66
OE22 CGU A 16 -5.20 -5.16 -1.86
H CGU A 16 -3.60 -2.14 -0.34
HA CGU A 16 -4.81 -3.24 -2.50
HB2 CGU A 16 -6.65 -1.73 -0.69
HB3 CGU A 16 -5.57 -2.90 0.05
HG CGU A 16 -7.84 -3.82 -0.59
N CYS A 17 -4.92 -1.09 -4.03
CA CYS A 17 -5.39 -0.06 -5.03
C CYS A 17 -6.01 1.13 -4.29
N LEU A 18 -5.46 1.45 -3.15
CA LEU A 18 -6.00 2.57 -2.32
C LEU A 18 -6.23 3.81 -3.17
N CGU A 19 -5.57 3.91 -4.26
CA CGU A 19 -5.74 5.09 -5.13
C CGU A 19 -6.57 4.72 -6.36
O CGU A 19 -7.39 3.82 -6.31
CB CGU A 19 -4.36 5.58 -5.59
CG CGU A 19 -3.47 5.83 -4.37
CD1 CGU A 19 -2.01 5.91 -4.81
CD2 CGU A 19 -3.88 7.14 -3.70
OE11 CGU A 19 -1.55 4.98 -5.46
OE12 CGU A 19 -1.38 6.91 -4.49
OE21 CGU A 19 -3.42 7.39 -2.60
OE22 CGU A 19 -4.65 7.88 -4.30
H CGU A 19 -4.95 3.20 -4.51
HA CGU A 19 -6.23 5.88 -4.58
HB2 CGU A 19 -4.47 6.50 -6.15
HB3 CGU A 19 -3.91 4.84 -6.22
HG CGU A 19 -3.59 5.01 -3.67
N CGU A 20 -6.39 5.42 -7.45
CA CGU A 20 -7.17 5.09 -8.67
C CGU A 20 -6.60 3.83 -9.33
O CGU A 20 -7.06 3.40 -10.36
CB CGU A 20 -7.09 6.26 -9.65
CG CGU A 20 -7.78 7.49 -9.04
CD1 CGU A 20 -7.53 8.71 -9.93
CD2 CGU A 20 -9.27 7.23 -8.91
OE11 CGU A 20 -6.72 8.61 -10.83
OE12 CGU A 20 -8.18 9.72 -9.70
OE21 CGU A 20 -9.99 7.52 -9.87
OE22 CGU A 20 -9.69 6.74 -7.88
H CGU A 20 -5.73 6.14 -7.46
HA CGU A 20 -8.20 4.92 -8.41
HB2 CGU A 20 -7.58 6.01 -10.57
HB3 CGU A 20 -6.05 6.49 -9.85
HG CGU A 20 -7.35 7.68 -8.06
N ALA A 21 -5.58 3.27 -8.74
CA ALA A 21 -4.98 2.03 -9.34
C ALA A 21 -6.08 1.09 -9.77
N CYS A 22 -6.99 0.83 -8.90
CA CYS A 22 -8.11 -0.09 -9.23
C CYS A 22 -9.35 0.28 -8.41
N SER A 23 -10.35 -0.54 -8.45
CA SER A 23 -11.59 -0.26 -7.66
C SER A 23 -11.57 -1.15 -6.41
N LEU A 24 -10.39 -1.55 -5.99
CA LEU A 24 -10.23 -2.42 -4.79
C LEU A 24 -10.61 -3.87 -5.11
N CGU A 25 -11.23 -4.11 -6.25
CA CGU A 25 -11.62 -5.50 -6.60
C CGU A 25 -10.43 -6.28 -7.17
O CGU A 25 -10.34 -7.48 -7.05
CB CGU A 25 -12.74 -5.46 -7.65
CG CGU A 25 -13.72 -6.60 -7.40
CD1 CGU A 25 -15.15 -6.13 -7.71
CD2 CGU A 25 -13.36 -7.78 -8.32
OE11 CGU A 25 -16.07 -6.83 -7.33
OE12 CGU A 25 -15.29 -5.09 -8.30
OE21 CGU A 25 -13.46 -8.91 -7.88
OE22 CGU A 25 -13.00 -7.53 -9.46
H CGU A 25 -11.43 -3.38 -6.86
HA CGU A 25 -11.98 -6.00 -5.71
HB2 CGU A 25 -12.32 -5.56 -8.63
HB3 CGU A 25 -13.27 -4.52 -7.57
HG CGU A 25 -13.65 -6.92 -6.38
N CGU A 26 -9.52 -5.60 -7.82
CA CGU A 26 -8.35 -6.30 -8.43
C CGU A 26 -7.46 -6.93 -7.35
O CGU A 26 -6.93 -8.01 -7.54
CB CGU A 26 -7.53 -5.30 -9.24
CG CGU A 26 -6.96 -6.01 -10.47
CD1 CGU A 26 -6.12 -7.21 -10.04
CD2 CGU A 26 -8.12 -6.50 -11.36
OE11 CGU A 26 -5.13 -6.99 -9.36
OE12 CGU A 26 -6.48 -8.31 -10.40
OE21 CGU A 26 -7.84 -7.08 -12.39
OE22 CGU A 26 -9.26 -6.29 -10.97
H CGU A 26 -9.62 -4.63 -7.93
HA CGU A 26 -8.71 -7.08 -9.08
HB2 CGU A 26 -6.71 -4.93 -8.64
HB3 CGU A 26 -8.15 -4.48 -9.55
HG CGU A 26 -6.35 -5.32 -11.03
N ALA A 27 -7.27 -6.27 -6.23
CA ALA A 27 -6.39 -6.86 -5.17
C ALA A 27 -7.17 -7.90 -4.34
N ARG A 28 -7.97 -8.72 -4.97
CA ARG A 28 -8.73 -9.75 -4.20
C ARG A 28 -8.11 -11.11 -4.44
N CGU A 29 -8.08 -11.50 -5.68
CA CGU A 29 -7.50 -12.81 -6.05
C CGU A 29 -6.18 -12.60 -6.79
O CGU A 29 -5.66 -13.49 -7.43
CB CGU A 29 -8.47 -13.56 -6.96
CG CGU A 29 -9.79 -13.81 -6.23
CD1 CGU A 29 -10.93 -13.15 -6.99
CD2 CGU A 29 -10.04 -15.32 -6.12
OE11 CGU A 29 -11.41 -13.76 -7.94
OE12 CGU A 29 -11.32 -12.06 -6.63
OE21 CGU A 29 -9.46 -15.93 -5.24
OE22 CGU A 29 -10.80 -15.82 -6.93
H CGU A 29 -8.44 -10.90 -6.35
HA CGU A 29 -7.32 -13.41 -5.16
HB2 CGU A 29 -8.04 -14.50 -7.25
HB3 CGU A 29 -8.65 -12.96 -7.85
HG CGU A 29 -9.74 -13.38 -5.23
N VAL A 30 -5.65 -11.41 -6.71
CA VAL A 30 -4.37 -11.12 -7.41
C VAL A 30 -3.20 -11.66 -6.60
N PHE A 31 -3.34 -11.72 -5.30
CA PHE A 31 -2.23 -12.24 -4.45
C PHE A 31 -2.23 -13.77 -4.50
N CGU A 32 -1.36 -14.36 -5.27
CA CGU A 32 -1.31 -15.84 -5.33
C CGU A 32 -1.38 -16.40 -3.91
O CGU A 32 -1.82 -17.51 -3.69
CB CGU A 32 0.00 -16.30 -5.97
CG CGU A 32 -0.21 -16.49 -7.47
CD1 CGU A 32 0.11 -15.20 -8.22
CD2 CGU A 32 0.72 -17.61 -7.97
OE11 CGU A 32 1.21 -14.68 -8.03
OE12 CGU A 32 -0.74 -14.74 -8.96
OE21 CGU A 32 1.81 -17.28 -8.42
OE22 CGU A 32 0.33 -18.76 -7.89
H CGU A 32 -0.72 -13.82 -5.79
HA CGU A 32 -2.15 -16.21 -5.91
HB2 CGU A 32 0.33 -17.22 -5.53
HB3 CGU A 32 0.76 -15.53 -5.81
HG CGU A 32 -1.23 -16.78 -7.67
N ASP A 33 -0.95 -15.63 -2.94
CA ASP A 33 -0.98 -16.10 -1.52
C ASP A 33 -2.41 -16.39 -1.08
N ALA A 34 -2.93 -17.54 -1.36
CA ALA A 34 -4.32 -17.87 -0.93
C ALA A 34 -4.59 -17.31 0.47
N CGU A 35 -3.57 -17.18 1.27
CA CGU A 35 -3.75 -16.60 2.64
C CGU A 35 -3.83 -15.10 2.48
O CGU A 35 -4.83 -14.49 2.80
CB CGU A 35 -2.58 -16.99 3.54
CG CGU A 35 -2.56 -18.50 3.74
CD1 CGU A 35 -1.33 -19.09 3.06
CD2 CGU A 35 -2.54 -18.82 5.24
OE11 CGU A 35 -0.35 -18.37 2.92
OE12 CGU A 35 -1.36 -20.26 2.71
OE21 CGU A 35 -1.45 -18.97 5.76
OE22 CGU A 35 -3.60 -18.89 5.83
H CGU A 35 -2.67 -17.42 0.97
HA CGU A 35 -4.69 -16.97 3.06
HB2 CGU A 35 -2.69 -16.50 4.49
HB3 CGU A 35 -1.66 -16.68 3.07
HG CGU A 35 -3.45 -18.93 3.29
N GLN A 36 -2.80 -14.48 1.95
CA GLN A 36 -2.86 -13.02 1.74
C GLN A 36 -4.18 -12.76 1.03
N THR A 37 -4.46 -13.53 0.01
CA THR A 37 -5.75 -13.36 -0.73
C THR A 37 -6.84 -12.98 0.27
N ASP A 38 -7.09 -13.82 1.23
CA ASP A 38 -8.11 -13.45 2.25
C ASP A 38 -7.44 -12.55 3.29
N CGU A 39 -6.60 -13.10 4.14
CA CGU A 39 -5.87 -12.26 5.16
C CGU A 39 -5.60 -10.88 4.58
O CGU A 39 -6.21 -9.90 4.97
CB CGU A 39 -4.55 -12.93 5.52
CG CGU A 39 -4.61 -13.47 6.94
CD1 CGU A 39 -5.05 -14.94 6.93
CD2 CGU A 39 -3.22 -13.37 7.59
OE11 CGU A 39 -6.15 -15.22 7.39
OE12 CGU A 39 -4.29 -15.76 6.45
OE21 CGU A 39 -3.16 -13.20 8.80
OE22 CGU A 39 -2.25 -13.45 6.85
H CGU A 39 -6.41 -14.06 4.08
HA CGU A 39 -6.48 -12.15 6.04
HB2 CGU A 39 -3.75 -12.21 5.44
HB3 CGU A 39 -4.37 -13.75 4.83
HG CGU A 39 -5.32 -12.89 7.52
N PHE A 40 -4.72 -10.82 3.64
CA PHE A 40 -4.41 -9.52 3.01
C PHE A 40 -5.68 -8.73 2.80
N TRP A 41 -6.67 -9.32 2.21
CA TRP A 41 -7.91 -8.60 1.91
C TRP A 41 -8.86 -8.53 3.13
N SER A 42 -9.48 -9.61 3.48
CA SER A 42 -10.44 -9.59 4.64
C SER A 42 -9.82 -8.88 5.84
N LYS A 43 -8.78 -9.43 6.36
CA LYS A 43 -8.12 -8.79 7.55
C LYS A 43 -7.83 -7.32 7.23
N TYR A 44 -7.75 -6.98 5.97
CA TYR A 44 -7.50 -5.58 5.59
C TYR A 44 -8.81 -4.82 5.70
N LYS A 45 -9.52 -4.67 4.60
CA LYS A 45 -10.82 -3.92 4.64
C LYS A 45 -10.70 -2.82 5.69
N ASP A 46 -9.52 -2.27 5.81
CA ASP A 46 -9.27 -1.23 6.84
C ASP A 46 -8.58 -0.02 6.23
N GLY A 47 -7.92 -0.17 5.11
CA GLY A 47 -7.19 0.99 4.54
C GLY A 47 -6.36 1.57 5.69
N ASP A 48 -5.48 0.76 6.24
CA ASP A 48 -4.70 1.22 7.41
C ASP A 48 -3.20 1.05 7.15
N GLN A 49 -2.51 0.44 8.07
CA GLN A 49 -1.04 0.23 7.90
C GLN A 49 -0.33 1.58 7.69
N CYS A 50 -0.27 2.05 6.47
CA CYS A 50 0.44 3.34 6.20
C CYS A 50 -0.56 4.51 6.10
N GLU A 51 -1.83 4.25 6.23
CA GLU A 51 -2.83 5.34 6.12
C GLU A 51 -2.55 6.48 7.12
N GLY A 52 -1.88 6.21 8.21
CA GLY A 52 -1.62 7.29 9.21
C GLY A 52 -0.34 8.06 8.85
N HIS A 53 0.01 8.11 7.59
CA HIS A 53 1.24 8.85 7.20
C HIS A 53 2.37 8.56 8.19
N PRO A 54 2.63 7.28 8.41
CA PRO A 54 3.68 6.83 9.34
C PRO A 54 5.04 7.41 8.97
N CYS A 55 5.32 7.53 7.71
CA CYS A 55 6.65 8.06 7.27
C CYS A 55 6.60 9.58 7.15
N LEU A 56 7.73 10.21 7.00
CA LEU A 56 7.76 11.71 6.89
C LEU A 56 8.88 12.15 5.96
N ASN A 57 9.08 13.43 5.88
CA ASN A 57 10.15 14.00 5.01
C ASN A 57 10.19 13.24 3.69
N GLN A 58 9.14 13.34 2.94
CA GLN A 58 9.10 12.68 1.61
C GLN A 58 9.51 11.23 1.74
N GLY A 59 9.17 10.61 2.83
CA GLY A 59 9.52 9.18 3.02
C GLY A 59 8.50 8.31 2.30
N HIS A 60 8.95 7.42 1.47
CA HIS A 60 8.00 6.53 0.74
C HIS A 60 7.56 5.43 1.70
N CYS A 61 6.56 4.68 1.36
CA CYS A 61 6.11 3.62 2.32
C CYS A 61 5.36 2.50 1.59
N LYS A 62 5.78 1.28 1.78
CA LYS A 62 5.06 0.14 1.15
C LYS A 62 4.07 -0.39 2.18
N BHD A 63 2.80 -0.16 1.99
CA BHD A 63 1.80 -0.61 3.00
CB BHD A 63 0.50 0.20 2.82
OB BHD A 63 0.81 1.49 2.30
CG BHD A 63 -0.43 -0.46 1.79
OD1 BHD A 63 -1.62 -0.41 2.00
OD2 BHD A 63 0.09 -1.00 0.83
C BHD A 63 1.50 -2.11 2.85
O BHD A 63 2.16 -2.82 2.13
H BHD A 63 2.51 0.34 1.19
HA BHD A 63 2.20 -0.43 3.98
HB BHD A 63 -0.01 0.30 3.77
HOB BHD A 63 0.00 1.87 1.97
N GLY A 64 0.52 -2.57 3.58
CA GLY A 64 0.14 -4.02 3.53
C GLY A 64 -0.38 -4.41 4.91
N ILE A 65 -1.59 -4.93 5.01
CA ILE A 65 -2.13 -5.28 6.37
C ILE A 65 -1.02 -5.86 7.23
N GLY A 66 -1.23 -5.85 8.52
CA GLY A 66 -0.17 -6.35 9.42
C GLY A 66 0.62 -5.12 9.87
N ASP A 67 0.99 -4.31 8.91
CA ASP A 67 1.74 -3.05 9.17
C ASP A 67 2.22 -2.49 7.83
N TYR A 68 3.36 -1.87 7.81
CA TYR A 68 3.86 -1.29 6.52
C TYR A 68 5.36 -1.08 6.63
N THR A 69 5.92 -0.35 5.71
CA THR A 69 7.38 -0.06 5.74
C THR A 69 7.57 1.32 5.14
N CYS A 70 8.60 2.04 5.51
CA CYS A 70 8.80 3.36 4.92
C CYS A 70 10.12 3.38 4.16
N THR A 71 10.53 4.53 3.74
CA THR A 71 11.82 4.65 2.98
C THR A 71 12.29 6.11 3.03
N CYS A 72 13.33 6.40 3.76
CA CYS A 72 13.83 7.79 3.84
C CYS A 72 14.68 8.10 2.58
N ALA A 73 14.53 9.26 2.01
CA ALA A 73 15.31 9.60 0.78
C ALA A 73 16.78 9.85 1.12
N GLU A 74 17.53 10.27 0.14
CA GLU A 74 18.94 10.58 0.33
C GLU A 74 19.04 11.98 0.91
N GLY A 75 19.26 12.01 2.16
CA GLY A 75 19.36 13.29 2.90
C GLY A 75 18.30 13.33 3.99
N PHE A 76 17.76 12.21 4.33
CA PHE A 76 16.70 12.17 5.34
C PHE A 76 17.19 11.39 6.56
N GLU A 77 16.51 11.52 7.66
CA GLU A 77 16.95 10.77 8.89
C GLU A 77 15.78 10.61 9.86
N GLY A 78 15.93 9.78 10.84
CA GLY A 78 14.82 9.57 11.83
C GLY A 78 14.00 8.34 11.42
N LYS A 79 13.22 7.82 12.33
CA LYS A 79 12.40 6.63 12.02
C LYS A 79 11.45 6.96 10.87
N ASN A 80 10.99 8.17 10.82
CA ASN A 80 10.06 8.59 9.74
C ASN A 80 10.75 9.62 8.86
N CYS A 81 12.06 9.64 8.86
CA CYS A 81 12.79 10.64 8.03
C CYS A 81 12.58 12.03 8.65
N GLU A 82 11.97 12.10 9.81
CA GLU A 82 11.72 13.40 10.48
C GLU A 82 12.89 14.37 10.29
N PHE A 83 14.08 13.91 10.49
CA PHE A 83 15.27 14.80 10.34
C PHE A 83 15.69 14.90 8.87
N SER A 84 15.06 15.77 8.13
CA SER A 84 15.45 15.92 6.70
C SER A 84 16.82 16.60 6.63
N THR A 85 17.87 15.84 6.59
CA THR A 85 19.23 16.44 6.54
C THR A 85 19.38 17.28 5.28
N ARG A 86 18.50 17.11 4.36
CA ARG A 86 18.57 17.88 3.09
C ARG A 86 18.27 19.35 3.37
N ALA A 1 -21.07 -7.14 -4.20
CA ALA A 1 -21.14 -6.60 -5.60
C ALA A 1 -19.74 -6.23 -6.06
N ASN A 2 -18.75 -7.01 -5.72
CA ASN A 2 -17.36 -6.69 -6.15
C ASN A 2 -16.97 -5.32 -5.60
N SER A 3 -15.70 -5.07 -5.44
CA SER A 3 -15.26 -3.75 -4.90
C SER A 3 -16.11 -3.42 -3.66
N PHE A 4 -16.38 -4.42 -2.86
CA PHE A 4 -17.21 -4.20 -1.64
C PHE A 4 -16.37 -3.61 -0.51
N LEU A 5 -15.14 -3.25 -0.79
CA LEU A 5 -14.31 -2.67 0.29
C LEU A 5 -14.95 -1.36 0.72
N CGU A 6 -15.80 -1.40 1.71
CA CGU A 6 -16.50 -0.14 2.07
C CGU A 6 -17.12 0.36 0.76
O CGU A 6 -17.32 1.53 0.54
CB CGU A 6 -15.51 0.89 2.62
CG CGU A 6 -14.54 0.20 3.58
CD1 CGU A 6 -13.10 0.58 3.21
CD2 CGU A 6 -14.84 0.67 5.01
OE11 CGU A 6 -12.86 1.74 2.95
OE12 CGU A 6 -12.26 -0.31 3.19
OE21 CGU A 6 -14.06 0.33 5.89
OE22 CGU A 6 -15.83 1.35 5.20
H CGU A 6 -16.02 -2.23 2.14
HA CGU A 6 -17.28 -0.34 2.80
HB2 CGU A 6 -16.05 1.66 3.14
HB3 CGU A 6 -14.96 1.33 1.79
HG CGU A 6 -14.66 -0.87 3.51
N CGU A 7 -17.37 -0.58 -0.13
CA CGU A 7 -17.92 -0.28 -1.46
C CGU A 7 -16.87 0.47 -2.28
O CGU A 7 -17.18 1.43 -2.96
CB CGU A 7 -19.18 0.58 -1.32
CG CGU A 7 -20.25 -0.18 -0.54
CD1 CGU A 7 -20.41 -1.59 -1.13
CD2 CGU A 7 -19.83 -0.28 0.93
OE11 CGU A 7 -21.31 -1.77 -1.92
OE12 CGU A 7 -19.62 -2.45 -0.77
OE21 CGU A 7 -19.87 0.73 1.61
OE22 CGU A 7 -19.49 -1.38 1.35
H CGU A 7 -17.16 -1.51 0.09
HA CGU A 7 -18.18 -1.20 -1.95
HB2 CGU A 7 -19.55 0.81 -2.31
HB3 CGU A 7 -18.94 1.50 -0.81
HG CGU A 7 -21.19 0.34 -0.61
N VAL A 8 -15.63 0.04 -2.26
CA VAL A 8 -14.62 0.76 -3.07
C VAL A 8 -15.11 0.79 -4.50
N LYS A 9 -15.72 1.86 -4.89
CA LYS A 9 -16.23 1.98 -6.28
C LYS A 9 -15.17 1.36 -7.21
N GLN A 10 -13.93 1.45 -6.83
CA GLN A 10 -12.84 0.86 -7.63
C GLN A 10 -11.50 1.42 -7.14
N GLY A 11 -10.94 0.85 -6.11
CA GLY A 11 -9.65 1.36 -5.58
C GLY A 11 -8.58 0.25 -5.65
N ASN A 12 -7.69 0.21 -4.69
CA ASN A 12 -6.63 -0.84 -4.72
C ASN A 12 -5.86 -0.77 -6.04
N LEU A 13 -4.97 0.17 -6.17
CA LEU A 13 -4.19 0.31 -7.43
C LEU A 13 -2.71 0.51 -7.11
N CGU A 14 -2.34 0.38 -5.86
CA CGU A 14 -0.92 0.57 -5.49
C CGU A 14 -0.64 -0.22 -4.22
O CGU A 14 0.08 -1.19 -4.22
CB CGU A 14 -0.64 2.05 -5.26
CG CGU A 14 -0.14 2.69 -6.56
CD1 CGU A 14 -1.29 3.43 -7.23
CD2 CGU A 14 0.99 3.67 -6.25
OE11 CGU A 14 -2.31 3.62 -6.60
OE12 CGU A 14 -1.13 3.81 -8.39
OE21 CGU A 14 2.01 3.59 -6.90
OE22 CGU A 14 0.81 4.48 -5.35
H CGU A 14 -3.01 0.16 -5.18
HA CGU A 14 -0.28 0.20 -6.29
HB2 CGU A 14 0.12 2.16 -4.49
HB3 CGU A 14 -1.54 2.54 -4.95
HG CGU A 14 0.23 1.92 -7.22
N ARG A 15 -1.24 0.18 -3.12
CA ARG A 15 -1.04 -0.56 -1.88
C ARG A 15 -2.03 -1.70 -1.93
N CGU A 16 -1.60 -2.85 -2.37
CA CGU A 16 -2.51 -4.02 -2.50
C CGU A 16 -3.21 -4.26 -1.18
O CGU A 16 -2.91 -5.21 -0.48
CB CGU A 16 -1.69 -5.28 -2.84
CG CGU A 16 -0.18 -5.07 -2.69
CD1 CGU A 16 0.48 -6.42 -2.41
CD2 CGU A 16 0.42 -4.49 -3.98
OE11 CGU A 16 1.68 -6.53 -2.65
OE12 CGU A 16 -0.22 -7.31 -1.97
OE21 CGU A 16 -0.10 -3.50 -4.46
OE22 CGU A 16 1.39 -5.06 -4.46
H CGU A 16 -0.69 -2.92 -2.63
HA CGU A 16 -3.22 -3.83 -3.27
HB2 CGU A 16 -1.92 -5.58 -3.85
HB3 CGU A 16 -1.99 -6.06 -2.17
HG CGU A 16 0.01 -4.40 -1.87
N CYS A 17 -4.14 -3.40 -0.83
CA CYS A 17 -4.89 -3.51 0.46
C CYS A 17 -4.23 -4.51 1.39
N LEU A 18 -3.02 -4.25 1.74
CA LEU A 18 -2.28 -5.18 2.64
C LEU A 18 -2.69 -4.92 4.09
N CGU A 19 -3.58 -4.00 4.30
CA CGU A 19 -4.04 -3.71 5.68
C CGU A 19 -5.52 -4.09 5.80
O CGU A 19 -6.03 -4.87 5.02
CB CGU A 19 -3.86 -2.21 5.94
CG CGU A 19 -2.37 -1.90 6.07
CD1 CGU A 19 -2.16 -0.38 6.04
CD2 CGU A 19 -1.83 -2.45 7.40
OE11 CGU A 19 -1.51 0.08 5.10
OE12 CGU A 19 -2.64 0.29 6.93
OE21 CGU A 19 -1.40 -3.59 7.40
OE22 CGU A 19 -1.88 -1.72 8.37
H CGU A 19 -3.97 -3.50 3.55
HA CGU A 19 -3.45 -4.28 6.38
HB2 CGU A 19 -4.35 -1.94 6.87
HB3 CGU A 19 -4.28 -1.64 5.13
HG CGU A 19 -1.83 -2.36 5.25
N CGU A 20 -6.20 -3.57 6.77
CA CGU A 20 -7.64 -3.90 6.93
C CGU A 20 -8.42 -3.45 5.70
O CGU A 20 -9.55 -3.83 5.49
CB CGU A 20 -8.19 -3.20 8.17
CG CGU A 20 -8.00 -1.68 8.01
CD1 CGU A 20 -9.35 -0.99 8.16
CD2 CGU A 20 -7.03 -1.18 9.09
OE11 CGU A 20 -9.87 -0.51 7.16
OE12 CGU A 20 -9.85 -0.93 9.28
OE21 CGU A 20 -7.45 -1.12 10.24
OE22 CGU A 20 -5.92 -0.85 8.75
H CGU A 20 -5.77 -2.94 7.39
HA CGU A 20 -7.75 -4.97 7.05
HB2 CGU A 20 -7.66 -3.53 9.05
HB3 CGU A 20 -9.24 -3.42 8.27
HG CGU A 20 -7.59 -1.47 7.03
N ALA A 21 -7.82 -2.62 4.91
CA ALA A 21 -8.51 -2.12 3.69
C ALA A 21 -9.03 -3.28 2.86
N CYS A 22 -8.50 -4.45 3.07
CA CYS A 22 -8.97 -5.63 2.30
C CYS A 22 -8.04 -6.82 2.59
N SER A 23 -6.80 -6.57 2.90
CA SER A 23 -5.85 -7.68 3.17
C SER A 23 -5.43 -8.30 1.83
N LEU A 24 -6.29 -9.10 1.23
CA LEU A 24 -5.95 -9.72 -0.07
C LEU A 24 -7.24 -10.21 -0.74
N CGU A 25 -8.35 -9.62 -0.39
CA CGU A 25 -9.65 -10.03 -0.98
C CGU A 25 -9.84 -9.42 -2.37
O CGU A 25 -9.78 -10.10 -3.37
CB CGU A 25 -10.79 -9.59 -0.07
CG CGU A 25 -11.52 -10.81 0.49
CD1 CGU A 25 -11.88 -11.77 -0.66
CD2 CGU A 25 -10.62 -11.52 1.50
OE11 CGU A 25 -11.78 -12.96 -0.44
OE12 CGU A 25 -12.22 -11.28 -1.72
OE21 CGU A 25 -10.78 -11.27 2.68
OE22 CGU A 25 -9.80 -12.31 1.07
H CGU A 25 -8.33 -8.89 0.27
HA CGU A 25 -9.67 -11.11 -1.07
HB2 CGU A 25 -11.49 -8.98 -0.64
HB3 CGU A 25 -10.40 -9.00 0.75
HG CGU A 25 -12.44 -10.49 0.98
N CGU A 26 -10.08 -8.13 -2.43
CA CGU A 26 -10.29 -7.47 -3.75
C CGU A 26 -8.99 -7.42 -4.56
O CGU A 26 -9.01 -7.69 -5.75
CB CGU A 26 -10.82 -6.05 -3.52
CG CGU A 26 -12.29 -5.99 -3.93
CD1 CGU A 26 -12.43 -6.24 -5.43
CD2 CGU A 26 -13.08 -7.05 -3.17
OE11 CGU A 26 -11.84 -5.49 -6.19
OE12 CGU A 26 -13.10 -7.18 -5.79
OE21 CGU A 26 -12.59 -7.52 -2.15
OE22 CGU A 26 -14.16 -7.40 -3.61
H CGU A 26 -10.13 -7.61 -1.61
HA CGU A 26 -11.04 -8.03 -4.30
HB2 CGU A 26 -10.25 -5.35 -4.12
HB3 CGU A 26 -10.72 -5.79 -2.48
HG CGU A 26 -12.69 -5.01 -3.69
N ALA A 27 -7.89 -7.06 -3.95
CA ALA A 27 -6.60 -6.99 -4.72
C ALA A 27 -6.52 -8.16 -5.70
N ARG A 28 -7.16 -9.25 -5.39
CA ARG A 28 -7.14 -10.43 -6.29
C ARG A 28 -7.49 -10.02 -7.72
N CGU A 29 -8.72 -9.69 -7.92
CA CGU A 29 -9.20 -9.31 -9.29
C CGU A 29 -9.39 -7.80 -9.39
O CGU A 29 -10.05 -7.32 -10.30
CB CGU A 29 -10.53 -9.99 -9.55
CG CGU A 29 -10.33 -11.51 -9.67
CD1 CGU A 29 -11.63 -12.16 -10.15
CD2 CGU A 29 -9.21 -11.80 -10.66
OE11 CGU A 29 -12.67 -11.54 -10.02
OE12 CGU A 29 -11.55 -13.28 -10.64
OE21 CGU A 29 -8.39 -12.66 -10.38
OE22 CGU A 29 -9.19 -11.16 -11.70
H CGU A 29 -9.33 -9.73 -7.17
HA CGU A 29 -8.48 -9.63 -10.02
HB2 CGU A 29 -10.95 -9.62 -10.47
HB3 CGU A 29 -11.20 -9.79 -8.74
HG CGU A 29 -10.06 -11.91 -8.69
N VAL A 30 -8.85 -7.04 -8.48
CA VAL A 30 -9.03 -5.56 -8.56
C VAL A 30 -8.07 -4.98 -9.59
N PHE A 31 -7.03 -5.70 -9.93
CA PHE A 31 -6.07 -5.18 -10.94
C PHE A 31 -6.33 -5.82 -12.31
N CGU A 32 -7.10 -5.18 -13.14
CA CGU A 32 -7.35 -5.74 -14.50
C CGU A 32 -6.03 -5.76 -15.26
O CGU A 32 -5.88 -6.45 -16.26
CB CGU A 32 -8.35 -4.87 -15.24
CG CGU A 32 -9.72 -5.56 -15.28
CD1 CGU A 32 -9.60 -6.90 -16.00
CD2 CGU A 32 -10.21 -5.79 -13.84
OE11 CGU A 32 -10.62 -7.53 -16.23
OE12 CGU A 32 -8.48 -7.30 -16.30
OE21 CGU A 32 -9.57 -5.28 -12.93
OE22 CGU A 32 -11.19 -6.48 -13.68
H CGU A 32 -7.48 -4.31 -12.88
HA CGU A 32 -7.74 -6.75 -14.41
HB2 CGU A 32 -8.01 -4.72 -16.25
HB3 CGU A 32 -8.44 -3.92 -14.75
HG CGU A 32 -10.43 -4.94 -15.80
N ASP A 33 -5.10 -4.97 -14.82
CA ASP A 33 -3.78 -4.90 -15.52
C ASP A 33 -3.32 -6.26 -15.99
N ALA A 34 -2.81 -6.34 -17.19
CA ALA A 34 -2.32 -7.64 -17.73
C ALA A 34 -0.92 -7.90 -17.17
N CGU A 35 -0.15 -6.87 -17.01
CA CGU A 35 1.21 -7.04 -16.43
C CGU A 35 1.03 -7.11 -14.92
O CGU A 35 1.46 -8.04 -14.27
CB CGU A 35 2.11 -5.87 -16.82
CG CGU A 35 2.17 -5.75 -18.34
CD1 CGU A 35 1.70 -4.37 -18.76
CD2 CGU A 35 3.60 -5.98 -18.81
OE11 CGU A 35 2.37 -3.40 -18.42
OE12 CGU A 35 0.68 -4.27 -19.42
OE21 CGU A 35 4.43 -5.12 -18.56
OE22 CGU A 35 3.85 -7.00 -19.42
H CGU A 35 -0.47 -5.98 -17.25
HA CGU A 35 1.63 -7.98 -16.78
HB2 CGU A 35 3.10 -6.04 -16.43
HB3 CGU A 35 1.71 -4.96 -16.40
HG CGU A 35 1.52 -6.50 -18.78
N GLN A 36 0.37 -6.13 -14.34
CA GLN A 36 0.16 -6.19 -12.88
C GLN A 36 -0.51 -7.51 -12.56
N THR A 37 -1.40 -7.99 -13.39
CA THR A 37 -2.02 -9.31 -13.07
C THR A 37 -0.90 -10.23 -12.58
N ASP A 38 0.07 -10.48 -13.40
CA ASP A 38 1.22 -11.31 -12.95
C ASP A 38 2.21 -10.45 -12.14
N CGU A 39 2.95 -9.55 -12.79
CA CGU A 39 3.93 -8.68 -12.04
C CGU A 39 3.46 -8.51 -10.60
O CGU A 39 4.13 -8.87 -9.65
CB CGU A 39 4.00 -7.31 -12.72
CG CGU A 39 5.35 -7.16 -13.41
CD1 CGU A 39 5.27 -7.75 -14.83
CD2 CGU A 39 5.71 -5.67 -13.51
OE11 CGU A 39 5.67 -7.07 -15.75
OE12 CGU A 39 4.80 -8.87 -14.95
OE21 CGU A 39 4.99 -4.96 -14.19
OE22 CGU A 39 6.69 -5.27 -12.90
H CGU A 39 2.87 -9.47 -13.76
HA CGU A 39 4.91 -9.13 -12.04
HB2 CGU A 39 3.89 -6.54 -11.97
HB3 CGU A 39 3.21 -7.23 -13.45
HG CGU A 39 6.12 -7.68 -12.85
N PHE A 40 2.30 -7.96 -10.43
CA PHE A 40 1.72 -7.76 -9.07
C PHE A 40 1.86 -9.07 -8.27
N TRP A 41 1.32 -10.15 -8.79
CA TRP A 41 1.41 -11.46 -8.07
C TRP A 41 2.80 -12.12 -8.21
N SER A 42 3.21 -12.48 -9.41
CA SER A 42 4.52 -13.17 -9.64
C SER A 42 5.65 -12.57 -8.81
N LYS A 43 6.05 -11.38 -9.14
CA LYS A 43 7.18 -10.73 -8.39
C LYS A 43 6.67 -10.14 -7.08
N TYR A 44 5.69 -10.75 -6.48
CA TYR A 44 5.15 -10.22 -5.19
C TYR A 44 6.05 -10.67 -4.02
N LYS A 45 7.33 -10.77 -4.22
CA LYS A 45 8.23 -11.16 -3.10
C LYS A 45 8.80 -9.88 -2.49
N ASP A 46 7.99 -8.86 -2.42
CA ASP A 46 8.45 -7.55 -1.86
C ASP A 46 7.51 -7.10 -0.74
N GLY A 47 6.48 -7.85 -0.47
CA GLY A 47 5.52 -7.44 0.60
C GLY A 47 4.71 -6.25 0.11
N ASP A 48 4.85 -5.89 -1.14
CA ASP A 48 4.09 -4.74 -1.72
C ASP A 48 4.83 -3.42 -1.44
N GLN A 49 6.01 -3.51 -0.88
CA GLN A 49 6.81 -2.27 -0.59
C GLN A 49 6.37 -1.60 0.70
N CYS A 50 5.11 -1.42 0.90
CA CYS A 50 4.64 -0.76 2.16
C CYS A 50 4.56 -1.78 3.29
N GLU A 51 4.88 -3.02 3.01
CA GLU A 51 4.84 -4.06 4.07
C GLU A 51 6.05 -3.85 5.00
N GLY A 52 5.92 -4.16 6.25
CA GLY A 52 7.06 -3.97 7.19
C GLY A 52 6.98 -2.57 7.81
N HIS A 53 5.99 -1.80 7.46
CA HIS A 53 5.84 -0.46 8.04
C HIS A 53 7.13 0.34 7.82
N PRO A 54 7.44 0.57 6.57
CA PRO A 54 8.64 1.33 6.18
C PRO A 54 8.63 2.71 6.82
N CYS A 55 7.48 3.33 6.90
CA CYS A 55 7.40 4.69 7.51
C CYS A 55 7.22 4.56 9.03
N LEU A 56 7.35 5.65 9.74
CA LEU A 56 7.19 5.60 11.22
C LEU A 56 6.57 6.92 11.71
N ASN A 57 6.47 7.06 12.99
CA ASN A 57 5.88 8.29 13.57
C ASN A 57 4.66 8.70 12.77
N GLN A 58 3.66 7.87 12.76
CA GLN A 58 2.41 8.23 12.04
C GLN A 58 2.76 8.79 10.67
N GLY A 59 3.77 8.25 10.07
CA GLY A 59 4.19 8.74 8.72
C GLY A 59 3.29 8.12 7.65
N HIS A 60 3.10 8.81 6.55
CA HIS A 60 2.24 8.26 5.47
C HIS A 60 3.05 7.24 4.67
N CYS A 61 2.40 6.44 3.86
CA CYS A 61 3.14 5.42 3.07
C CYS A 61 2.58 5.34 1.65
N LYS A 62 3.42 5.44 0.66
CA LYS A 62 2.94 5.32 -0.74
C LYS A 62 3.33 3.92 -1.20
N BHD A 63 3.11 3.56 -2.43
CA BHD A 63 3.48 2.17 -2.83
CB BHD A 63 2.40 1.22 -2.31
OB BHD A 63 1.41 1.03 -3.29
CG BHD A 63 3.01 -0.14 -2.00
OD1 BHD A 63 3.83 -0.22 -1.10
OD2 BHD A 63 2.65 -1.09 -2.70
C BHD A 63 3.62 2.03 -4.33
O BHD A 63 3.53 2.98 -5.09
H BHD A 63 2.70 4.18 -3.07
HA BHD A 63 4.42 1.92 -2.35
HB BHD A 63 1.96 1.64 -1.40
HOB BHD A 63 1.77 0.45 -3.97
N GLY A 64 3.87 0.82 -4.76
CA GLY A 64 4.06 0.54 -6.22
C GLY A 64 4.96 -0.68 -6.34
N ILE A 65 4.66 -1.59 -7.22
CA ILE A 65 5.54 -2.80 -7.33
C ILE A 65 7.01 -2.35 -7.35
N GLY A 66 7.38 -1.54 -8.30
CA GLY A 66 8.81 -1.08 -8.39
C GLY A 66 9.33 -0.67 -7.02
N ASP A 67 8.51 -0.05 -6.21
CA ASP A 67 8.98 0.37 -4.85
C ASP A 67 7.86 1.14 -4.12
N TYR A 68 8.23 2.09 -3.29
CA TYR A 68 7.19 2.86 -2.54
C TYR A 68 7.76 4.21 -2.11
N THR A 69 7.05 4.94 -1.29
CA THR A 69 7.54 6.28 -0.85
C THR A 69 6.82 6.68 0.43
N CYS A 70 7.50 6.76 1.53
CA CYS A 70 6.84 7.15 2.78
C CYS A 70 6.68 8.67 2.83
N THR A 71 6.28 9.14 3.97
CA THR A 71 6.09 10.61 4.17
C THR A 71 6.09 10.89 5.67
N CYS A 72 6.19 12.14 6.05
CA CYS A 72 6.19 12.47 7.50
C CYS A 72 5.15 13.57 7.77
N ALA A 73 4.23 13.33 8.68
CA ALA A 73 3.19 14.36 8.98
C ALA A 73 3.83 15.72 9.24
N GLU A 74 3.02 16.71 9.51
CA GLU A 74 3.54 18.04 9.81
C GLU A 74 3.97 18.05 11.26
N GLY A 75 5.23 17.95 11.42
CA GLY A 75 5.84 17.90 12.77
C GLY A 75 6.57 16.58 12.93
N PHE A 76 6.93 15.98 11.85
CA PHE A 76 7.61 14.67 11.91
C PHE A 76 9.00 14.79 11.28
N GLU A 77 9.90 13.88 11.59
CA GLU A 77 11.27 13.99 11.00
C GLU A 77 11.95 12.61 10.99
N GLY A 78 13.03 12.48 10.26
CA GLY A 78 13.74 11.17 10.21
C GLY A 78 13.39 10.46 8.91
N LYS A 79 14.13 9.44 8.55
CA LYS A 79 13.85 8.71 7.31
C LYS A 79 12.43 8.17 7.36
N ASN A 80 12.04 7.70 8.49
CA ASN A 80 10.66 7.16 8.66
C ASN A 80 9.89 8.06 9.61
N CYS A 81 10.28 9.30 9.72
CA CYS A 81 9.55 10.22 10.63
C CYS A 81 9.86 9.83 12.09
N GLU A 82 10.75 8.90 12.28
CA GLU A 82 11.13 8.44 13.64
C GLU A 82 11.06 9.59 14.66
N PHE A 83 11.61 10.72 14.33
CA PHE A 83 11.61 11.87 15.27
C PHE A 83 10.34 12.69 15.10
N SER A 84 9.32 12.36 15.84
CA SER A 84 8.05 13.15 15.74
C SER A 84 8.30 14.51 16.40
N THR A 85 8.67 15.49 15.62
CA THR A 85 8.95 16.84 16.20
C THR A 85 7.87 17.20 17.22
N ARG A 86 6.70 16.69 17.03
CA ARG A 86 5.59 16.99 17.97
C ARG A 86 4.49 15.94 17.81
N ALA A 1 3.59 2.66 -20.80
CA ALA A 1 3.29 1.73 -19.68
C ALA A 1 2.20 0.75 -20.11
N ASN A 2 1.06 1.26 -20.51
CA ASN A 2 -0.05 0.36 -20.95
C ASN A 2 -0.44 -0.57 -19.80
N SER A 3 -1.22 -1.57 -20.07
CA SER A 3 -1.64 -2.51 -18.99
C SER A 3 -0.43 -2.93 -18.17
N PHE A 4 -0.14 -2.24 -17.11
CA PHE A 4 1.03 -2.61 -16.26
C PHE A 4 0.81 -3.99 -15.67
N LEU A 5 -0.36 -4.27 -15.16
CA LEU A 5 -0.59 -5.62 -14.60
C LEU A 5 -0.43 -6.65 -15.72
N CGU A 6 -1.14 -7.75 -15.68
CA CGU A 6 -0.95 -8.75 -16.75
C CGU A 6 0.56 -8.99 -16.86
O CGU A 6 1.09 -9.37 -17.88
CB CGU A 6 -1.48 -8.21 -18.08
CG CGU A 6 -2.71 -8.99 -18.49
CD1 CGU A 6 -3.60 -8.12 -19.38
CD2 CGU A 6 -2.30 -10.24 -19.28
OE11 CGU A 6 -3.07 -7.46 -20.25
OE12 CGU A 6 -4.80 -8.11 -19.16
OE21 CGU A 6 -2.26 -10.16 -20.49
OE22 CGU A 6 -2.02 -11.24 -18.65
H CGU A 6 -1.76 -7.92 -14.95
HA CGU A 6 -1.44 -9.68 -16.50
HB2 CGU A 6 -0.72 -8.30 -18.83
HB3 CGU A 6 -1.73 -7.17 -17.95
HG CGU A 6 -3.27 -9.29 -17.60
N CGU A 7 1.26 -8.73 -15.78
CA CGU A 7 2.73 -8.88 -15.76
C CGU A 7 3.21 -8.46 -14.35
O CGU A 7 4.32 -7.98 -14.19
CB CGU A 7 3.35 -7.95 -16.81
CG CGU A 7 4.86 -8.17 -16.86
CD1 CGU A 7 5.23 -8.97 -18.11
CD2 CGU A 7 5.57 -6.82 -16.89
OE11 CGU A 7 4.87 -10.13 -18.17
OE12 CGU A 7 5.86 -8.40 -18.98
OE21 CGU A 7 5.37 -6.09 -17.86
OE22 CGU A 7 6.30 -6.52 -15.95
H CGU A 7 0.79 -8.40 -14.99
HA CGU A 7 3.00 -9.90 -15.95
HB2 CGU A 7 3.14 -6.92 -16.55
HB3 CGU A 7 2.92 -8.18 -17.77
HG CGU A 7 5.17 -8.72 -15.97
N VAL A 8 2.39 -8.62 -13.35
CA VAL A 8 2.78 -8.23 -11.99
C VAL A 8 3.63 -9.35 -11.40
N LYS A 9 3.61 -9.52 -10.12
CA LYS A 9 4.42 -10.59 -9.47
C LYS A 9 3.68 -11.94 -9.56
N GLN A 10 2.81 -12.11 -10.52
CA GLN A 10 2.06 -13.39 -10.64
C GLN A 10 0.88 -13.40 -9.65
N GLY A 11 0.85 -12.47 -8.73
CA GLY A 11 -0.26 -12.43 -7.73
C GLY A 11 -0.05 -11.24 -6.80
N ASN A 12 -1.04 -10.41 -6.65
CA ASN A 12 -0.88 -9.23 -5.75
C ASN A 12 -1.75 -9.41 -4.50
N LEU A 13 -1.45 -8.71 -3.43
CA LEU A 13 -2.26 -8.87 -2.19
C LEU A 13 -1.67 -7.97 -1.11
N CGU A 14 -2.52 -7.43 -0.28
CA CGU A 14 -2.08 -6.52 0.80
C CGU A 14 -2.27 -5.11 0.27
O CGU A 14 -3.25 -4.46 0.56
CB CGU A 14 -0.61 -6.74 1.18
CG CGU A 14 -0.41 -6.37 2.66
CD1 CGU A 14 -1.38 -7.18 3.52
CD2 CGU A 14 1.03 -6.70 3.06
OE11 CGU A 14 -2.42 -6.65 3.86
OE12 CGU A 14 -1.06 -8.32 3.84
OE21 CGU A 14 1.29 -7.85 3.36
OE22 CGU A 14 1.85 -5.79 3.06
H CGU A 14 -3.47 -7.63 -0.39
HA CGU A 14 -2.72 -6.66 1.66
HB2 CGU A 14 0.02 -6.13 0.57
HB3 CGU A 14 -0.36 -7.78 1.03
HG CGU A 14 -0.59 -5.32 2.79
N ARG A 15 -1.40 -4.67 -0.59
CA ARG A 15 -1.62 -3.37 -1.20
C ARG A 15 -2.52 -3.65 -2.36
N CGU A 16 -3.78 -3.43 -2.22
CA CGU A 16 -4.70 -3.73 -3.34
C CGU A 16 -4.52 -2.68 -4.44
O CGU A 16 -5.48 -2.09 -4.90
CB CGU A 16 -6.14 -3.74 -2.83
CG CGU A 16 -6.73 -5.14 -2.98
CD1 CGU A 16 -8.16 -5.17 -2.43
CD2 CGU A 16 -6.76 -5.54 -4.45
OE11 CGU A 16 -8.57 -4.19 -1.84
OE12 CGU A 16 -8.83 -6.18 -2.63
OE21 CGU A 16 -7.66 -6.28 -4.83
OE22 CGU A 16 -5.89 -5.10 -5.18
H CGU A 16 -4.13 -3.11 -1.38
HA CGU A 16 -4.46 -4.71 -3.74
HB2 CGU A 16 -6.73 -3.03 -3.39
HB3 CGU A 16 -6.15 -3.46 -1.78
HG CGU A 16 -6.13 -5.83 -2.42
N CYS A 17 -3.30 -2.44 -4.86
CA CYS A 17 -3.03 -1.42 -5.93
C CYS A 17 -2.92 -0.03 -5.31
N LEU A 18 -3.95 0.42 -4.66
CA LEU A 18 -3.92 1.77 -4.03
C LEU A 18 -3.81 2.85 -5.10
N CGU A 19 -2.63 3.16 -5.48
CA CGU A 19 -2.40 4.22 -6.51
C CGU A 19 -2.51 3.64 -7.92
O CGU A 19 -3.31 2.75 -8.18
CB CGU A 19 -1.00 4.80 -6.31
CG CGU A 19 -0.80 5.17 -4.84
CD1 CGU A 19 0.53 4.59 -4.34
CD2 CGU A 19 -0.77 6.70 -4.70
OE11 CGU A 19 0.57 4.18 -3.20
OE12 CGU A 19 1.46 4.56 -5.12
OE21 CGU A 19 -1.77 7.32 -5.03
OE22 CGU A 19 0.25 7.21 -4.27
H CGU A 19 -1.87 2.69 -5.08
HA CGU A 19 -3.13 5.00 -6.38
HB2 CGU A 19 -0.89 5.68 -6.92
HB3 CGU A 19 -0.26 4.06 -6.60
HG CGU A 19 -1.62 4.77 -4.26
N CGU A 20 -1.72 4.13 -8.84
CA CGU A 20 -1.76 3.61 -10.23
C CGU A 20 -1.23 2.18 -10.29
O CGU A 20 -1.21 1.56 -11.32
CB CGU A 20 -0.92 4.51 -11.14
CG CGU A 20 -1.56 5.89 -11.23
CD1 CGU A 20 -0.49 6.96 -10.96
CD2 CGU A 20 -2.15 6.10 -12.62
OE11 CGU A 20 -0.83 7.98 -10.37
OE12 CGU A 20 0.64 6.75 -11.36
OE21 CGU A 20 -3.18 6.73 -12.73
OE22 CGU A 20 -1.54 5.62 -13.57
H CGU A 20 -1.08 4.83 -8.61
HA CGU A 20 -2.79 3.62 -10.58
HB2 CGU A 20 -0.87 4.08 -12.13
HB3 CGU A 20 0.07 4.60 -10.73
HG CGU A 20 -2.34 5.98 -10.48
N ALA A 21 -0.78 1.66 -9.18
CA ALA A 21 -0.26 0.26 -9.17
C ALA A 21 -1.25 -0.66 -9.87
N CYS A 22 -2.48 -0.24 -9.94
CA CYS A 22 -3.52 -1.07 -10.61
C CYS A 22 -4.90 -0.44 -10.40
N SER A 23 -5.06 0.36 -9.38
CA SER A 23 -6.38 1.03 -9.13
C SER A 23 -7.49 -0.02 -9.08
N LEU A 24 -8.67 0.34 -9.52
CA LEU A 24 -9.81 -0.62 -9.48
C LEU A 24 -9.70 -1.61 -10.65
N CGU A 25 -8.61 -1.58 -11.37
CA CGU A 25 -8.45 -2.51 -12.52
C CGU A 25 -8.34 -3.96 -12.00
O CGU A 25 -9.31 -4.55 -11.61
CB CGU A 25 -7.20 -2.12 -13.31
CG CGU A 25 -7.41 -0.75 -13.94
CD1 CGU A 25 -6.19 -0.39 -14.81
CD2 CGU A 25 -8.67 -0.77 -14.82
OE11 CGU A 25 -6.39 0.07 -15.92
OE12 CGU A 25 -5.08 -0.59 -14.34
OE21 CGU A 25 -9.45 0.15 -14.72
OE22 CGU A 25 -8.82 -1.73 -15.58
H CGU A 25 -7.90 -0.94 -11.15
HA CGU A 25 -9.32 -2.44 -13.16
HB2 CGU A 25 -7.03 -2.86 -14.08
HB3 CGU A 25 -6.35 -2.09 -12.65
HG CGU A 25 -7.52 0.00 -13.17
N CGU A 26 -7.16 -4.52 -12.02
CA CGU A 26 -7.00 -5.93 -11.55
C CGU A 26 -6.91 -5.99 -10.02
O CGU A 26 -6.39 -6.94 -9.46
CB CGU A 26 -5.74 -6.53 -12.15
CG CGU A 26 -6.06 -7.13 -13.52
CD1 CGU A 26 -5.30 -6.37 -14.61
CD2 CGU A 26 -5.65 -8.61 -13.55
OE11 CGU A 26 -4.84 -5.27 -14.33
OE12 CGU A 26 -5.19 -6.89 -15.70
OE21 CGU A 26 -4.93 -9.01 -12.64
OE22 CGU A 26 -6.05 -9.30 -14.47
H CGU A 26 -6.38 -4.03 -12.35
HA CGU A 26 -7.85 -6.51 -11.87
HB2 CGU A 26 -5.35 -7.30 -11.51
HB3 CGU A 26 -4.99 -5.76 -12.27
HG CGU A 26 -7.12 -7.05 -13.70
N ALA A 27 -7.39 -5.00 -9.31
CA ALA A 27 -7.31 -5.05 -7.82
C ALA A 27 -8.19 -6.19 -7.30
N ARG A 28 -9.48 -6.00 -7.27
CA ARG A 28 -10.37 -7.09 -6.75
C ARG A 28 -10.32 -8.31 -7.65
N CGU A 29 -9.80 -8.16 -8.82
CA CGU A 29 -9.73 -9.31 -9.77
C CGU A 29 -8.58 -10.25 -9.41
O CGU A 29 -8.71 -11.46 -9.49
CB CGU A 29 -9.52 -8.78 -11.20
CG CGU A 29 -10.88 -8.48 -11.83
CD1 CGU A 29 -10.84 -7.10 -12.49
CD2 CGU A 29 -11.19 -9.54 -12.89
OE11 CGU A 29 -9.77 -6.71 -12.93
OE12 CGU A 29 -11.88 -6.46 -12.54
OE21 CGU A 29 -11.18 -9.20 -14.07
OE22 CGU A 29 -11.43 -10.67 -12.52
H CGU A 29 -9.47 -7.29 -9.07
HA CGU A 29 -10.66 -9.86 -9.74
HB2 CGU A 29 -9.01 -9.52 -11.79
HB3 CGU A 29 -8.93 -7.87 -11.16
HG CGU A 29 -11.65 -8.50 -11.07
N VAL A 30 -7.44 -9.72 -9.05
CA VAL A 30 -6.28 -10.59 -8.71
C VAL A 30 -6.25 -10.83 -7.19
N PHE A 31 -7.18 -10.30 -6.48
CA PHE A 31 -7.16 -10.46 -5.00
C PHE A 31 -8.27 -11.35 -4.48
N CGU A 32 -7.92 -12.27 -3.63
CA CGU A 32 -8.94 -13.12 -2.97
C CGU A 32 -9.50 -12.29 -1.81
O CGU A 32 -10.47 -12.66 -1.18
CB CGU A 32 -8.28 -14.38 -2.41
CG CGU A 32 -9.10 -15.61 -2.82
CD1 CGU A 32 -10.57 -15.40 -2.47
CD2 CGU A 32 -8.96 -15.82 -4.34
OE11 CGU A 32 -10.83 -14.96 -1.37
OE12 CGU A 32 -11.40 -15.68 -3.32
OE21 CGU A 32 -9.21 -14.89 -5.06
OE22 CGU A 32 -8.60 -16.92 -4.72
H CGU A 32 -6.97 -12.36 -3.37
HA CGU A 32 -9.73 -13.37 -3.67
HB2 CGU A 32 -8.27 -14.31 -1.33
HB3 CGU A 32 -7.28 -14.46 -2.79
HG CGU A 32 -8.72 -16.48 -2.30
N ASP A 33 -8.86 -11.19 -1.53
CA ASP A 33 -9.28 -10.30 -0.41
C ASP A 33 -10.80 -10.21 -0.33
N ALA A 34 -11.40 -10.97 0.55
CA ALA A 34 -12.88 -10.86 0.71
C ALA A 34 -13.15 -9.61 1.52
N CGU A 35 -12.23 -9.25 2.36
CA CGU A 35 -12.38 -8.01 3.16
C CGU A 35 -11.96 -6.83 2.29
O CGU A 35 -12.78 -5.99 1.97
CB CGU A 35 -11.49 -8.07 4.41
CG CGU A 35 -11.56 -9.47 5.02
CD1 CGU A 35 -10.26 -10.23 4.72
CD2 CGU A 35 -11.72 -9.35 6.54
OE11 CGU A 35 -9.28 -9.57 4.39
OE12 CGU A 35 -10.27 -11.45 4.81
OE21 CGU A 35 -10.78 -8.93 7.19
OE22 CGU A 35 -12.79 -9.69 7.02
H CGU A 35 -11.41 -9.79 2.45
HA CGU A 35 -13.41 -7.90 3.45
HB2 CGU A 35 -11.83 -7.34 5.14
HB3 CGU A 35 -10.47 -7.85 4.13
HG CGU A 35 -12.39 -10.01 4.60
N GLN A 36 -10.72 -6.75 1.90
CA GLN A 36 -10.32 -5.59 1.06
C GLN A 36 -11.33 -5.45 -0.07
N THR A 37 -11.93 -6.51 -0.54
CA THR A 37 -12.94 -6.32 -1.62
C THR A 37 -13.86 -5.17 -1.17
N ASP A 38 -14.51 -5.33 -0.06
CA ASP A 38 -15.38 -4.24 0.48
C ASP A 38 -14.51 -3.21 1.23
N CGU A 39 -13.92 -3.63 2.32
CA CGU A 39 -13.06 -2.70 3.12
C CGU A 39 -12.27 -1.79 2.17
O CGU A 39 -12.38 -0.58 2.25
CB CGU A 39 -12.08 -3.52 3.96
CG CGU A 39 -12.32 -3.22 5.45
CD1 CGU A 39 -12.18 -1.72 5.69
CD2 CGU A 39 -13.74 -3.68 5.83
OE11 CGU A 39 -11.69 -1.04 4.81
OE12 CGU A 39 -12.57 -1.27 6.76
OE21 CGU A 39 -13.92 -4.04 6.98
OE22 CGU A 39 -14.60 -3.65 4.96
H CGU A 39 -14.03 -4.56 2.61
HA CGU A 39 -13.68 -2.11 3.77
HB2 CGU A 39 -11.06 -3.25 3.71
HB3 CGU A 39 -12.22 -4.57 3.78
HG CGU A 39 -11.60 -3.75 6.05
N PHE A 40 -11.51 -2.36 1.28
CA PHE A 40 -10.74 -1.53 0.30
C PHE A 40 -11.69 -0.43 -0.19
N TRP A 41 -12.83 -0.84 -0.66
CA TRP A 41 -13.84 0.14 -1.12
C TRP A 41 -14.58 0.67 0.12
N SER A 42 -15.50 1.58 -0.05
CA SER A 42 -16.26 2.10 1.12
C SER A 42 -15.33 2.84 2.08
N LYS A 43 -15.39 4.14 2.09
CA LYS A 43 -14.52 4.96 3.00
C LYS A 43 -13.12 5.05 2.39
N TYR A 44 -12.99 4.70 1.14
CA TYR A 44 -11.66 4.77 0.48
C TYR A 44 -11.38 6.21 0.02
N LYS A 45 -11.82 7.20 0.76
CA LYS A 45 -11.57 8.60 0.35
C LYS A 45 -10.29 9.10 1.01
N ASP A 46 -9.34 8.22 1.20
CA ASP A 46 -8.07 8.63 1.86
C ASP A 46 -6.91 8.46 0.87
N GLY A 47 -7.20 8.06 -0.34
CA GLY A 47 -6.11 7.86 -1.34
C GLY A 47 -5.60 6.42 -1.23
N ASP A 48 -5.47 5.94 -0.02
CA ASP A 48 -5.00 4.53 0.22
C ASP A 48 -4.31 4.44 1.58
N GLN A 49 -4.49 5.40 2.45
CA GLN A 49 -3.85 5.37 3.79
C GLN A 49 -2.34 5.57 3.69
N CYS A 50 -1.78 5.52 2.50
CA CYS A 50 -0.31 5.73 2.36
C CYS A 50 -0.04 6.67 1.17
N GLU A 51 -1.06 7.29 0.62
CA GLU A 51 -0.84 8.21 -0.54
C GLU A 51 0.14 9.33 -0.14
N GLY A 52 -0.13 10.03 0.93
CA GLY A 52 0.78 11.13 1.34
C GLY A 52 2.12 10.59 1.82
N HIS A 53 2.28 9.30 1.87
CA HIS A 53 3.58 8.72 2.34
C HIS A 53 3.77 9.02 3.83
N PRO A 54 2.97 8.37 4.64
CA PRO A 54 3.01 8.52 6.10
C PRO A 54 4.37 8.15 6.67
N CYS A 55 4.99 7.13 6.13
CA CYS A 55 6.32 6.70 6.67
C CYS A 55 7.42 7.63 6.14
N LEU A 56 8.64 7.49 6.63
CA LEU A 56 9.73 8.37 6.16
C LEU A 56 11.06 7.64 6.21
N ASN A 57 12.12 8.35 5.94
CA ASN A 57 13.48 7.75 5.96
C ASN A 57 13.44 6.37 5.29
N GLN A 58 13.13 6.34 4.02
CA GLN A 58 13.13 5.05 3.30
C GLN A 58 12.37 4.00 4.10
N GLY A 59 11.37 4.41 4.81
CA GLY A 59 10.59 3.45 5.62
C GLY A 59 9.63 2.68 4.71
N HIS A 60 9.42 1.41 4.98
CA HIS A 60 8.47 0.64 4.13
C HIS A 60 7.06 0.99 4.59
N CYS A 61 6.24 1.44 3.69
CA CYS A 61 4.86 1.86 4.09
C CYS A 61 3.83 0.79 3.73
N LYS A 62 3.24 0.19 4.71
CA LYS A 62 2.18 -0.82 4.43
C LYS A 62 0.92 -0.01 4.14
N BHD A 63 -0.24 -0.61 4.06
CA BHD A 63 -1.42 0.22 3.76
CB BHD A 63 -1.51 0.40 2.26
OB BHD A 63 -0.22 0.64 1.72
CG BHD A 63 -2.02 -0.88 1.60
OD1 BHD A 63 -2.84 -0.78 0.70
OD2 BHD A 63 -1.58 -1.95 2.00
C BHD A 63 -2.71 -0.41 4.27
O BHD A 63 -2.72 -1.20 5.20
H BHD A 63 -0.32 -1.57 4.18
HA BHD A 63 -1.30 1.18 4.22
HB BHD A 63 -2.17 1.22 2.04
HOB BHD A 63 0.26 -0.19 1.72
N GLY A 64 -3.80 -0.03 3.68
CA GLY A 64 -5.14 -0.54 4.09
C GLY A 64 -6.12 0.63 4.00
N ILE A 65 -7.38 0.41 4.22
CA ILE A 65 -8.34 1.54 4.14
C ILE A 65 -8.56 2.14 5.52
N GLY A 66 -9.06 1.38 6.44
CA GLY A 66 -9.27 1.93 7.81
C GLY A 66 -7.99 2.66 8.25
N ASP A 67 -6.87 2.28 7.68
CA ASP A 67 -5.59 2.95 8.04
C ASP A 67 -4.43 2.27 7.30
N TYR A 68 -3.28 2.26 7.89
CA TYR A 68 -2.10 1.63 7.24
C TYR A 68 -1.03 1.33 8.29
N THR A 69 0.15 1.02 7.85
CA THR A 69 1.25 0.74 8.79
C THR A 69 2.54 1.27 8.18
N CYS A 70 3.62 1.27 8.90
CA CYS A 70 4.88 1.76 8.32
C CYS A 70 6.00 0.80 8.73
N THR A 71 7.20 1.13 8.40
CA THR A 71 8.35 0.26 8.77
C THR A 71 9.65 1.08 8.71
N CYS A 72 10.62 0.74 9.49
CA CYS A 72 11.91 1.50 9.46
C CYS A 72 13.06 0.54 9.10
N ALA A 73 13.81 0.83 8.08
CA ALA A 73 14.94 -0.06 7.68
C ALA A 73 15.91 -0.27 8.84
N GLU A 74 16.94 -1.04 8.60
CA GLU A 74 17.95 -1.29 9.62
C GLU A 74 18.85 -0.08 9.71
N GLY A 75 18.57 0.68 10.69
CA GLY A 75 19.31 1.94 10.94
C GLY A 75 18.35 3.10 10.87
N PHE A 76 17.09 2.83 11.04
CA PHE A 76 16.07 3.89 10.95
C PHE A 76 15.35 4.03 12.29
N GLU A 77 14.76 5.17 12.53
CA GLU A 77 14.04 5.36 13.84
C GLU A 77 13.03 6.51 13.73
N GLY A 78 12.11 6.58 14.66
CA GLY A 78 11.10 7.67 14.63
C GLY A 78 9.74 7.11 14.23
N LYS A 79 8.68 7.86 14.41
CA LYS A 79 7.34 7.36 14.04
C LYS A 79 7.34 6.96 12.58
N ASN A 80 8.01 7.74 11.78
CA ASN A 80 8.10 7.44 10.33
C ASN A 80 9.57 7.23 9.97
N CYS A 81 10.35 6.75 10.90
CA CYS A 81 11.79 6.55 10.61
C CYS A 81 12.46 7.93 10.43
N GLU A 82 11.74 8.96 10.77
CA GLU A 82 12.25 10.36 10.65
C GLU A 82 13.78 10.43 10.80
N PHE A 83 14.31 9.76 11.76
CA PHE A 83 15.77 9.81 11.97
C PHE A 83 16.41 8.55 11.43
N SER A 84 17.58 8.32 11.88
CA SER A 84 18.36 7.12 11.46
C SER A 84 19.23 6.65 12.63
N THR A 85 18.98 5.49 13.16
CA THR A 85 19.79 4.99 14.30
C THR A 85 21.24 4.81 13.86
N ARG A 86 21.45 4.75 12.60
CA ARG A 86 22.83 4.57 12.06
C ARG A 86 23.55 5.92 12.07
N ALA A 1 -22.70 -0.09 -7.11
CA ALA A 1 -22.98 0.64 -5.84
C ALA A 1 -21.87 0.33 -4.83
N ASN A 2 -20.93 1.22 -4.67
CA ASN A 2 -19.83 0.97 -3.70
C ASN A 2 -18.91 -0.14 -4.25
N SER A 3 -18.93 -0.35 -5.52
CA SER A 3 -18.06 -1.41 -6.11
C SER A 3 -17.60 -0.98 -7.51
N PHE A 4 -16.68 -0.05 -7.57
CA PHE A 4 -16.18 0.42 -8.90
C PHE A 4 -15.14 -0.55 -9.48
N LEU A 5 -15.16 -1.80 -9.08
CA LEU A 5 -14.16 -2.76 -9.62
C LEU A 5 -14.38 -2.93 -11.12
N CGU A 6 -15.61 -2.91 -11.55
CA CGU A 6 -15.89 -3.07 -13.01
C CGU A 6 -15.07 -2.04 -13.77
O CGU A 6 -14.80 -2.19 -14.95
CB CGU A 6 -17.38 -2.83 -13.27
CG CGU A 6 -17.73 -1.37 -12.99
CD1 CGU A 6 -17.81 -0.60 -14.31
CD2 CGU A 6 -19.06 -1.28 -12.26
OE11 CGU A 6 -18.05 -1.24 -15.33
OE12 CGU A 6 -17.65 0.60 -14.29
OE21 CGU A 6 -19.94 -0.59 -12.76
OE22 CGU A 6 -19.20 -1.92 -11.23
H CGU A 6 -16.35 -2.79 -10.92
HA CGU A 6 -15.62 -4.07 -13.32
HB2 CGU A 6 -17.96 -3.47 -12.63
HB3 CGU A 6 -17.60 -3.07 -14.31
HG CGU A 6 -16.95 -0.93 -12.37
N CGU A 7 -14.65 -1.00 -13.11
CA CGU A 7 -13.83 0.05 -13.78
C CGU A 7 -12.57 0.30 -12.96
O CGU A 7 -12.23 1.43 -12.65
CB CGU A 7 -14.65 1.34 -13.88
CG CGU A 7 -13.89 2.37 -14.71
CD1 CGU A 7 -14.32 2.27 -16.17
CD2 CGU A 7 -14.21 3.78 -14.19
OE11 CGU A 7 -15.52 2.27 -16.42
OE12 CGU A 7 -13.45 2.18 -17.02
OE21 CGU A 7 -14.14 4.71 -14.98
OE22 CGU A 7 -14.50 3.90 -13.01
H CGU A 7 -14.88 -0.90 -12.16
HA CGU A 7 -13.57 -0.28 -14.77
HB2 CGU A 7 -14.82 1.73 -12.88
HB3 CGU A 7 -15.60 1.14 -14.34
HG CGU A 7 -12.82 2.19 -14.63
N VAL A 8 -11.88 -0.74 -12.58
CA VAL A 8 -10.64 -0.59 -11.78
C VAL A 8 -9.86 0.61 -12.28
N LYS A 9 -10.01 1.69 -11.58
CA LYS A 9 -9.30 2.95 -11.96
C LYS A 9 -7.88 2.63 -12.43
N GLN A 10 -7.31 1.55 -11.95
CA GLN A 10 -5.93 1.19 -12.38
C GLN A 10 -4.96 2.29 -11.96
N GLY A 11 -4.00 1.99 -11.14
CA GLY A 11 -3.04 3.04 -10.70
C GLY A 11 -2.03 2.44 -9.72
N ASN A 12 -2.43 2.22 -8.50
CA ASN A 12 -1.50 1.65 -7.49
C ASN A 12 -1.80 0.16 -7.29
N LEU A 13 -0.89 -0.58 -6.70
CA LEU A 13 -1.14 -2.03 -6.50
C LEU A 13 -2.04 -2.23 -5.27
N CGU A 14 -1.63 -3.03 -4.31
CA CGU A 14 -2.49 -3.24 -3.11
C CGU A 14 -2.48 -1.97 -2.27
O CGU A 14 -3.37 -1.73 -1.48
CB CGU A 14 -1.94 -4.41 -2.29
CG CGU A 14 -2.50 -4.38 -0.87
CD1 CGU A 14 -4.00 -4.72 -0.91
CD2 CGU A 14 -1.77 -5.41 0.00
OE11 CGU A 14 -4.53 -4.85 -2.00
OE12 CGU A 14 -4.58 -4.85 0.16
OE21 CGU A 14 -1.42 -5.08 1.11
OE22 CGU A 14 -1.58 -6.52 -0.49
H CGU A 14 -0.77 -3.48 -4.39
HA CGU A 14 -3.50 -3.46 -3.42
HB2 CGU A 14 -0.86 -4.34 -2.25
HB3 CGU A 14 -2.22 -5.34 -2.76
HG CGU A 14 -2.38 -3.40 -0.45
N ARG A 15 -1.50 -1.14 -2.45
CA ARG A 15 -1.45 0.13 -1.65
C ARG A 15 -2.83 0.78 -1.70
N CGU A 16 -3.52 0.62 -2.79
CA CGU A 16 -4.88 1.23 -2.90
C CGU A 16 -5.90 0.33 -2.19
O CGU A 16 -6.75 0.80 -1.46
CB CGU A 16 -5.27 1.36 -4.38
CG CGU A 16 -6.28 2.49 -4.55
CD1 CGU A 16 -5.55 3.80 -4.82
CD2 CGU A 16 -7.21 2.16 -5.71
OE11 CGU A 16 -5.88 4.78 -4.19
OE12 CGU A 16 -4.66 3.79 -5.66
OE21 CGU A 16 -8.14 1.39 -5.52
OE22 CGU A 16 -6.98 2.69 -6.79
H CGU A 16 -3.16 0.12 -3.54
HA CGU A 16 -4.89 2.21 -2.44
HB2 CGU A 16 -5.69 0.43 -4.72
HB3 CGU A 16 -4.38 1.57 -4.95
HG CGU A 16 -6.86 2.58 -3.63
N CYS A 17 -5.84 -0.96 -2.40
CA CYS A 17 -6.82 -1.86 -1.72
C CYS A 17 -6.24 -2.39 -0.42
N LEU A 18 -5.45 -1.60 0.24
CA LEU A 18 -4.87 -2.05 1.54
C LEU A 18 -5.91 -1.85 2.64
N CGU A 19 -6.91 -1.08 2.34
CA CGU A 19 -7.99 -0.83 3.34
C CGU A 19 -9.33 -1.13 2.65
O CGU A 19 -9.40 -1.85 1.68
CB CGU A 19 -7.93 0.64 3.77
CG CGU A 19 -6.80 0.81 4.79
CD1 CGU A 19 -6.46 2.29 4.92
CD2 CGU A 19 -7.26 0.28 6.15
OE11 CGU A 19 -6.44 2.97 3.90
OE12 CGU A 19 -6.21 2.73 6.03
OE21 CGU A 19 -8.38 0.58 6.54
OE22 CGU A 19 -6.49 -0.43 6.78
H CGU A 19 -6.96 -0.66 1.47
HA CGU A 19 -7.86 -1.47 4.19
HB2 CGU A 19 -8.86 0.93 4.21
HB3 CGU A 19 -7.74 1.26 2.91
HG CGU A 19 -5.93 0.27 4.46
N CGU A 20 -10.41 -0.58 3.14
CA CGU A 20 -11.73 -0.84 2.49
C CGU A 20 -11.89 0.05 1.25
O CGU A 20 -12.96 0.12 0.67
CB CGU A 20 -12.86 -0.53 3.49
CG CGU A 20 -13.25 -1.81 4.25
CD1 CGU A 20 -14.19 -1.45 5.40
CD2 CGU A 20 -13.94 -2.77 3.29
OE11 CGU A 20 -13.85 -0.57 6.16
OE12 CGU A 20 -15.22 -2.09 5.50
OE21 CGU A 20 -13.60 -3.94 3.29
OE22 CGU A 20 -14.82 -2.32 2.56
H CGU A 20 -10.36 0.01 3.92
HA CGU A 20 -11.79 -1.88 2.20
HB2 CGU A 20 -13.72 -0.16 2.96
HB3 CGU A 20 -12.52 0.22 4.19
HG CGU A 20 -12.35 -2.27 4.63
N ALA A 21 -10.85 0.73 0.86
CA ALA A 21 -10.94 1.60 -0.34
C ALA A 21 -10.85 0.77 -1.62
N CYS A 22 -10.69 -0.52 -1.49
CA CYS A 22 -10.58 -1.38 -2.70
C CYS A 22 -10.39 -2.84 -2.27
N SER A 23 -10.70 -3.78 -3.13
CA SER A 23 -10.56 -5.22 -2.74
C SER A 23 -9.26 -5.80 -3.28
N LEU A 24 -9.18 -7.10 -3.34
CA LEU A 24 -7.94 -7.76 -3.85
C LEU A 24 -8.09 -8.05 -5.35
N CGU A 25 -9.24 -8.51 -5.75
CA CGU A 25 -9.45 -8.81 -7.20
C CGU A 25 -9.05 -7.60 -8.04
O CGU A 25 -8.66 -7.74 -9.18
CB CGU A 25 -10.93 -9.13 -7.45
CG CGU A 25 -11.09 -10.63 -7.72
CD1 CGU A 25 -11.69 -11.31 -6.47
CD2 CGU A 25 -12.04 -10.84 -8.90
OE11 CGU A 25 -12.35 -12.31 -6.63
OE12 CGU A 25 -11.47 -10.80 -5.39
OE21 CGU A 25 -12.33 -9.87 -9.59
OE22 CGU A 25 -12.46 -11.96 -9.11
H CGU A 25 -9.97 -8.66 -5.12
HA CGU A 25 -8.85 -9.67 -7.48
HB2 CGU A 25 -11.28 -8.57 -8.30
HB3 CGU A 25 -11.50 -8.85 -6.58
HG CGU A 25 -10.13 -11.07 -7.94
N CGU A 26 -9.14 -6.43 -7.49
CA CGU A 26 -8.78 -5.21 -8.25
C CGU A 26 -7.25 -5.02 -8.25
O CGU A 26 -6.65 -4.76 -9.27
CB CGU A 26 -9.44 -3.98 -7.62
CG CGU A 26 -9.26 -2.77 -8.52
CD1 CGU A 26 -10.26 -1.68 -8.13
CD2 CGU A 26 -7.84 -2.22 -8.38
OE11 CGU A 26 -11.30 -1.62 -8.77
OE12 CGU A 26 -9.97 -0.94 -7.21
OE21 CGU A 26 -7.21 -2.51 -7.37
OE22 CGU A 26 -7.40 -1.52 -9.27
H CGU A 26 -9.47 -6.34 -6.57
HA CGU A 26 -9.12 -5.31 -9.27
HB2 CGU A 26 -8.97 -3.79 -6.67
HB3 CGU A 26 -10.49 -4.18 -7.47
HG CGU A 26 -9.43 -3.06 -9.56
N ALA A 27 -6.62 -5.16 -7.11
CA ALA A 27 -5.14 -4.98 -7.07
C ALA A 27 -4.48 -5.97 -8.05
N ARG A 28 -4.92 -7.19 -8.09
CA ARG A 28 -4.30 -8.16 -9.03
C ARG A 28 -4.57 -7.73 -10.46
N CGU A 29 -5.59 -6.98 -10.65
CA CGU A 29 -5.95 -6.50 -12.02
C CGU A 29 -5.03 -5.34 -12.40
O CGU A 29 -4.91 -4.97 -13.54
CB CGU A 29 -7.41 -6.03 -12.04
CG CGU A 29 -8.31 -7.19 -12.46
CD1 CGU A 29 -9.75 -6.88 -12.08
CD2 CGU A 29 -8.20 -7.40 -13.97
OE11 CGU A 29 -10.18 -7.33 -11.03
OE12 CGU A 29 -10.41 -6.19 -12.86
OE21 CGU A 29 -9.23 -7.66 -14.58
OE22 CGU A 29 -7.11 -7.30 -14.49
H CGU A 29 -6.13 -6.71 -9.88
HA CGU A 29 -5.81 -7.31 -12.73
HB2 CGU A 29 -7.51 -5.22 -12.76
HB3 CGU A 29 -7.69 -5.69 -11.06
HG CGU A 29 -7.99 -8.09 -11.94
N VAL A 30 -4.39 -4.75 -11.42
CA VAL A 30 -3.48 -3.61 -11.70
C VAL A 30 -2.13 -4.13 -12.19
N PHE A 31 -1.61 -5.18 -11.61
CA PHE A 31 -0.30 -5.69 -12.08
C PHE A 31 -0.46 -7.08 -12.69
N CGU A 32 -0.13 -7.21 -13.95
CA CGU A 32 -0.22 -8.53 -14.63
C CGU A 32 0.94 -9.41 -14.17
O CGU A 32 1.07 -10.55 -14.60
CB CGU A 32 -0.11 -8.34 -16.13
CG CGU A 32 -1.20 -9.13 -16.85
CD1 CGU A 32 -1.24 -10.56 -16.32
CD2 CGU A 32 -2.56 -8.46 -16.60
OE11 CGU A 32 -0.57 -11.40 -16.89
OE12 CGU A 32 -1.94 -10.80 -15.34
OE21 CGU A 32 -3.57 -9.15 -16.70
OE22 CGU A 32 -2.57 -7.28 -16.30
H CGU A 32 0.21 -6.44 -14.44
HA CGU A 32 -1.17 -9.00 -14.39
HB2 CGU A 32 0.86 -8.70 -16.45
HB3 CGU A 32 -0.20 -7.29 -16.37
HG CGU A 32 -1.00 -9.14 -17.90
N ASP A 33 1.79 -8.89 -13.34
CA ASP A 33 2.95 -9.68 -12.88
C ASP A 33 2.56 -11.13 -12.64
N ALA A 34 3.26 -12.06 -13.25
CA ALA A 34 2.95 -13.50 -13.06
C ALA A 34 3.55 -13.97 -11.74
N CGU A 35 4.69 -13.45 -11.39
CA CGU A 35 5.30 -13.83 -10.10
C CGU A 35 4.62 -13.02 -9.02
O CGU A 35 4.05 -13.55 -8.09
CB CGU A 35 6.80 -13.54 -10.11
CG CGU A 35 7.51 -14.61 -10.96
CD1 CGU A 35 7.83 -14.03 -12.34
CD2 CGU A 35 8.81 -15.02 -10.25
OE11 CGU A 35 8.68 -14.59 -13.00
OE12 CGU A 35 7.23 -13.03 -12.69
OE21 CGU A 35 9.17 -14.37 -9.29
OE22 CGU A 35 9.41 -15.98 -10.71
H CGU A 35 5.12 -12.78 -11.96
HA CGU A 35 5.13 -14.88 -9.90
HB2 CGU A 35 7.18 -13.57 -9.10
HB3 CGU A 35 6.98 -12.57 -10.54
HG CGU A 35 6.87 -15.46 -11.06
N GLN A 36 4.61 -11.71 -9.14
CA GLN A 36 3.92 -10.91 -8.12
C GLN A 36 2.50 -11.44 -8.00
N THR A 37 1.86 -11.81 -9.08
CA THR A 37 0.47 -12.36 -8.93
C THR A 37 0.45 -13.24 -7.69
N ASP A 38 1.25 -14.26 -7.66
CA ASP A 38 1.30 -15.13 -6.45
C ASP A 38 2.20 -14.48 -5.39
N CGU A 39 3.49 -14.38 -5.63
CA CGU A 39 4.39 -13.72 -4.62
C CGU A 39 3.62 -12.57 -3.95
O CGU A 39 3.34 -12.61 -2.78
CB CGU A 39 5.62 -13.14 -5.32
CG CGU A 39 6.82 -14.08 -5.12
CD1 CGU A 39 7.15 -14.15 -3.63
CD2 CGU A 39 6.45 -15.48 -5.64
OE11 CGU A 39 7.97 -13.35 -3.20
OE12 CGU A 39 6.60 -15.01 -2.97
OE21 CGU A 39 5.80 -15.56 -6.66
OE22 CGU A 39 6.84 -16.44 -4.99
H CGU A 39 3.86 -14.72 -6.46
HA CGU A 39 4.70 -14.42 -3.86
HB2 CGU A 39 5.85 -12.17 -4.92
HB3 CGU A 39 5.41 -13.05 -6.39
HG CGU A 39 7.67 -13.70 -5.67
N PHE A 40 3.27 -11.59 -4.72
CA PHE A 40 2.49 -10.45 -4.17
C PHE A 40 1.44 -10.98 -3.19
N TRP A 41 0.66 -11.95 -3.58
CA TRP A 41 -0.38 -12.49 -2.67
C TRP A 41 0.19 -13.50 -1.64
N SER A 42 0.61 -14.67 -2.09
CA SER A 42 1.11 -15.70 -1.14
C SER A 42 2.14 -15.11 -0.18
N LYS A 43 3.14 -14.49 -0.68
CA LYS A 43 4.15 -13.91 0.23
C LYS A 43 3.47 -12.84 1.08
N TYR A 44 2.42 -12.24 0.57
CA TYR A 44 1.70 -11.22 1.35
C TYR A 44 0.77 -11.90 2.31
N LYS A 45 -0.49 -12.06 1.95
CA LYS A 45 -1.48 -12.71 2.87
C LYS A 45 -1.07 -12.42 4.30
N ASP A 46 -0.57 -11.22 4.52
CA ASP A 46 -0.06 -10.85 5.85
C ASP A 46 -0.68 -9.54 6.33
N GLY A 47 -1.25 -8.76 5.44
CA GLY A 47 -1.82 -7.46 5.90
C GLY A 47 -0.72 -6.79 6.72
N ASP A 48 0.45 -6.74 6.17
CA ASP A 48 1.62 -6.18 6.90
C ASP A 48 2.16 -4.94 6.17
N GLN A 49 3.47 -4.82 6.10
CA GLN A 49 4.14 -3.66 5.43
C GLN A 49 3.23 -2.43 5.39
N CYS A 50 3.17 -1.73 6.51
CA CYS A 50 2.35 -0.50 6.68
C CYS A 50 1.23 -0.80 7.70
N GLU A 51 0.78 -2.02 7.75
CA GLU A 51 -0.30 -2.38 8.72
C GLU A 51 0.18 -2.14 10.16
N GLY A 52 1.30 -2.69 10.53
CA GLY A 52 1.82 -2.48 11.92
C GLY A 52 2.07 -0.99 12.17
N HIS A 53 2.00 -0.18 11.15
CA HIS A 53 2.24 1.27 11.31
C HIS A 53 3.75 1.57 11.36
N PRO A 54 4.44 1.11 10.36
CA PRO A 54 5.90 1.33 10.25
C PRO A 54 6.19 2.83 10.23
N CYS A 55 5.36 3.58 9.59
CA CYS A 55 5.56 5.05 9.50
C CYS A 55 4.75 5.76 10.57
N LEU A 56 4.90 7.05 10.71
CA LEU A 56 4.14 7.79 11.75
C LEU A 56 3.86 9.23 11.29
N ASN A 57 3.30 10.00 12.16
CA ASN A 57 2.96 11.42 11.84
C ASN A 57 2.30 11.49 10.47
N GLN A 58 1.17 10.87 10.33
CA GLN A 58 0.43 10.94 9.04
C GLN A 58 1.35 10.62 7.87
N GLY A 59 2.35 9.83 8.09
CA GLY A 59 3.27 9.48 6.98
C GLY A 59 2.52 8.65 5.94
N HIS A 60 2.63 8.98 4.69
CA HIS A 60 1.91 8.20 3.64
C HIS A 60 2.69 6.92 3.38
N CYS A 61 2.03 5.80 3.28
CA CYS A 61 2.76 4.53 3.06
C CYS A 61 2.34 3.85 1.77
N LYS A 62 3.24 3.13 1.18
CA LYS A 62 2.93 2.36 -0.06
C LYS A 62 3.28 0.92 0.26
N BHD A 63 2.32 0.13 0.63
CA BHD A 63 2.62 -1.26 1.04
CB BHD A 63 1.46 -1.80 1.88
OB BHD A 63 0.89 -0.76 2.66
CG BHD A 63 0.33 -2.33 0.99
OD1 BHD A 63 0.48 -3.42 0.47
OD2 BHD A 63 -0.65 -1.61 0.84
C BHD A 63 2.84 -2.17 -0.16
O BHD A 63 2.51 -1.85 -1.29
H BHD A 63 1.40 0.48 0.70
HA BHD A 63 3.52 -1.25 1.65
HB BHD A 63 1.82 -2.59 2.54
HOB BHD A 63 1.62 -0.21 2.99
N GLY A 64 3.44 -3.29 0.10
CA GLY A 64 3.74 -4.28 -0.97
C GLY A 64 4.79 -5.23 -0.42
N ILE A 65 4.46 -6.49 -0.23
CA ILE A 65 5.45 -7.45 0.36
C ILE A 65 6.86 -7.10 -0.12
N GLY A 66 7.86 -7.44 0.64
CA GLY A 66 9.24 -7.06 0.29
C GLY A 66 9.57 -5.91 1.22
N ASP A 67 8.62 -5.01 1.33
CA ASP A 67 8.73 -3.85 2.26
C ASP A 67 7.55 -2.89 2.00
N TYR A 68 7.73 -1.64 2.26
CA TYR A 68 6.63 -0.65 2.04
C TYR A 68 7.26 0.72 1.91
N THR A 69 7.17 1.35 0.77
CA THR A 69 7.81 2.69 0.62
C THR A 69 6.92 3.75 1.25
N CYS A 70 7.39 4.38 2.29
CA CYS A 70 6.57 5.43 2.94
C CYS A 70 7.09 6.79 2.52
N THR A 71 6.56 7.81 3.13
CA THR A 71 7.00 9.20 2.83
C THR A 71 6.57 10.14 3.96
N CYS A 72 7.46 10.96 4.46
CA CYS A 72 7.06 11.89 5.55
C CYS A 72 6.38 13.12 4.92
N ALA A 73 5.12 13.34 5.21
CA ALA A 73 4.40 14.51 4.61
C ALA A 73 5.25 15.77 4.64
N GLU A 74 4.79 16.82 4.02
CA GLU A 74 5.52 18.08 4.01
C GLU A 74 5.39 18.71 5.36
N GLY A 75 6.39 18.54 6.10
CA GLY A 75 6.46 19.04 7.49
C GLY A 75 6.63 17.86 8.41
N PHE A 76 7.24 16.82 7.93
CA PHE A 76 7.41 15.61 8.74
C PHE A 76 8.89 15.18 8.76
N GLU A 77 9.33 14.58 9.82
CA GLU A 77 10.76 14.15 9.91
C GLU A 77 10.90 12.94 10.85
N GLY A 78 12.03 12.28 10.80
CA GLY A 78 12.24 11.11 11.70
C GLY A 78 12.24 9.83 10.86
N LYS A 79 12.73 8.75 11.41
CA LYS A 79 12.74 7.48 10.66
C LYS A 79 11.32 7.13 10.25
N ASN A 80 10.39 7.48 11.08
CA ASN A 80 8.96 7.20 10.80
C ASN A 80 8.20 8.52 10.81
N CYS A 81 8.85 9.60 10.49
CA CYS A 81 8.16 10.92 10.51
C CYS A 81 7.71 11.20 11.95
N GLU A 82 8.24 10.45 12.89
CA GLU A 82 7.87 10.60 14.32
C GLU A 82 7.57 12.06 14.67
N PHE A 83 8.28 12.97 14.11
CA PHE A 83 8.04 14.40 14.42
C PHE A 83 7.34 15.05 13.25
N SER A 84 7.33 16.33 13.30
CA SER A 84 6.69 17.15 12.24
C SER A 84 7.56 18.35 11.93
N THR A 85 8.22 18.37 10.80
CA THR A 85 9.10 19.54 10.50
C THR A 85 8.26 20.79 10.39
N ARG A 86 8.22 21.51 11.47
CA ARG A 86 7.44 22.79 11.52
C ARG A 86 6.15 22.65 10.72
N ALA A 1 -15.96 -1.56 -22.15
CA ALA A 1 -14.63 -1.43 -22.82
C ALA A 1 -13.66 -0.69 -21.89
N ASN A 2 -12.50 -0.37 -22.37
CA ASN A 2 -11.51 0.35 -21.52
C ASN A 2 -11.47 -0.29 -20.13
N SER A 3 -11.25 -1.59 -20.07
CA SER A 3 -11.20 -2.27 -18.75
C SER A 3 -9.78 -2.19 -18.18
N PHE A 4 -9.65 -1.69 -16.98
CA PHE A 4 -8.29 -1.58 -16.36
C PHE A 4 -7.82 -2.99 -15.97
N LEU A 5 -8.73 -3.92 -15.83
CA LEU A 5 -8.33 -5.30 -15.45
C LEU A 5 -7.70 -5.99 -16.66
N CGU A 6 -7.80 -5.41 -17.82
CA CGU A 6 -7.22 -6.04 -19.03
C CGU A 6 -5.69 -6.04 -18.90
O CGU A 6 -4.99 -6.77 -19.58
CB CGU A 6 -7.63 -5.27 -20.28
CG CGU A 6 -6.83 -3.97 -20.37
CD1 CGU A 6 -5.52 -4.22 -21.11
CD2 CGU A 6 -7.64 -2.91 -21.12
OE11 CGU A 6 -5.33 -5.33 -21.57
OE12 CGU A 6 -4.73 -3.30 -21.23
OE21 CGU A 6 -7.07 -1.92 -21.52
OE22 CGU A 6 -8.84 -3.12 -21.28
H CGU A 6 -8.29 -4.55 -17.90
HA CGU A 6 -7.56 -7.07 -19.11
HB2 CGU A 6 -8.69 -5.03 -20.22
HB3 CGU A 6 -7.44 -5.87 -21.16
HG CGU A 6 -6.61 -3.60 -19.37
N CGU A 7 -5.16 -5.22 -18.03
CA CGU A 7 -3.69 -5.16 -17.86
C CGU A 7 -3.34 -5.45 -16.40
O CGU A 7 -2.43 -4.88 -15.83
CB CGU A 7 -3.19 -3.76 -18.23
CG CGU A 7 -1.82 -3.88 -18.92
CD1 CGU A 7 -1.90 -3.23 -20.30
CD2 CGU A 7 -0.77 -3.16 -18.08
OE11 CGU A 7 -1.42 -3.83 -21.24
OE12 CGU A 7 -2.44 -2.14 -20.39
OE21 CGU A 7 0.36 -3.62 -18.08
OE22 CGU A 7 -1.10 -2.16 -17.46
H CGU A 7 -5.74 -4.64 -17.49
HA CGU A 7 -3.21 -5.90 -18.49
HB2 CGU A 7 -3.08 -3.17 -17.33
HB3 CGU A 7 -3.89 -3.29 -18.90
HG CGU A 7 -1.56 -4.92 -19.02
N VAL A 8 -4.07 -6.34 -15.76
CA VAL A 8 -3.79 -6.67 -14.35
C VAL A 8 -2.29 -6.80 -14.14
N LYS A 9 -1.72 -5.75 -13.64
CA LYS A 9 -0.26 -5.74 -13.39
C LYS A 9 0.16 -7.09 -12.79
N GLN A 10 -0.74 -7.76 -12.11
CA GLN A 10 -0.41 -9.08 -11.51
C GLN A 10 0.60 -8.90 -10.38
N GLY A 11 0.17 -8.46 -9.23
CA GLY A 11 1.11 -8.28 -8.10
C GLY A 11 0.97 -6.87 -7.52
N ASN A 12 0.16 -6.72 -6.50
CA ASN A 12 -0.01 -5.38 -5.87
C ASN A 12 -1.10 -5.46 -4.79
N LEU A 13 -0.95 -4.77 -3.68
CA LEU A 13 -1.96 -4.85 -2.62
C LEU A 13 -2.76 -3.54 -2.52
N CGU A 14 -3.17 -3.17 -1.34
CA CGU A 14 -3.96 -1.91 -1.17
C CGU A 14 -3.13 -0.72 -1.64
O CGU A 14 -3.63 0.35 -1.88
CB CGU A 14 -4.32 -1.73 0.30
CG CGU A 14 -3.14 -2.17 1.18
CD1 CGU A 14 -2.75 -1.04 2.12
CD2 CGU A 14 -3.56 -3.39 2.01
OE11 CGU A 14 -3.45 -0.80 3.09
OE12 CGU A 14 -1.72 -0.42 1.85
OE21 CGU A 14 -4.73 -3.51 2.30
OE22 CGU A 14 -2.69 -4.18 2.34
H CGU A 14 -2.97 -3.72 -0.56
HA CGU A 14 -4.86 -1.97 -1.76
HB2 CGU A 14 -5.19 -2.33 0.54
HB3 CGU A 14 -4.54 -0.69 0.51
HG CGU A 14 -2.31 -2.43 0.55
N ARG A 15 -1.84 -0.92 -1.76
CA ARG A 15 -0.98 0.20 -2.21
C ARG A 15 -1.34 0.52 -3.67
N CGU A 16 -1.52 -0.48 -4.48
CA CGU A 16 -1.89 -0.24 -5.91
C CGU A 16 -3.39 0.03 -6.02
O CGU A 16 -3.82 1.07 -6.48
CB CGU A 16 -1.52 -1.45 -6.76
CG CGU A 16 -1.45 -1.05 -8.23
CD1 CGU A 16 -0.05 -0.56 -8.55
CD2 CGU A 16 -1.79 -2.26 -9.10
OE11 CGU A 16 0.50 -0.99 -9.56
OE12 CGU A 16 0.47 0.23 -7.79
OE21 CGU A 16 -1.54 -2.19 -10.29
OE22 CGU A 16 -2.29 -3.23 -8.57
H CGU A 16 -1.43 -1.40 -4.16
HA CGU A 16 -1.35 0.62 -6.27
HB2 CGU A 16 -2.28 -2.21 -6.63
HB3 CGU A 16 -0.57 -1.84 -6.44
HG CGU A 16 -2.16 -0.26 -8.42
N CYS A 17 -4.19 -0.92 -5.61
CA CYS A 17 -5.67 -0.75 -5.69
C CYS A 17 -6.07 0.57 -5.01
N LEU A 18 -5.61 0.77 -3.80
CA LEU A 18 -5.96 2.03 -3.08
C LEU A 18 -7.47 2.17 -2.97
N CGU A 19 -8.06 2.78 -3.93
CA CGU A 19 -9.53 2.99 -3.91
C CGU A 19 -10.13 2.63 -5.27
O CGU A 19 -10.20 1.48 -5.64
CB CGU A 19 -9.81 4.45 -3.60
CG CGU A 19 -9.67 4.69 -2.09
CD1 CGU A 19 -9.30 6.15 -1.84
CD2 CGU A 19 -10.99 4.38 -1.40
OE11 CGU A 19 -10.09 6.84 -1.21
OE12 CGU A 19 -8.24 6.57 -2.28
OE21 CGU A 19 -11.01 4.32 -0.18
OE22 CGU A 19 -11.97 4.18 -2.10
H CGU A 19 -7.53 3.11 -4.67
HA CGU A 19 -9.98 2.37 -3.15
HB2 CGU A 19 -10.80 4.70 -3.91
HB3 CGU A 19 -9.10 5.06 -4.13
HG CGU A 19 -8.89 4.05 -1.70
N CGU A 20 -10.57 3.60 -6.03
CA CGU A 20 -11.15 3.29 -7.36
C CGU A 20 -10.05 2.80 -8.29
O CGU A 20 -10.30 2.36 -9.39
CB CGU A 20 -11.78 4.56 -7.93
CG CGU A 20 -12.99 4.98 -7.08
CD1 CGU A 20 -13.40 6.40 -7.44
CD2 CGU A 20 -14.16 4.03 -7.36
OE11 CGU A 20 -13.34 6.74 -8.61
OE12 CGU A 20 -13.78 7.13 -6.53
OE21 CGU A 20 -14.95 3.82 -6.44
OE22 CGU A 20 -14.24 3.52 -8.46
H CGU A 20 -10.51 4.52 -5.71
HA CGU A 20 -11.90 2.53 -7.25
HB2 CGU A 20 -12.12 4.37 -8.95
HB3 CGU A 20 -11.05 5.36 -7.94
HG CGU A 20 -12.72 4.93 -6.04
N ALA A 21 -8.82 2.86 -7.84
CA ALA A 21 -7.70 2.39 -8.70
C ALA A 21 -7.85 0.89 -8.95
N CYS A 22 -8.67 0.24 -8.16
CA CYS A 22 -8.87 -1.23 -8.37
C CYS A 22 -10.31 -1.48 -8.82
N SER A 23 -10.62 -2.70 -9.17
CA SER A 23 -12.01 -3.00 -9.62
C SER A 23 -12.62 -4.07 -8.71
N LEU A 24 -12.00 -4.32 -7.58
CA LEU A 24 -12.51 -5.35 -6.60
C LEU A 24 -12.13 -6.77 -7.08
N CGU A 25 -12.17 -7.04 -8.36
CA CGU A 25 -11.80 -8.40 -8.84
C CGU A 25 -10.28 -8.53 -8.91
O CGU A 25 -9.72 -9.53 -8.52
CB CGU A 25 -12.40 -8.62 -10.23
CG CGU A 25 -12.96 -10.03 -10.33
CD1 CGU A 25 -14.48 -9.99 -10.16
CD2 CGU A 25 -12.62 -10.62 -11.70
OE11 CGU A 25 -15.14 -9.42 -11.00
OE12 CGU A 25 -14.96 -10.55 -9.19
OE21 CGU A 25 -13.22 -11.62 -12.06
OE22 CGU A 25 -11.77 -10.06 -12.38
H CGU A 25 -12.44 -6.34 -9.00
HA CGU A 25 -12.20 -9.13 -8.17
HB2 CGU A 25 -11.63 -8.48 -10.98
HB3 CGU A 25 -13.19 -7.90 -10.40
HG CGU A 25 -12.53 -10.65 -9.56
N CGU A 26 -9.62 -7.51 -9.40
CA CGU A 26 -8.13 -7.57 -9.50
C CGU A 26 -7.53 -7.71 -8.10
O CGU A 26 -6.58 -8.45 -7.89
CB CGU A 26 -7.61 -6.29 -10.15
CG CGU A 26 -6.09 -6.21 -9.98
CD1 CGU A 26 -5.45 -7.53 -10.39
CD2 CGU A 26 -5.54 -5.09 -10.87
OE11 CGU A 26 -4.55 -7.98 -9.71
OE12 CGU A 26 -5.90 -8.10 -11.38
OE21 CGU A 26 -6.12 -4.85 -11.91
OE22 CGU A 26 -4.55 -4.49 -10.49
H CGU A 26 -10.10 -6.72 -9.71
HA CGU A 26 -7.85 -8.42 -10.10
HB2 CGU A 26 -8.07 -5.44 -9.68
HB3 CGU A 26 -7.86 -6.30 -11.19
HG CGU A 26 -5.85 -6.00 -8.95
N ALA A 27 -8.08 -7.04 -7.13
CA ALA A 27 -7.54 -7.13 -5.74
C ALA A 27 -7.70 -8.57 -5.24
N ARG A 28 -8.82 -9.18 -5.48
CA ARG A 28 -9.03 -10.57 -5.00
C ARG A 28 -7.95 -11.48 -5.55
N CGU A 29 -7.79 -11.44 -6.82
CA CGU A 29 -6.78 -12.30 -7.51
C CGU A 29 -5.40 -12.08 -6.88
O CGU A 29 -4.50 -12.88 -7.07
CB CGU A 29 -6.73 -11.91 -8.99
CG CGU A 29 -7.57 -12.90 -9.79
CD1 CGU A 29 -8.50 -12.13 -10.72
CD2 CGU A 29 -6.64 -13.79 -10.63
OE11 CGU A 29 -9.38 -11.45 -10.22
OE12 CGU A 29 -8.32 -12.23 -11.93
OE21 CGU A 29 -6.00 -13.27 -11.52
OE22 CGU A 29 -6.59 -14.98 -10.36
H CGU A 29 -8.37 -10.86 -7.33
HA CGU A 29 -7.06 -13.33 -7.41
HB2 CGU A 29 -5.70 -11.95 -9.33
HB3 CGU A 29 -7.12 -10.92 -9.11
HG CGU A 29 -8.15 -13.51 -9.12
N VAL A 30 -5.20 -11.00 -6.17
CA VAL A 30 -3.87 -10.75 -5.56
C VAL A 30 -3.74 -11.43 -4.19
N PHE A 31 -4.77 -11.38 -3.36
CA PHE A 31 -4.64 -12.04 -2.03
C PHE A 31 -5.89 -12.84 -1.68
N CGU A 32 -5.72 -14.10 -1.38
CA CGU A 32 -6.88 -14.95 -0.99
C CGU A 32 -7.18 -14.69 0.49
O CGU A 32 -8.08 -15.27 1.07
CB CGU A 32 -6.51 -16.43 -1.12
CG CGU A 32 -7.77 -17.24 -1.41
CD1 CGU A 32 -7.65 -17.92 -2.77
CD2 CGU A 32 -7.93 -18.30 -0.32
OE11 CGU A 32 -8.03 -19.08 -2.87
OE12 CGU A 32 -7.17 -17.29 -3.69
OE21 CGU A 32 -6.95 -18.62 0.33
OE22 CGU A 32 -9.05 -18.79 -0.16
H CGU A 32 -4.82 -14.49 -1.41
HA CGU A 32 -7.74 -14.72 -1.60
HB2 CGU A 32 -6.06 -16.76 -0.19
HB3 CGU A 32 -5.80 -16.55 -1.93
HG CGU A 32 -8.63 -16.59 -1.41
N ASP A 33 -6.41 -13.85 1.11
CA ASP A 33 -6.59 -13.57 2.55
C ASP A 33 -8.07 -13.49 2.91
N ALA A 34 -8.47 -14.24 3.90
CA ALA A 34 -9.89 -14.19 4.34
C ALA A 34 -10.07 -12.97 5.24
N CGU A 35 -9.04 -12.59 5.92
CA CGU A 35 -9.12 -11.38 6.77
C CGU A 35 -8.92 -10.18 5.86
O CGU A 35 -9.79 -9.35 5.72
CB CGU A 35 -8.02 -11.41 7.84
CG CGU A 35 -8.18 -12.66 8.70
CD1 CGU A 35 -6.89 -12.93 9.47
CD2 CGU A 35 -9.34 -12.45 9.69
OE11 CGU A 35 -6.89 -12.70 10.67
OE12 CGU A 35 -5.93 -13.35 8.85
OE21 CGU A 35 -9.71 -13.41 10.34
OE22 CGU A 35 -9.81 -11.33 9.78
H CGU A 35 -8.19 -13.08 5.85
HA CGU A 35 -10.09 -11.32 7.24
HB2 CGU A 35 -8.10 -10.53 8.46
HB3 CGU A 35 -7.05 -11.42 7.36
HG CGU A 35 -8.41 -13.51 8.07
N GLN A 36 -7.80 -10.11 5.18
CA GLN A 36 -7.60 -8.97 4.26
C GLN A 36 -8.82 -8.87 3.37
N THR A 37 -9.34 -9.98 2.90
CA THR A 37 -10.56 -9.87 2.03
C THR A 37 -11.49 -8.80 2.62
N ASP A 38 -11.92 -8.98 3.83
CA ASP A 38 -12.81 -7.96 4.47
C ASP A 38 -11.97 -6.79 5.01
N CGU A 39 -11.14 -7.01 6.00
CA CGU A 39 -10.29 -5.89 6.54
C CGU A 39 -9.86 -4.97 5.39
O CGU A 39 -10.23 -3.83 5.32
CB CGU A 39 -9.04 -6.49 7.21
CG CGU A 39 -9.07 -6.20 8.71
CD1 CGU A 39 -10.45 -6.54 9.27
CD2 CGU A 39 -8.00 -7.05 9.42
OE11 CGU A 39 -11.29 -5.65 9.32
OE12 CGU A 39 -10.65 -7.69 9.64
OE21 CGU A 39 -7.18 -7.61 8.72
OE22 CGU A 39 -8.05 -7.12 10.63
H CGU A 39 -11.07 -7.90 6.39
HA CGU A 39 -10.85 -5.32 7.27
HB2 CGU A 39 -8.16 -6.03 6.78
HB3 CGU A 39 -9.02 -7.55 7.05
HG CGU A 39 -8.86 -5.15 8.88
N PHE A 40 -9.12 -5.52 4.48
CA PHE A 40 -8.68 -4.75 3.30
C PHE A 40 -9.81 -3.86 2.79
N TRP A 41 -10.99 -4.43 2.60
CA TRP A 41 -12.16 -3.63 2.09
C TRP A 41 -12.86 -2.81 3.19
N SER A 42 -13.54 -3.46 4.11
CA SER A 42 -14.31 -2.73 5.17
C SER A 42 -13.54 -1.55 5.75
N LYS A 43 -12.56 -1.83 6.55
CA LYS A 43 -11.77 -0.74 7.19
C LYS A 43 -10.77 -0.15 6.20
N TYR A 44 -11.09 -0.13 4.94
CA TYR A 44 -10.16 0.44 3.93
C TYR A 44 -10.25 1.98 3.91
N LYS A 45 -10.69 2.59 4.98
CA LYS A 45 -10.77 4.07 5.01
C LYS A 45 -9.44 4.62 5.54
N ASP A 46 -8.36 3.93 5.27
CA ASP A 46 -7.04 4.39 5.77
C ASP A 46 -6.18 4.86 4.59
N GLY A 47 -6.73 4.87 3.40
CA GLY A 47 -5.91 5.29 2.23
C GLY A 47 -4.85 4.23 1.96
N ASP A 48 -5.02 3.05 2.52
CA ASP A 48 -4.03 1.95 2.32
C ASP A 48 -2.87 2.11 3.30
N GLN A 49 -2.99 3.03 4.23
CA GLN A 49 -1.90 3.24 5.25
C GLN A 49 -0.67 3.91 4.63
N CYS A 50 -0.47 3.84 3.34
CA CYS A 50 0.73 4.49 2.74
C CYS A 50 0.29 5.75 1.99
N GLU A 51 -0.96 5.85 1.64
CA GLU A 51 -1.42 7.06 0.91
C GLU A 51 -0.94 8.31 1.65
N GLY A 52 -0.45 9.30 0.95
CA GLY A 52 0.02 10.53 1.65
C GLY A 52 1.55 10.50 1.80
N HIS A 53 2.16 9.38 1.54
CA HIS A 53 3.65 9.30 1.67
C HIS A 53 4.05 9.62 3.12
N PRO A 54 3.65 8.76 4.02
CA PRO A 54 3.95 8.91 5.45
C PRO A 54 5.47 8.97 5.70
N CYS A 55 6.21 8.18 4.97
CA CYS A 55 7.69 8.18 5.16
C CYS A 55 8.27 9.48 4.57
N LEU A 56 9.54 9.72 4.79
CA LEU A 56 10.16 10.96 4.25
C LEU A 56 11.60 10.68 3.83
N ASN A 57 12.28 11.71 3.44
CA ASN A 57 13.70 11.55 3.00
C ASN A 57 13.82 10.35 2.08
N GLN A 58 13.14 10.38 0.97
CA GLN A 58 13.26 9.25 0.02
C GLN A 58 13.16 7.93 0.77
N GLY A 59 12.38 7.90 1.82
CA GLY A 59 12.24 6.65 2.61
C GLY A 59 11.26 5.71 1.92
N HIS A 60 11.41 4.43 2.12
CA HIS A 60 10.48 3.47 1.49
C HIS A 60 9.19 3.42 2.31
N CYS A 61 8.17 2.78 1.80
CA CYS A 61 6.89 2.74 2.56
C CYS A 61 6.24 1.36 2.41
N LYS A 62 5.94 0.71 3.51
CA LYS A 62 5.27 -0.61 3.44
C LYS A 62 3.84 -0.42 3.90
N BHD A 63 3.06 -1.46 4.01
CA BHD A 63 1.66 -1.27 4.46
CB BHD A 63 0.79 -0.97 3.24
OB BHD A 63 1.44 -0.04 2.39
CG BHD A 63 0.60 -2.24 2.41
OD1 BHD A 63 -0.34 -2.28 1.63
OD2 BHD A 63 1.39 -3.16 2.58
C BHD A 63 1.14 -2.53 5.16
O BHD A 63 1.91 -3.32 5.67
H BHD A 63 3.39 -2.35 3.78
HA BHD A 63 1.62 -0.43 5.14
HB BHD A 63 -0.16 -0.59 3.57
HOB BHD A 63 1.52 0.80 2.88
N GLY A 64 -0.15 -2.69 5.17
CA GLY A 64 -0.73 -3.90 5.83
C GLY A 64 -2.06 -3.54 6.51
N ILE A 65 -2.88 -2.75 5.86
CA ILE A 65 -4.19 -2.35 6.46
C ILE A 65 -3.99 -1.88 7.91
N GLY A 66 -4.00 -2.79 8.85
CA GLY A 66 -3.82 -2.40 10.30
C GLY A 66 -2.92 -1.17 10.39
N ASP A 67 -1.90 -1.10 9.57
CA ASP A 67 -1.01 0.09 9.58
C ASP A 67 0.01 -0.02 8.45
N TYR A 68 1.18 0.53 8.64
CA TYR A 68 2.20 0.48 7.56
C TYR A 68 3.58 0.73 8.15
N THR A 69 4.59 0.01 7.71
CA THR A 69 5.94 0.22 8.24
C THR A 69 6.78 0.97 7.21
N CYS A 70 7.29 2.12 7.54
CA CYS A 70 8.10 2.87 6.56
C CYS A 70 9.50 2.28 6.53
N THR A 71 10.40 2.98 5.94
CA THR A 71 11.81 2.49 5.84
C THR A 71 12.73 3.67 5.54
N CYS A 72 13.99 3.56 5.82
CA CYS A 72 14.91 4.69 5.54
C CYS A 72 16.07 4.20 4.67
N ALA A 73 16.28 4.80 3.51
CA ALA A 73 17.38 4.37 2.62
C ALA A 73 18.70 4.28 3.38
N GLU A 74 19.76 3.98 2.69
CA GLU A 74 21.08 3.91 3.31
C GLU A 74 21.61 5.31 3.44
N GLY A 75 21.51 5.80 4.61
CA GLY A 75 21.95 7.17 4.93
C GLY A 75 20.76 7.98 5.39
N PHE A 76 19.74 7.30 5.82
CA PHE A 76 18.50 8.01 6.23
C PHE A 76 18.20 7.72 7.71
N GLU A 77 17.46 8.57 8.36
CA GLU A 77 17.15 8.33 9.81
C GLU A 77 15.92 9.12 10.25
N GLY A 78 15.34 8.74 11.36
CA GLY A 78 14.14 9.46 11.88
C GLY A 78 12.91 8.55 11.74
N LYS A 79 11.83 8.90 12.39
CA LYS A 79 10.62 8.07 12.29
C LYS A 79 10.22 7.95 10.82
N ASN A 80 10.43 8.99 10.10
CA ASN A 80 10.10 8.99 8.65
C ASN A 80 11.37 9.30 7.86
N CYS A 81 12.50 8.96 8.40
CA CYS A 81 13.78 9.23 7.69
C CYS A 81 13.98 10.75 7.58
N GLU A 82 13.18 11.50 8.28
CA GLU A 82 13.28 12.99 8.25
C GLU A 82 14.71 13.46 8.06
N PHE A 83 15.64 12.87 8.74
CA PHE A 83 17.05 13.28 8.61
C PHE A 83 17.79 12.35 7.68
N SER A 84 19.05 12.37 7.80
CA SER A 84 19.93 11.51 6.96
C SER A 84 21.18 11.13 7.77
N THR A 85 21.43 9.87 7.93
CA THR A 85 22.63 9.43 8.71
C THR A 85 23.90 9.79 7.93
N ARG A 86 23.76 10.05 6.68
CA ARG A 86 24.93 10.40 5.84
C ARG A 86 25.74 11.51 6.52
N ALA A 1 -10.85 6.35 -18.74
CA ALA A 1 -9.74 7.01 -18.00
C ALA A 1 -9.12 6.02 -17.01
N ASN A 2 -9.85 4.99 -16.65
CA ASN A 2 -9.31 3.99 -15.70
C ASN A 2 -9.89 2.61 -16.01
N SER A 3 -9.05 1.64 -16.23
CA SER A 3 -9.55 0.27 -16.54
C SER A 3 -8.38 -0.61 -16.97
N PHE A 4 -7.29 -0.56 -16.24
CA PHE A 4 -6.11 -1.39 -16.61
C PHE A 4 -6.31 -2.82 -16.10
N LEU A 5 -7.48 -3.12 -15.59
CA LEU A 5 -7.71 -4.50 -15.08
C LEU A 5 -7.78 -5.47 -16.26
N CGU A 6 -8.12 -4.99 -17.42
CA CGU A 6 -8.17 -5.89 -18.59
C CGU A 6 -6.85 -6.66 -18.62
O CGU A 6 -6.79 -7.82 -18.99
CB CGU A 6 -8.33 -5.07 -19.87
CG CGU A 6 -9.82 -4.94 -20.21
CD1 CGU A 6 -10.03 -3.73 -21.12
CD2 CGU A 6 -10.30 -6.20 -20.93
OE11 CGU A 6 -10.68 -2.79 -20.68
OE12 CGU A 6 -9.54 -3.76 -22.23
OE21 CGU A 6 -10.83 -7.07 -20.24
OE22 CGU A 6 -10.13 -6.28 -22.12
H CGU A 6 -8.32 -4.03 -17.52
HA CGU A 6 -8.99 -6.58 -18.49
HB2 CGU A 6 -7.83 -5.57 -20.69
HB3 CGU A 6 -7.91 -4.09 -19.73
HG CGU A 6 -10.38 -4.80 -19.29
N CGU A 7 -5.80 -6.01 -18.20
CA CGU A 7 -4.47 -6.66 -18.14
C CGU A 7 -4.01 -6.62 -16.70
O CGU A 7 -2.95 -6.11 -16.37
CB CGU A 7 -3.48 -5.89 -19.03
CG CGU A 7 -2.15 -6.65 -19.08
CD1 CGU A 7 -2.02 -7.35 -20.42
CD2 CGU A 7 -0.99 -5.66 -18.89
OE11 CGU A 7 -2.65 -8.38 -20.60
OE12 CGU A 7 -1.28 -6.85 -21.26
OE21 CGU A 7 0.14 -6.08 -19.00
OE22 CGU A 7 -1.27 -4.50 -18.65
H CGU A 7 -5.90 -5.09 -17.89
HA CGU A 7 -4.54 -7.68 -18.48
HB2 CGU A 7 -3.32 -4.89 -18.60
HB3 CGU A 7 -3.89 -5.79 -20.02
HG CGU A 7 -2.13 -7.37 -18.28
N VAL A 8 -4.82 -7.13 -15.80
CA VAL A 8 -4.47 -7.12 -14.36
C VAL A 8 -2.99 -7.41 -14.18
N LYS A 9 -2.25 -6.38 -13.95
CA LYS A 9 -0.79 -6.54 -13.75
C LYS A 9 -0.51 -7.72 -12.82
N GLN A 10 -1.49 -8.13 -12.05
CA GLN A 10 -1.29 -9.28 -11.13
C GLN A 10 0.07 -9.18 -10.45
N GLY A 11 0.35 -8.06 -9.84
CA GLY A 11 1.67 -7.90 -9.15
C GLY A 11 1.46 -7.35 -7.75
N ASN A 12 2.28 -7.77 -6.82
CA ASN A 12 2.15 -7.30 -5.42
C ASN A 12 0.78 -7.67 -4.85
N LEU A 13 0.67 -7.82 -3.55
CA LEU A 13 -0.63 -8.20 -2.94
C LEU A 13 -1.58 -7.00 -2.92
N CGU A 14 -1.66 -6.31 -1.81
CA CGU A 14 -2.58 -5.15 -1.73
C CGU A 14 -1.84 -3.81 -1.90
O CGU A 14 -2.45 -2.79 -2.15
CB CGU A 14 -3.30 -5.13 -0.37
CG CGU A 14 -2.50 -5.90 0.68
CD1 CGU A 14 -1.17 -5.18 0.94
CD2 CGU A 14 -3.30 -5.95 1.99
OE11 CGU A 14 -1.07 -4.01 0.60
OE12 CGU A 14 -0.27 -5.81 1.47
OE21 CGU A 14 -2.71 -5.70 3.03
OE22 CGU A 14 -4.48 -6.25 1.92
H CGU A 14 -1.12 -6.58 -1.03
HA CGU A 14 -3.32 -5.24 -2.51
HB2 CGU A 14 -4.28 -5.59 -0.48
HB3 CGU A 14 -3.43 -4.11 -0.06
HG CGU A 14 -2.30 -6.90 0.34
N ARG A 15 -0.54 -3.80 -1.76
CA ARG A 15 0.19 -2.51 -1.92
C ARG A 15 0.01 -1.98 -3.34
N CGU A 16 -0.30 -2.83 -4.28
CA CGU A 16 -0.48 -2.36 -5.68
C CGU A 16 -1.87 -1.75 -5.86
O CGU A 16 -2.08 -0.90 -6.70
CB CGU A 16 -0.31 -3.53 -6.65
CG CGU A 16 0.43 -3.06 -7.91
CD1 CGU A 16 1.71 -3.87 -8.09
CD2 CGU A 16 -0.47 -3.24 -9.13
OE11 CGU A 16 1.67 -4.85 -8.81
OE12 CGU A 16 2.71 -3.49 -7.50
OE21 CGU A 16 0.02 -3.05 -10.23
OE22 CGU A 16 -1.63 -3.59 -8.96
H CGU A 16 -0.41 -3.78 -4.06
HA CGU A 16 0.27 -1.61 -5.91
HB2 CGU A 16 -1.28 -3.91 -6.92
HB3 CGU A 16 0.26 -4.32 -6.17
HG CGU A 16 0.67 -2.01 -7.79
N CYS A 17 -2.83 -2.17 -5.09
CA CYS A 17 -4.21 -1.62 -5.22
C CYS A 17 -4.45 -0.57 -4.13
N LEU A 18 -3.48 -0.32 -3.30
CA LEU A 18 -3.67 0.69 -2.22
C LEU A 18 -3.88 2.07 -2.83
N CGU A 19 -3.55 2.20 -4.07
CA CGU A 19 -3.72 3.50 -4.75
C CGU A 19 -4.72 3.33 -5.89
O CGU A 19 -5.53 2.42 -5.88
CB CGU A 19 -2.38 3.94 -5.31
CG CGU A 19 -1.38 4.13 -4.17
CD1 CGU A 19 0.02 3.71 -4.64
CD2 CGU A 19 -1.35 5.61 -3.76
OE11 CGU A 19 0.93 3.80 -3.83
OE12 CGU A 19 0.14 3.30 -5.78
OE21 CGU A 19 -1.30 5.86 -2.57
OE22 CGU A 19 -1.38 6.45 -4.65
H CGU A 19 -3.19 1.44 -4.54
HA CGU A 19 -4.08 4.25 -4.05
HB2 CGU A 19 -2.49 4.86 -5.85
HB3 CGU A 19 -2.00 3.18 -5.98
HG CGU A 19 -1.68 3.53 -3.33
N CGU A 20 -4.66 4.16 -6.89
CA CGU A 20 -5.60 4.03 -8.03
C CGU A 20 -5.07 2.93 -8.98
O CGU A 20 -5.53 2.79 -10.09
CB CGU A 20 -5.69 5.36 -8.78
CG CGU A 20 -6.24 6.43 -7.84
CD1 CGU A 20 -5.09 7.27 -7.29
CD2 CGU A 20 -7.22 7.32 -8.60
OE11 CGU A 20 -4.76 8.27 -7.92
OE12 CGU A 20 -4.55 6.91 -6.26
OE21 CGU A 20 -7.25 7.25 -9.81
OE22 CGU A 20 -7.91 8.09 -7.95
H CGU A 20 -3.99 4.88 -6.88
HA CGU A 20 -6.58 3.74 -7.67
HB2 CGU A 20 -6.35 5.25 -9.63
HB3 CGU A 20 -4.71 5.65 -9.13
HG CGU A 20 -6.76 5.95 -7.02
N ALA A 21 -4.09 2.19 -8.54
CA ALA A 21 -3.49 1.12 -9.39
C ALA A 21 -4.42 -0.09 -9.45
N CYS A 22 -5.60 -0.02 -8.90
CA CYS A 22 -6.51 -1.20 -8.94
C CYS A 22 -7.95 -0.78 -9.20
N SER A 23 -8.89 -1.53 -8.71
CA SER A 23 -10.33 -1.18 -8.91
C SER A 23 -11.18 -2.02 -7.96
N LEU A 24 -11.27 -3.30 -8.21
CA LEU A 24 -12.09 -4.18 -7.32
C LEU A 24 -11.55 -5.60 -7.36
N CGU A 25 -11.91 -6.37 -8.34
CA CGU A 25 -11.40 -7.77 -8.41
C CGU A 25 -9.87 -7.73 -8.46
O CGU A 25 -9.21 -8.67 -8.06
CB CGU A 25 -11.94 -8.45 -9.68
CG CGU A 25 -11.77 -7.51 -10.88
CD1 CGU A 25 -11.18 -8.29 -12.05
CD2 CGU A 25 -13.13 -6.94 -11.27
OE11 CGU A 25 -9.97 -8.38 -12.14
OE12 CGU A 25 -11.96 -8.80 -12.85
OE21 CGU A 25 -13.28 -5.73 -11.22
OE22 CGU A 25 -14.00 -7.72 -11.61
H CGU A 25 -12.52 -6.03 -9.04
HA CGU A 25 -11.72 -8.32 -7.54
HB2 CGU A 25 -12.98 -8.67 -9.54
HB3 CGU A 25 -11.39 -9.36 -9.86
HG CGU A 25 -11.10 -6.70 -10.62
N CGU A 26 -9.30 -6.67 -8.96
CA CGU A 26 -7.83 -6.57 -9.04
C CGU A 26 -7.21 -6.92 -7.69
O CGU A 26 -6.14 -7.48 -7.62
CB CGU A 26 -7.44 -5.14 -9.44
CG CGU A 26 -5.97 -5.12 -9.87
CD1 CGU A 26 -5.08 -5.37 -8.65
CD2 CGU A 26 -5.72 -6.20 -10.92
OE11 CGU A 26 -4.26 -6.28 -8.72
OE12 CGU A 26 -5.21 -4.66 -7.68
OE21 CGU A 26 -5.88 -5.91 -12.09
OE22 CGU A 26 -5.37 -7.31 -10.53
H CGU A 26 -9.87 -5.93 -9.28
HA CGU A 26 -7.47 -7.26 -9.79
HB2 CGU A 26 -7.57 -4.48 -8.60
HB3 CGU A 26 -8.06 -4.81 -10.27
HG CGU A 26 -5.73 -4.15 -10.29
N ALA A 27 -7.86 -6.57 -6.60
CA ALA A 27 -7.26 -6.89 -5.27
C ALA A 27 -7.46 -8.37 -4.95
N ARG A 28 -8.64 -8.92 -5.15
CA ARG A 28 -8.84 -10.38 -4.84
C ARG A 28 -8.15 -11.24 -5.91
N CGU A 29 -7.47 -10.64 -6.84
CA CGU A 29 -6.81 -11.44 -7.90
C CGU A 29 -5.38 -11.79 -7.49
O CGU A 29 -4.73 -12.62 -8.12
CB CGU A 29 -6.78 -10.65 -9.21
CG CGU A 29 -8.03 -10.99 -10.03
CD1 CGU A 29 -8.12 -10.07 -11.25
CD2 CGU A 29 -7.95 -12.44 -10.50
OE11 CGU A 29 -7.51 -9.01 -11.21
OE12 CGU A 29 -8.79 -10.42 -12.19
OE21 CGU A 29 -7.51 -12.65 -11.61
OE22 CGU A 29 -8.33 -13.32 -9.74
H CGU A 29 -7.40 -9.67 -6.85
HA CGU A 29 -7.37 -12.35 -8.05
HB2 CGU A 29 -5.91 -10.90 -9.77
HB3 CGU A 29 -6.79 -9.59 -8.98
HG CGU A 29 -8.92 -10.86 -9.42
N VAL A 30 -4.85 -11.18 -6.47
CA VAL A 30 -3.45 -11.50 -6.07
C VAL A 30 -3.44 -12.34 -4.79
N PHE A 31 -4.13 -11.94 -3.76
CA PHE A 31 -4.10 -12.74 -2.50
C PHE A 31 -5.41 -13.48 -2.25
N CGU A 32 -5.33 -14.64 -1.66
CA CGU A 32 -6.55 -15.42 -1.32
C CGU A 32 -7.12 -14.85 -0.02
O CGU A 32 -8.06 -15.38 0.55
CB CGU A 32 -6.16 -16.87 -1.05
CG CGU A 32 -7.15 -17.81 -1.74
CD1 CGU A 32 -8.53 -17.65 -1.10
CD2 CGU A 32 -7.23 -17.46 -3.23
OE11 CGU A 32 -8.72 -18.15 0.00
OE12 CGU A 32 -9.38 -17.01 -1.71
OE21 CGU A 32 -8.23 -17.81 -3.84
OE22 CGU A 32 -6.29 -16.88 -3.73
H CGU A 32 -4.45 -14.98 -1.39
HA CGU A 32 -7.27 -15.36 -2.11
HB2 CGU A 32 -6.17 -17.04 0.02
HB3 CGU A 32 -5.17 -17.05 -1.44
HG CGU A 32 -6.82 -18.83 -1.61
N ASP A 33 -6.52 -13.81 0.47
CA ASP A 33 -6.95 -13.22 1.75
C ASP A 33 -8.47 -13.22 1.89
N ALA A 34 -8.99 -14.15 2.64
CA ALA A 34 -10.46 -14.20 2.87
C ALA A 34 -10.81 -13.17 3.94
N CGU A 35 -9.86 -12.86 4.77
CA CGU A 35 -10.10 -11.83 5.82
C CGU A 35 -9.91 -10.47 5.16
O CGU A 35 -10.83 -9.68 5.08
CB CGU A 35 -9.11 -12.01 6.96
CG CGU A 35 -8.85 -13.50 7.19
CD1 CGU A 35 -7.50 -13.88 6.58
CD2 CGU A 35 -8.83 -13.79 8.69
OE11 CGU A 35 -6.53 -13.16 6.82
OE12 CGU A 35 -7.44 -14.89 5.89
OE21 CGU A 35 -9.76 -13.38 9.37
OE22 CGU A 35 -7.89 -14.41 9.15
H CGU A 35 -8.98 -13.28 4.70
HA CGU A 35 -11.11 -11.92 6.19
HB2 CGU A 35 -9.51 -11.58 7.86
HB3 CGU A 35 -8.17 -11.51 6.72
HG CGU A 35 -9.63 -14.07 6.72
N GLN A 36 -8.74 -10.19 4.64
CA GLN A 36 -8.55 -8.88 3.97
C GLN A 36 -9.66 -8.70 2.94
N THR A 37 -10.06 -9.74 2.25
CA THR A 37 -11.16 -9.54 1.27
C THR A 37 -12.22 -8.65 1.92
N ASP A 38 -12.74 -9.05 3.05
CA ASP A 38 -13.73 -8.18 3.76
C ASP A 38 -12.96 -7.12 4.55
N CGU A 39 -12.26 -7.50 5.59
CA CGU A 39 -11.46 -6.52 6.40
C CGU A 39 -10.98 -5.38 5.48
O CGU A 39 -11.40 -4.25 5.61
CB CGU A 39 -10.23 -7.25 6.96
CG CGU A 39 -10.57 -7.84 8.33
CD1 CGU A 39 -10.73 -6.71 9.36
CD2 CGU A 39 -11.89 -8.62 8.23
OE11 CGU A 39 -11.80 -6.15 9.43
OE12 CGU A 39 -9.76 -6.44 10.05
OE21 CGU A 39 -11.84 -9.83 8.31
OE22 CGU A 39 -12.92 -7.98 8.08
H CGU A 39 -12.24 -8.44 5.83
HA CGU A 39 -12.04 -6.12 7.19
HB2 CGU A 39 -9.41 -6.55 7.06
HB3 CGU A 39 -9.95 -8.05 6.30
HG CGU A 39 -9.78 -8.51 8.64
N PHE A 40 -10.14 -5.71 4.56
CA PHE A 40 -9.62 -4.69 3.59
C PHE A 40 -10.76 -3.75 3.17
N TRP A 41 -11.86 -4.30 2.72
CA TRP A 41 -13.02 -3.46 2.26
C TRP A 41 -13.83 -2.86 3.44
N SER A 42 -14.50 -3.69 4.21
CA SER A 42 -15.36 -3.18 5.33
C SER A 42 -14.68 -2.05 6.10
N LYS A 43 -13.71 -2.37 6.88
CA LYS A 43 -13.02 -1.33 7.69
C LYS A 43 -11.98 -0.61 6.82
N TYR A 44 -12.27 -0.41 5.57
CA TYR A 44 -11.29 0.28 4.70
C TYR A 44 -11.36 1.79 4.91
N LYS A 45 -12.01 2.25 5.93
CA LYS A 45 -12.08 3.72 6.18
C LYS A 45 -10.84 4.12 6.99
N ASP A 46 -9.67 3.80 6.51
CA ASP A 46 -8.44 4.14 7.26
C ASP A 46 -7.42 4.81 6.33
N GLY A 47 -7.79 5.06 5.10
CA GLY A 47 -6.83 5.70 4.15
C GLY A 47 -5.77 4.67 3.77
N ASP A 48 -6.14 3.41 3.78
CA ASP A 48 -5.16 2.34 3.41
C ASP A 48 -3.82 2.56 4.15
N GLN A 49 -3.84 3.29 5.21
CA GLN A 49 -2.57 3.49 5.98
C GLN A 49 -1.50 4.14 5.10
N CYS A 50 -0.68 3.35 4.46
CA CYS A 50 0.41 3.93 3.61
C CYS A 50 -0.13 5.06 2.73
N GLU A 51 -1.40 5.06 2.41
CA GLU A 51 -1.93 6.15 1.55
C GLU A 51 -1.46 7.50 2.12
N GLY A 52 -1.25 8.47 1.29
CA GLY A 52 -0.80 9.81 1.79
C GLY A 52 0.73 9.87 1.81
N HIS A 53 1.39 8.74 1.73
CA HIS A 53 2.88 8.74 1.75
C HIS A 53 3.37 9.25 3.11
N PRO A 54 3.07 8.50 4.14
CA PRO A 54 3.46 8.83 5.52
C PRO A 54 4.99 8.87 5.64
N CYS A 55 5.67 7.98 5.00
CA CYS A 55 7.16 7.96 5.08
C CYS A 55 7.72 9.15 4.30
N LEU A 56 9.01 9.37 4.38
CA LEU A 56 9.63 10.51 3.63
C LEU A 56 11.03 10.14 3.19
N ASN A 57 11.70 11.07 2.57
CA ASN A 57 13.09 10.84 2.09
C ASN A 57 13.16 9.51 1.37
N GLN A 58 12.41 9.37 0.30
CA GLN A 58 12.48 8.10 -0.47
C GLN A 58 12.42 6.92 0.50
N GLY A 59 11.70 7.07 1.57
CA GLY A 59 11.59 5.95 2.55
C GLY A 59 10.69 4.85 1.99
N HIS A 60 10.98 3.62 2.30
CA HIS A 60 10.14 2.51 1.79
C HIS A 60 8.89 2.39 2.66
N CYS A 61 7.74 2.62 2.10
CA CYS A 61 6.49 2.54 2.90
C CYS A 61 5.90 1.13 2.81
N LYS A 62 5.50 0.58 3.92
CA LYS A 62 4.88 -0.78 3.91
C LYS A 62 3.46 -0.62 4.42
N BHD A 63 2.48 -0.87 3.60
CA BHD A 63 1.08 -0.68 4.05
CB BHD A 63 0.19 -0.40 2.83
OB BHD A 63 0.90 0.39 1.89
CG BHD A 63 -0.14 -1.71 2.12
OD1 BHD A 63 -1.13 -1.74 1.40
OD2 BHD A 63 0.59 -2.67 2.31
C BHD A 63 0.56 -1.90 4.79
O BHD A 63 1.30 -2.76 5.24
H BHD A 63 2.67 -1.15 2.68
HA BHD A 63 1.04 0.18 4.71
HB BHD A 63 -0.71 0.10 3.15
HOB BHD A 63 1.55 -0.15 1.46
N GLY A 64 -0.74 -1.96 4.94
CA GLY A 64 -1.40 -3.08 5.66
C GLY A 64 -2.65 -2.53 6.35
N ILE A 65 -3.74 -3.23 6.32
CA ILE A 65 -4.96 -2.68 6.96
C ILE A 65 -4.64 -2.30 8.42
N GLY A 66 -4.25 -3.25 9.22
CA GLY A 66 -3.93 -2.93 10.66
C GLY A 66 -3.10 -1.65 10.73
N ASP A 67 -2.19 -1.46 9.81
CA ASP A 67 -1.36 -0.22 9.84
C ASP A 67 -0.37 -0.23 8.68
N TYR A 68 0.71 0.49 8.80
CA TYR A 68 1.71 0.56 7.69
C TYR A 68 3.09 0.82 8.29
N THR A 69 4.05 -0.02 8.01
CA THR A 69 5.41 0.20 8.57
C THR A 69 6.26 0.95 7.56
N CYS A 70 6.75 2.11 7.89
CA CYS A 70 7.57 2.84 6.92
C CYS A 70 8.98 2.24 6.94
N THR A 71 9.87 2.89 6.27
CA THR A 71 11.28 2.39 6.23
C THR A 71 12.21 3.53 5.79
N CYS A 72 13.40 3.57 6.31
CA CYS A 72 14.34 4.66 5.92
C CYS A 72 15.46 4.05 5.06
N ALA A 73 15.59 4.47 3.83
CA ALA A 73 16.66 3.91 2.95
C ALA A 73 18.00 3.89 3.68
N GLU A 74 19.04 3.46 3.01
CA GLU A 74 20.36 3.44 3.63
C GLU A 74 20.93 4.83 3.55
N GLY A 75 20.83 5.49 4.63
CA GLY A 75 21.33 6.89 4.76
C GLY A 75 20.16 7.79 5.11
N PHE A 76 19.10 7.23 5.59
CA PHE A 76 17.92 8.04 5.92
C PHE A 76 17.66 8.00 7.43
N GLU A 77 16.93 8.94 7.95
CA GLU A 77 16.67 8.94 9.43
C GLU A 77 15.45 9.82 9.75
N GLY A 78 14.94 9.71 10.94
CA GLY A 78 13.76 10.55 11.33
C GLY A 78 12.51 9.68 11.43
N LYS A 79 11.46 10.21 12.02
CA LYS A 79 10.21 9.43 12.16
C LYS A 79 9.77 8.92 10.80
N ASN A 80 9.77 9.78 9.84
CA ASN A 80 9.37 9.38 8.47
C ASN A 80 10.61 9.45 7.59
N CYS A 81 11.76 9.17 8.13
CA CYS A 81 12.98 9.29 7.30
C CYS A 81 12.93 10.70 6.70
N GLU A 82 13.07 11.70 7.52
CA GLU A 82 12.96 13.09 7.04
C GLU A 82 14.35 13.74 6.92
N PHE A 83 15.31 13.28 7.65
CA PHE A 83 16.67 13.90 7.55
C PHE A 83 17.55 13.02 6.67
N SER A 84 17.34 13.08 5.40
CA SER A 84 18.16 12.25 4.47
C SER A 84 19.63 12.33 4.89
N THR A 85 20.09 11.39 5.67
CA THR A 85 21.51 11.40 6.13
C THR A 85 22.44 11.14 4.94
N ARG A 86 21.87 10.72 3.84
CA ARG A 86 22.69 10.44 2.64
C ARG A 86 24.00 9.74 3.04
N ALA A 1 -24.82 -0.70 -4.84
CA ALA A 1 -23.49 -0.32 -4.28
C ALA A 1 -22.64 0.30 -5.39
N ASN A 2 -21.38 0.50 -5.14
CA ASN A 2 -20.50 1.11 -6.18
C ASN A 2 -19.10 0.48 -6.11
N SER A 3 -18.90 -0.61 -6.77
CA SER A 3 -17.56 -1.27 -6.75
C SER A 3 -16.64 -0.56 -7.75
N PHE A 4 -15.36 -0.63 -7.53
CA PHE A 4 -14.42 0.04 -8.48
C PHE A 4 -14.28 -0.80 -9.75
N LEU A 5 -14.93 -1.93 -9.80
CA LEU A 5 -14.84 -2.79 -11.00
C LEU A 5 -15.50 -2.09 -12.19
N CGU A 6 -16.56 -1.37 -11.94
CA CGU A 6 -17.23 -0.65 -13.06
C CGU A 6 -16.16 0.05 -13.90
O CGU A 6 -16.19 0.03 -15.11
CB CGU A 6 -18.20 0.39 -12.48
CG CGU A 6 -19.48 -0.28 -11.97
CD1 CGU A 6 -20.52 -0.30 -13.09
CD2 CGU A 6 -19.20 -1.72 -11.50
OE11 CGU A 6 -21.31 0.63 -13.16
OE12 CGU A 6 -20.52 -1.26 -13.85
OE21 CGU A 6 -19.29 -2.61 -12.34
OE22 CGU A 6 -18.90 -1.89 -10.34
H CGU A 6 -16.91 -1.31 -11.03
HA CGU A 6 -17.78 -1.35 -13.68
HB2 CGU A 6 -18.46 1.11 -13.25
HB3 CGU A 6 -17.71 0.91 -11.66
HG CGU A 6 -19.87 0.30 -11.14
N CGU A 7 -15.21 0.65 -13.25
CA CGU A 7 -14.11 1.34 -13.98
C CGU A 7 -12.79 0.66 -13.62
O CGU A 7 -11.90 1.27 -13.04
CB CGU A 7 -14.05 2.81 -13.56
CG CGU A 7 -15.44 3.44 -13.74
CD1 CGU A 7 -15.42 4.88 -13.18
CD2 CGU A 7 -15.79 3.48 -15.23
OE11 CGU A 7 -16.38 5.58 -13.41
OE12 CGU A 7 -14.44 5.23 -12.55
OE21 CGU A 7 -16.63 2.70 -15.64
OE22 CGU A 7 -15.22 4.31 -15.94
H CGU A 7 -15.20 0.65 -12.27
HA CGU A 7 -14.27 1.26 -15.04
HB2 CGU A 7 -13.34 3.33 -14.18
HB3 CGU A 7 -13.75 2.88 -12.52
HG CGU A 7 -16.17 2.86 -13.21
N VAL A 8 -12.66 -0.60 -13.93
CA VAL A 8 -11.43 -1.35 -13.58
C VAL A 8 -10.21 -0.48 -13.82
N LYS A 9 -9.74 0.11 -12.78
CA LYS A 9 -8.55 0.98 -12.87
C LYS A 9 -7.48 0.25 -13.68
N GLN A 10 -7.45 0.47 -14.97
CA GLN A 10 -6.44 -0.23 -15.83
C GLN A 10 -5.09 -0.31 -15.10
N GLY A 11 -4.84 -1.40 -14.43
CA GLY A 11 -3.55 -1.56 -13.69
C GLY A 11 -3.64 -0.84 -12.34
N ASN A 12 -3.25 -1.50 -11.28
CA ASN A 12 -3.30 -0.85 -9.94
C ASN A 12 -2.55 -1.72 -8.91
N LEU A 13 -2.13 -1.14 -7.81
CA LEU A 13 -1.42 -1.93 -6.79
C LEU A 13 -2.29 -2.07 -5.54
N CGU A 14 -1.78 -2.63 -4.50
CA CGU A 14 -2.59 -2.79 -3.26
C CGU A 14 -3.09 -1.41 -2.82
O CGU A 14 -4.02 -1.29 -2.06
CB CGU A 14 -1.77 -3.46 -2.14
CG CGU A 14 -0.67 -2.53 -1.59
CD1 CGU A 14 0.15 -1.92 -2.74
CD2 CGU A 14 -1.29 -1.42 -0.75
OE11 CGU A 14 0.85 -2.66 -3.40
OE12 CGU A 14 0.06 -0.72 -2.92
OE21 CGU A 14 -2.39 -1.61 -0.28
OE22 CGU A 14 -0.65 -0.39 -0.59
H CGU A 14 -0.86 -2.95 -4.52
HA CGU A 14 -3.45 -3.42 -3.48
HB2 CGU A 14 -1.31 -4.35 -2.52
HB3 CGU A 14 -2.43 -3.73 -1.32
HG CGU A 14 0.00 -3.11 -0.96
N ARG A 15 -2.46 -0.37 -3.31
CA ARG A 15 -2.91 1.00 -2.95
C ARG A 15 -4.18 1.35 -3.73
N CGU A 16 -4.19 1.13 -5.01
CA CGU A 16 -5.39 1.43 -5.83
C CGU A 16 -6.36 0.24 -5.74
O CGU A 16 -7.32 0.14 -6.49
CB CGU A 16 -4.98 1.64 -7.29
CG CGU A 16 -5.48 3.01 -7.75
CD1 CGU A 16 -7.00 3.10 -7.57
CD2 CGU A 16 -4.80 4.11 -6.92
OE11 CGU A 16 -7.71 2.74 -8.50
OE12 CGU A 16 -7.42 3.50 -6.50
OE21 CGU A 16 -3.60 4.22 -7.00
OE22 CGU A 16 -5.51 4.82 -6.22
H CGU A 16 -3.39 0.75 -5.44
HA CGU A 16 -5.87 2.32 -5.46
HB2 CGU A 16 -5.43 0.88 -7.91
HB3 CGU A 16 -3.90 1.60 -7.38
HG CGU A 16 -5.24 3.15 -8.80
N CYS A 17 -6.11 -0.65 -4.82
CA CYS A 17 -6.99 -1.84 -4.66
C CYS A 17 -6.63 -2.51 -3.34
N LEU A 18 -6.46 -1.73 -2.32
CA LEU A 18 -6.11 -2.27 -0.99
C LEU A 18 -7.16 -3.30 -0.54
N CGU A 19 -7.84 -3.04 0.54
CA CGU A 19 -8.88 -4.01 1.03
C CGU A 19 -10.25 -3.61 0.53
O CGU A 19 -10.76 -4.15 -0.43
CB CGU A 19 -8.87 -4.01 2.56
CG CGU A 19 -7.67 -4.80 3.07
CD1 CGU A 19 -7.33 -4.35 4.50
CD2 CGU A 19 -8.00 -6.30 3.07
OE11 CGU A 19 -8.12 -3.61 5.07
OE12 CGU A 19 -6.30 -4.76 5.00
OE21 CGU A 19 -8.40 -6.79 4.11
OE22 CGU A 19 -7.85 -6.91 2.04
H CGU A 19 -7.68 -2.22 1.04
HA CGU A 19 -8.64 -4.98 0.69
HB2 CGU A 19 -9.78 -4.47 2.92
HB3 CGU A 19 -8.82 -2.99 2.92
HG CGU A 19 -6.82 -4.61 2.43
N CGU A 20 -10.86 -2.69 1.19
CA CGU A 20 -12.22 -2.24 0.79
C CGU A 20 -12.16 -1.54 -0.57
O CGU A 20 -13.16 -1.34 -1.23
CB CGU A 20 -12.77 -1.26 1.84
CG CGU A 20 -12.97 -1.99 3.16
CD1 CGU A 20 -11.85 -1.60 4.13
CD2 CGU A 20 -14.33 -1.61 3.75
OE11 CGU A 20 -11.12 -2.48 4.55
OE12 CGU A 20 -11.76 -0.42 4.44
OE21 CGU A 20 -14.34 -0.94 4.77
OE22 CGU A 20 -15.33 -1.98 3.17
H CGU A 20 -10.41 -2.29 1.97
HA CGU A 20 -12.87 -3.09 0.72
HB2 CGU A 20 -13.72 -0.87 1.49
HB3 CGU A 20 -12.08 -0.45 1.97
HG CGU A 20 -12.94 -3.06 2.99
N ALA A 21 -10.98 -1.18 -0.99
CA ALA A 21 -10.84 -0.49 -2.30
C ALA A 21 -10.53 -1.55 -3.37
N CYS A 22 -10.71 -2.80 -3.04
CA CYS A 22 -10.43 -3.87 -4.04
C CYS A 22 -11.62 -4.84 -4.08
N SER A 23 -11.61 -5.77 -4.99
CA SER A 23 -12.74 -6.74 -5.07
C SER A 23 -12.18 -8.16 -5.28
N LEU A 24 -10.88 -8.30 -5.35
CA LEU A 24 -10.28 -9.66 -5.56
C LEU A 24 -10.34 -10.07 -7.03
N CGU A 25 -11.38 -9.69 -7.73
CA CGU A 25 -11.48 -10.06 -9.18
C CGU A 25 -10.54 -9.17 -9.99
O CGU A 25 -9.87 -9.63 -10.90
CB CGU A 25 -12.92 -9.86 -9.65
CG CGU A 25 -13.54 -11.22 -10.00
CD1 CGU A 25 -12.70 -11.90 -11.08
CD2 CGU A 25 -13.57 -12.10 -8.75
OE11 CGU A 25 -11.79 -11.28 -11.58
OE12 CGU A 25 -13.00 -13.05 -11.40
OE21 CGU A 25 -14.54 -12.01 -8.01
OE22 CGU A 25 -12.64 -12.85 -8.55
H CGU A 25 -12.09 -9.16 -7.32
HA CGU A 25 -11.19 -11.09 -9.31
HB2 CGU A 25 -12.93 -9.23 -10.53
HB3 CGU A 25 -13.50 -9.40 -8.87
HG CGU A 25 -14.55 -11.08 -10.36
N CGU A 26 -10.50 -7.90 -9.69
CA CGU A 26 -9.60 -6.98 -10.45
C CGU A 26 -8.16 -7.14 -9.97
O CGU A 26 -7.25 -7.24 -10.76
CB CGU A 26 -10.06 -5.53 -10.22
CG CGU A 26 -10.49 -4.92 -11.56
CD1 CGU A 26 -9.26 -4.61 -12.41
CD2 CGU A 26 -11.40 -5.88 -12.31
OE11 CGU A 26 -8.78 -5.52 -13.08
OE12 CGU A 26 -8.80 -3.48 -12.38
OE21 CGU A 26 -11.28 -5.96 -13.52
OE22 CGU A 26 -12.20 -6.54 -11.67
H CGU A 26 -11.05 -7.55 -8.96
HA CGU A 26 -9.66 -7.22 -11.50
HB2 CGU A 26 -9.24 -4.96 -9.81
HB3 CGU A 26 -10.89 -5.52 -9.54
HG CGU A 26 -11.02 -3.99 -11.37
N ALA A 27 -7.94 -7.16 -8.68
CA ALA A 27 -6.54 -7.31 -8.18
C ALA A 27 -5.96 -8.64 -8.67
N ARG A 28 -6.78 -9.52 -9.18
CA ARG A 28 -6.28 -10.82 -9.67
C ARG A 28 -5.69 -10.67 -11.06
N CGU A 29 -6.45 -10.15 -11.94
CA CGU A 29 -6.00 -9.96 -13.34
C CGU A 29 -5.24 -8.62 -13.47
O CGU A 29 -4.74 -8.29 -14.52
CB CGU A 29 -7.21 -9.94 -14.27
CG CGU A 29 -8.12 -11.12 -13.95
CD1 CGU A 29 -9.58 -10.70 -14.10
CD2 CGU A 29 -7.82 -12.28 -14.91
OE11 CGU A 29 -10.18 -11.07 -15.10
OE12 CGU A 29 -10.07 -10.00 -13.23
OE21 CGU A 29 -7.81 -13.42 -14.45
OE22 CGU A 29 -7.62 -12.02 -16.07
H CGU A 29 -7.36 -9.88 -11.67
HA CGU A 29 -5.34 -10.77 -13.62
HB2 CGU A 29 -6.87 -10.02 -15.30
HB3 CGU A 29 -7.75 -9.02 -14.15
HG CGU A 29 -7.94 -11.44 -12.93
N VAL A 30 -5.16 -7.87 -12.41
CA VAL A 30 -4.45 -6.57 -12.48
C VAL A 30 -2.96 -6.77 -12.16
N PHE A 31 -2.62 -7.76 -11.38
CA PHE A 31 -1.19 -7.98 -11.05
C PHE A 31 -0.65 -9.16 -11.85
N CGU A 32 -0.09 -8.89 -13.00
CA CGU A 32 0.47 -10.01 -13.81
C CGU A 32 1.60 -10.66 -13.01
O CGU A 32 1.97 -11.79 -13.25
CB CGU A 32 1.05 -9.46 -15.11
CG CGU A 32 -0.07 -8.98 -16.02
CD1 CGU A 32 -0.44 -7.54 -15.67
CD2 CGU A 32 0.39 -9.05 -17.47
OE11 CGU A 32 0.21 -6.64 -16.19
OE12 CGU A 32 -1.37 -7.36 -14.90
OE21 CGU A 32 0.73 -8.02 -18.02
OE22 CGU A 32 0.37 -10.14 -18.03
H CGU A 32 -0.03 -7.97 -13.31
HA CGU A 32 -0.30 -10.73 -14.03
HB2 CGU A 32 1.62 -10.23 -15.60
HB3 CGU A 32 1.72 -8.63 -14.88
HG CGU A 32 -0.94 -9.62 -15.88
N ASP A 33 2.14 -9.93 -12.08
CA ASP A 33 3.24 -10.47 -11.25
C ASP A 33 3.00 -11.94 -10.90
N ALA A 34 3.94 -12.79 -11.20
CA ALA A 34 3.77 -14.23 -10.86
C ALA A 34 4.11 -14.39 -9.39
N CGU A 35 5.00 -13.57 -8.90
CA CGU A 35 5.34 -13.63 -7.46
C CGU A 35 4.28 -12.84 -6.70
O CGU A 35 3.60 -13.37 -5.86
CB CGU A 35 6.75 -13.07 -7.17
CG CGU A 35 7.13 -11.94 -8.13
CD1 CGU A 35 8.24 -11.09 -7.49
CD2 CGU A 35 7.66 -12.53 -9.44
OE11 CGU A 35 9.32 -11.63 -7.27
OE12 CGU A 35 8.00 -9.93 -7.23
OE21 CGU A 35 8.04 -13.69 -9.44
OE22 CGU A 35 7.67 -11.81 -10.43
H CGU A 35 5.41 -12.92 -9.49
HA CGU A 35 5.29 -14.67 -7.13
HB2 CGU A 35 7.47 -13.87 -7.26
HB3 CGU A 35 6.78 -12.70 -6.16
HG CGU A 35 6.29 -11.30 -8.32
N GLN A 36 4.08 -11.59 -7.03
CA GLN A 36 3.03 -10.83 -6.31
C GLN A 36 1.73 -11.62 -6.41
N THR A 37 1.46 -12.26 -7.53
CA THR A 37 0.18 -13.05 -7.60
C THR A 37 0.00 -13.78 -6.25
N ASP A 38 0.93 -14.62 -5.90
CA ASP A 38 0.86 -15.33 -4.59
C ASP A 38 1.39 -14.40 -3.49
N CGU A 39 2.65 -14.06 -3.51
CA CGU A 39 3.22 -13.13 -2.48
C CGU A 39 2.16 -12.10 -2.09
O CGU A 39 1.69 -12.05 -0.96
CB CGU A 39 4.43 -12.42 -3.07
CG CGU A 39 5.71 -13.17 -2.71
CD1 CGU A 39 6.01 -13.00 -1.22
CD2 CGU A 39 5.55 -14.66 -3.03
OE11 CGU A 39 6.74 -12.08 -0.88
OE12 CGU A 39 5.49 -13.79 -0.45
OE21 CGU A 39 6.08 -15.09 -4.04
OE22 CGU A 39 4.88 -15.33 -2.27
H CGU A 39 3.23 -14.41 -4.22
HA CGU A 39 3.52 -13.69 -1.61
HB2 CGU A 39 4.49 -11.41 -2.70
HB3 CGU A 39 4.33 -12.39 -4.15
HG CGU A 39 6.54 -12.77 -3.29
N PHE A 40 1.78 -11.28 -3.03
CA PHE A 40 0.74 -10.25 -2.78
C PHE A 40 -0.36 -10.85 -1.88
N TRP A 41 -0.85 -12.00 -2.23
CA TRP A 41 -1.94 -12.65 -1.44
C TRP A 41 -1.38 -13.38 -0.19
N SER A 42 -0.72 -14.50 -0.35
CA SER A 42 -0.20 -15.25 0.83
C SER A 42 0.63 -14.35 1.72
N LYS A 43 1.68 -13.82 1.19
CA LYS A 43 2.54 -12.93 2.00
C LYS A 43 1.73 -11.70 2.44
N TYR A 44 0.59 -11.49 1.83
CA TYR A 44 -0.24 -10.32 2.21
C TYR A 44 -0.24 -10.18 3.73
N LYS A 45 -0.82 -11.14 4.42
CA LYS A 45 -0.90 -11.12 5.93
C LYS A 45 0.09 -10.10 6.53
N ASP A 46 -0.20 -8.83 6.40
CA ASP A 46 0.72 -7.80 6.92
C ASP A 46 0.00 -6.46 7.08
N GLY A 47 -0.98 -6.19 6.26
CA GLY A 47 -1.68 -4.88 6.34
C GLY A 47 -1.22 -4.02 5.17
N ASP A 48 -0.62 -4.63 4.19
CA ASP A 48 -0.13 -3.88 2.98
C ASP A 48 1.09 -3.04 3.36
N GLN A 49 1.63 -3.24 4.54
CA GLN A 49 2.86 -2.49 4.98
C GLN A 49 2.51 -1.07 5.45
N CYS A 50 1.43 -0.51 5.00
CA CYS A 50 1.10 0.88 5.45
C CYS A 50 -0.15 0.86 6.33
N GLU A 51 -0.90 -0.21 6.33
CA GLU A 51 -2.13 -0.26 7.17
C GLU A 51 -1.83 0.06 8.64
N GLY A 52 -0.61 -0.07 9.07
CA GLY A 52 -0.29 0.20 10.51
C GLY A 52 0.22 1.64 10.70
N HIS A 53 -0.07 2.52 9.79
CA HIS A 53 0.41 3.93 9.95
C HIS A 53 1.86 3.93 10.43
N PRO A 54 2.70 3.25 9.69
CA PRO A 54 4.14 3.14 10.01
C PRO A 54 4.82 4.52 10.08
N CYS A 55 4.47 5.42 9.21
CA CYS A 55 5.12 6.76 9.21
C CYS A 55 4.44 7.68 10.24
N LEU A 56 5.13 8.71 10.67
CA LEU A 56 4.54 9.64 11.68
C LEU A 56 5.02 11.05 11.38
N ASN A 57 4.72 11.97 12.26
CA ASN A 57 5.17 13.37 12.07
C ASN A 57 4.92 13.83 10.65
N GLN A 58 3.68 13.80 10.24
CA GLN A 58 3.32 14.26 8.88
C GLN A 58 4.20 13.55 7.85
N GLY A 59 4.61 12.35 8.14
CA GLY A 59 5.47 11.60 7.19
C GLY A 59 4.60 10.94 6.12
N HIS A 60 5.05 10.93 4.89
CA HIS A 60 4.25 10.28 3.82
C HIS A 60 4.46 8.77 3.91
N CYS A 61 3.49 8.00 3.53
CA CYS A 61 3.67 6.52 3.66
C CYS A 61 3.56 5.85 2.29
N LYS A 62 4.62 5.27 1.83
CA LYS A 62 4.58 4.54 0.54
C LYS A 62 4.41 3.07 0.93
N BHD A 63 4.38 2.16 0.01
CA BHD A 63 4.19 0.76 0.45
CB BHD A 63 2.69 0.49 0.54
OB BHD A 63 2.02 1.62 1.07
CG BHD A 63 2.11 0.28 -0.86
OD1 BHD A 63 1.93 1.25 -1.55
OD2 BHD A 63 1.87 -0.87 -1.21
C BHD A 63 4.84 -0.24 -0.52
O BHD A 63 5.83 0.03 -1.16
H BHD A 63 4.44 2.38 -0.93
HA BHD A 63 4.62 0.63 1.43
HB BHD A 63 2.52 -0.37 1.15
HOB BHD A 63 2.19 2.37 0.50
N GLY A 64 4.27 -1.41 -0.59
CA GLY A 64 4.81 -2.48 -1.46
C GLY A 64 4.81 -3.78 -0.65
N ILE A 65 4.33 -4.86 -1.21
CA ILE A 65 4.30 -6.12 -0.42
C ILE A 65 5.65 -6.31 0.30
N GLY A 66 6.73 -6.31 -0.43
CA GLY A 66 8.07 -6.49 0.21
C GLY A 66 8.14 -5.63 1.48
N ASP A 67 7.68 -4.41 1.39
CA ASP A 67 7.72 -3.51 2.59
C ASP A 67 7.15 -2.14 2.22
N TYR A 68 7.55 -1.11 2.92
CA TYR A 68 7.02 0.24 2.61
C TYR A 68 8.10 1.29 2.84
N THR A 69 7.98 2.43 2.22
CA THR A 69 8.98 3.50 2.39
C THR A 69 8.27 4.76 2.90
N CYS A 70 8.58 5.20 4.08
CA CYS A 70 7.93 6.41 4.59
C CYS A 70 8.68 7.63 4.08
N THR A 71 8.38 8.76 4.63
CA THR A 71 9.07 10.01 4.20
C THR A 71 8.90 11.07 5.29
N CYS A 72 9.98 11.57 5.82
CA CYS A 72 9.87 12.61 6.89
C CYS A 72 9.84 14.01 6.26
N ALA A 73 8.75 14.72 6.39
CA ALA A 73 8.67 16.07 5.79
C ALA A 73 9.91 16.89 6.16
N GLU A 74 9.97 18.11 5.70
CA GLU A 74 11.09 18.98 6.03
C GLU A 74 10.85 19.54 7.41
N GLY A 75 11.51 18.97 8.33
CA GLY A 75 11.38 19.38 9.75
C GLY A 75 11.15 18.17 10.62
N PHE A 76 11.19 16.99 10.07
CA PHE A 76 10.93 15.80 10.88
C PHE A 76 11.98 14.72 10.62
N GLU A 77 12.21 13.85 11.57
CA GLU A 77 13.24 12.79 11.37
C GLU A 77 12.94 11.59 12.27
N GLY A 78 13.61 10.49 12.05
CA GLY A 78 13.38 9.28 12.89
C GLY A 78 12.82 8.16 12.01
N LYS A 79 12.71 6.96 12.55
CA LYS A 79 12.18 5.84 11.74
C LYS A 79 10.87 6.27 11.10
N ASN A 80 9.96 6.69 11.93
CA ASN A 80 8.65 7.17 11.42
C ASN A 80 8.59 8.68 11.59
N CYS A 81 9.72 9.34 11.58
CA CYS A 81 9.72 10.81 11.77
C CYS A 81 9.18 11.12 13.16
N GLU A 82 9.12 10.12 14.01
CA GLU A 82 8.60 10.29 15.39
C GLU A 82 9.04 11.62 16.00
N PHE A 83 10.13 12.17 15.55
CA PHE A 83 10.59 13.45 16.11
C PHE A 83 10.14 14.59 15.22
N SER A 84 10.79 15.68 15.39
CA SER A 84 10.48 16.91 14.60
C SER A 84 11.67 17.87 14.69
N THR A 85 12.57 17.79 13.75
CA THR A 85 13.76 18.71 13.78
C THR A 85 13.30 20.14 13.94
N ARG A 86 12.51 20.60 13.03
CA ARG A 86 12.00 22.00 13.09
C ARG A 86 11.05 22.24 11.92
N ALA A 1 -22.46 -10.77 -4.22
CA ALA A 1 -21.60 -10.25 -5.33
C ALA A 1 -20.84 -9.02 -4.84
N ASN A 2 -21.54 -7.97 -4.49
CA ASN A 2 -20.86 -6.74 -4.01
C ASN A 2 -19.73 -6.36 -4.97
N SER A 3 -20.08 -5.83 -6.11
CA SER A 3 -19.03 -5.43 -7.10
C SER A 3 -18.20 -4.28 -6.52
N PHE A 4 -17.14 -4.60 -5.83
CA PHE A 4 -16.30 -3.52 -5.22
C PHE A 4 -15.47 -2.84 -6.32
N LEU A 5 -15.14 -3.55 -7.36
CA LEU A 5 -14.33 -2.93 -8.44
C LEU A 5 -15.22 -2.05 -9.32
N CGU A 6 -16.48 -2.39 -9.43
CA CGU A 6 -17.39 -1.56 -10.27
C CGU A 6 -17.30 -0.10 -9.83
O CGU A 6 -17.64 0.80 -10.56
CB CGU A 6 -18.83 -2.06 -10.12
CG CGU A 6 -19.28 -2.74 -11.41
CD1 CGU A 6 -20.71 -3.24 -11.26
CD2 CGU A 6 -19.20 -1.74 -12.57
OE11 CGU A 6 -21.60 -2.40 -11.14
OE12 CGU A 6 -20.91 -4.43 -11.26
OE21 CGU A 6 -20.10 -0.92 -12.68
OE22 CGU A 6 -18.24 -1.80 -13.32
H CGU A 6 -16.82 -3.18 -8.96
HA CGU A 6 -17.09 -1.64 -11.31
HB2 CGU A 6 -19.49 -1.23 -9.91
HB3 CGU A 6 -18.87 -2.77 -9.30
HG CGU A 6 -18.63 -3.58 -11.62
N CGU A 7 -16.84 0.14 -8.63
CA CGU A 7 -16.73 1.54 -8.14
C CGU A 7 -15.38 1.72 -7.45
O CGU A 7 -15.31 2.14 -6.30
CB CGU A 7 -17.86 1.83 -7.14
CG CGU A 7 -17.80 3.29 -6.72
CD1 CGU A 7 -18.68 4.13 -7.66
CD2 CGU A 7 -18.32 3.42 -5.28
OE11 CGU A 7 -18.13 5.00 -8.31
OE12 CGU A 7 -19.87 3.89 -7.70
OE21 CGU A 7 -18.59 2.40 -4.67
OE22 CGU A 7 -18.44 4.55 -4.82
H CGU A 7 -16.57 -0.62 -8.05
HA CGU A 7 -16.80 2.21 -8.97
HB2 CGU A 7 -17.75 1.19 -6.28
HB3 CGU A 7 -18.81 1.62 -7.62
HG CGU A 7 -16.78 3.64 -6.77
N VAL A 8 -14.31 1.39 -8.12
CA VAL A 8 -12.96 1.53 -7.51
C VAL A 8 -12.90 2.82 -6.72
N LYS A 9 -13.01 2.69 -5.45
CA LYS A 9 -12.97 3.89 -4.55
C LYS A 9 -11.91 4.86 -5.09
N GLN A 10 -10.90 4.36 -5.73
CA GLN A 10 -9.85 5.26 -6.29
C GLN A 10 -8.96 4.44 -7.24
N GLY A 11 -8.00 5.08 -7.85
CA GLY A 11 -7.09 4.35 -8.78
C GLY A 11 -5.91 3.76 -8.01
N ASN A 12 -6.13 3.35 -6.79
CA ASN A 12 -5.01 2.78 -6.00
C ASN A 12 -5.25 1.26 -5.81
N LEU A 13 -4.20 0.50 -5.62
CA LEU A 13 -4.37 -0.96 -5.41
C LEU A 13 -3.20 -1.51 -4.60
N CGU A 14 -2.02 -0.95 -4.73
CA CGU A 14 -0.89 -1.46 -3.92
C CGU A 14 -1.34 -1.44 -2.47
O CGU A 14 -1.58 -2.46 -1.85
CB CGU A 14 0.33 -0.55 -4.09
CG CGU A 14 0.70 -0.46 -5.57
CD1 CGU A 14 0.34 0.93 -6.11
CD2 CGU A 14 2.20 -0.70 -5.73
OE11 CGU A 14 0.31 1.09 -7.32
OE12 CGU A 14 0.11 1.81 -5.31
OE21 CGU A 14 2.58 -1.82 -6.00
OE22 CGU A 14 2.95 0.26 -5.58
H CGU A 14 -1.90 -0.21 -5.35
HA CGU A 14 -0.65 -2.47 -4.22
HB2 CGU A 14 1.16 -0.95 -3.54
HB3 CGU A 14 0.10 0.43 -3.72
HG CGU A 14 0.16 -1.21 -6.13
N ARG A 15 -1.46 -0.27 -1.91
CA ARG A 15 -1.92 -0.15 -0.50
C ARG A 15 -3.44 -0.40 -0.41
N CGU A 16 -4.20 0.00 -1.40
CA CGU A 16 -5.67 -0.23 -1.35
C CGU A 16 -5.96 -1.73 -1.32
O CGU A 16 -7.04 -2.17 -1.00
CB CGU A 16 -6.33 0.40 -2.58
CG CGU A 16 -7.85 0.39 -2.42
CD1 CGU A 16 -8.30 1.69 -1.75
CD2 CGU A 16 -8.51 0.27 -3.80
OE11 CGU A 16 -8.51 1.68 -0.55
OE12 CGU A 16 -8.45 2.68 -2.47
OE21 CGU A 16 -8.80 1.30 -4.38
OE22 CGU A 16 -8.69 -0.85 -4.25
H CGU A 16 -3.80 0.45 -2.18
HA CGU A 16 -6.07 0.24 -0.45
HB2 CGU A 16 -6.06 -0.16 -3.45
HB3 CGU A 16 -5.99 1.42 -2.69
HG CGU A 16 -8.14 -0.44 -1.81
N CYS A 17 -4.98 -2.53 -1.67
CA CYS A 17 -5.19 -4.01 -1.66
C CYS A 17 -4.38 -4.62 -0.51
N LEU A 18 -4.12 -3.86 0.50
CA LEU A 18 -3.38 -4.40 1.66
C LEU A 18 -4.37 -5.19 2.52
N CGU A 19 -5.62 -4.99 2.27
CA CGU A 19 -6.68 -5.69 3.03
C CGU A 19 -7.67 -6.32 2.04
O CGU A 19 -7.34 -6.56 0.89
CB CGU A 19 -7.42 -4.67 3.87
CG CGU A 19 -6.45 -3.60 4.37
CD1 CGU A 19 -7.24 -2.47 5.03
CD2 CGU A 19 -5.49 -4.21 5.38
OE11 CGU A 19 -6.77 -1.35 5.02
OE12 CGU A 19 -8.31 -2.75 5.56
OE21 CGU A 19 -5.63 -5.38 5.68
OE22 CGU A 19 -4.62 -3.49 5.85
H CGU A 19 -5.88 -4.38 1.57
HA CGU A 19 -6.24 -6.45 3.66
HB2 CGU A 19 -7.87 -5.16 4.71
HB3 CGU A 19 -8.20 -4.21 3.27
HG CGU A 19 -5.89 -3.20 3.53
N CGU A 20 -8.86 -6.58 2.47
CA CGU A 20 -9.88 -7.17 1.55
C CGU A 20 -10.50 -6.06 0.69
O CGU A 20 -11.50 -6.27 0.02
CB CGU A 20 -10.98 -7.85 2.38
CG CGU A 20 -10.37 -8.96 3.22
CD1 CGU A 20 -11.17 -9.12 4.52
CD2 CGU A 20 -10.41 -10.28 2.44
OE11 CGU A 20 -11.95 -10.07 4.59
OE12 CGU A 20 -10.99 -8.31 5.40
OE21 CGU A 20 -9.68 -11.18 2.79
OE22 CGU A 20 -11.19 -10.34 1.48
H CGU A 20 -9.11 -6.36 3.39
HA CGU A 20 -9.40 -7.90 0.92
HB2 CGU A 20 -11.72 -8.25 1.72
HB3 CGU A 20 -11.43 -7.11 3.04
HG CGU A 20 -9.34 -8.72 3.46
N ALA A 21 -9.93 -4.89 0.70
CA ALA A 21 -10.49 -3.77 -0.10
C ALA A 21 -10.01 -3.84 -1.57
N CYS A 22 -9.53 -4.97 -2.00
CA CYS A 22 -9.06 -5.07 -3.41
C CYS A 22 -9.57 -6.36 -4.06
N SER A 23 -8.98 -6.74 -5.15
CA SER A 23 -9.40 -7.99 -5.85
C SER A 23 -8.37 -8.27 -6.95
N LEU A 24 -7.98 -9.50 -7.11
CA LEU A 24 -6.98 -9.85 -8.16
C LEU A 24 -7.24 -9.07 -9.45
N CGU A 25 -8.45 -8.58 -9.67
CA CGU A 25 -8.73 -7.82 -10.92
C CGU A 25 -8.25 -6.38 -10.77
O CGU A 25 -7.63 -5.83 -11.66
CB CGU A 25 -10.24 -7.82 -11.17
CG CGU A 25 -10.52 -7.50 -12.64
CD1 CGU A 25 -10.11 -6.06 -12.93
CD2 CGU A 25 -9.72 -8.45 -13.53
OE11 CGU A 25 -10.18 -5.24 -12.03
OE12 CGU A 25 -9.71 -5.79 -14.06
OE21 CGU A 25 -9.90 -9.65 -13.38
OE22 CGU A 25 -8.97 -7.97 -14.36
H CGU A 25 -9.16 -8.72 -9.01
HA CGU A 25 -8.23 -8.28 -11.75
HB2 CGU A 25 -10.72 -7.08 -10.55
HB3 CGU A 25 -10.65 -8.80 -10.94
HG CGU A 25 -11.58 -7.61 -12.84
N CGU A 26 -8.53 -5.75 -9.66
CA CGU A 26 -8.10 -4.33 -9.46
C CGU A 26 -6.58 -4.24 -9.52
O CGU A 26 -6.03 -3.47 -10.29
CB CGU A 26 -8.57 -3.86 -8.08
CG CGU A 26 -9.04 -2.40 -8.17
CD1 CGU A 26 -10.07 -2.13 -7.07
CD2 CGU A 26 -7.84 -1.48 -7.99
OE11 CGU A 26 -9.94 -1.11 -6.42
OE12 CGU A 26 -10.96 -2.95 -6.91
OE21 CGU A 26 -7.65 -1.00 -6.88
OE22 CGU A 26 -7.13 -1.26 -8.96
H CGU A 26 -9.05 -6.21 -8.97
HA CGU A 26 -8.54 -3.71 -10.22
HB2 CGU A 26 -7.76 -3.93 -7.38
HB3 CGU A 26 -9.39 -4.48 -7.75
HG CGU A 26 -9.49 -2.23 -9.13
N ALA A 27 -5.90 -5.03 -8.74
CA ALA A 27 -4.40 -5.00 -8.75
C ALA A 27 -3.90 -5.85 -9.92
N ARG A 28 -4.16 -5.43 -11.13
CA ARG A 28 -3.71 -6.21 -12.32
C ARG A 28 -2.80 -5.37 -13.20
N CGU A 29 -3.38 -4.61 -14.07
CA CGU A 29 -2.59 -3.77 -15.01
C CGU A 29 -2.15 -2.47 -14.33
O CGU A 29 -1.73 -1.54 -14.98
CB CGU A 29 -3.46 -3.42 -16.21
CG CGU A 29 -3.79 -4.68 -17.00
CD1 CGU A 29 -5.31 -4.85 -17.10
CD2 CGU A 29 -3.21 -4.58 -18.41
OE11 CGU A 29 -6.01 -3.89 -16.80
OE12 CGU A 29 -5.74 -5.93 -17.46
OE21 CGU A 29 -2.06 -4.98 -18.59
OE22 CGU A 29 -3.90 -4.09 -19.29
H CGU A 29 -4.35 -4.61 -14.12
HA CGU A 29 -1.72 -4.31 -15.34
HB2 CGU A 29 -2.93 -2.72 -16.86
HB3 CGU A 29 -4.37 -2.96 -15.87
HG CGU A 29 -3.36 -5.54 -16.50
N VAL A 30 -2.26 -2.38 -13.03
CA VAL A 30 -1.85 -1.13 -12.35
C VAL A 30 -0.32 -1.10 -12.21
N PHE A 31 0.28 -2.24 -12.01
CA PHE A 31 1.76 -2.24 -11.91
C PHE A 31 2.36 -3.18 -12.97
N CGU A 32 3.22 -2.67 -13.80
CA CGU A 32 3.87 -3.52 -14.83
C CGU A 32 4.67 -4.62 -14.12
O CGU A 32 5.07 -5.60 -14.72
CB CGU A 32 4.85 -2.68 -15.66
CG CGU A 32 4.57 -2.87 -17.15
CD1 CGU A 32 4.72 -1.53 -17.87
CD2 CGU A 32 5.56 -3.88 -17.71
OE11 CGU A 32 5.70 -1.38 -18.59
OE12 CGU A 32 3.86 -0.68 -17.69
OE21 CGU A 32 5.68 -3.96 -18.93
OE22 CGU A 32 6.20 -4.56 -16.93
H CGU A 32 3.47 -1.72 -13.72
HA CGU A 32 3.12 -3.96 -15.47
HB2 CGU A 32 5.86 -2.99 -15.44
HB3 CGU A 32 4.71 -1.64 -15.40
HG CGU A 32 3.56 -3.24 -17.28
N ASP A 33 4.88 -4.46 -12.85
CA ASP A 33 5.65 -5.46 -12.07
C ASP A 33 5.31 -6.88 -12.49
N ALA A 34 6.23 -7.53 -13.15
CA ALA A 34 5.98 -8.94 -13.54
C ALA A 34 6.22 -9.77 -12.29
N CGU A 35 7.03 -9.26 -11.40
CA CGU A 35 7.29 -9.95 -10.12
C CGU A 35 6.12 -9.63 -9.19
O CGU A 35 5.44 -10.50 -8.72
CB CGU A 35 8.60 -9.48 -9.50
CG CGU A 35 9.78 -10.07 -10.27
CD1 CGU A 35 11.09 -9.50 -9.75
CD2 CGU A 35 9.78 -11.60 -10.10
OE11 CGU A 35 12.13 -9.86 -10.26
OE12 CGU A 35 11.03 -8.70 -8.82
OE21 CGU A 35 9.26 -12.27 -10.97
OE22 CGU A 35 10.30 -12.05 -9.10
H CGU A 35 7.44 -8.38 -11.57
HA CGU A 35 7.32 -11.02 -10.28
HB2 CGU A 35 8.65 -9.80 -8.48
HB3 CGU A 35 8.65 -8.39 -9.55
HG CGU A 35 9.68 -9.83 -11.33
N GLN A 36 5.88 -8.37 -8.92
CA GLN A 36 4.74 -8.06 -8.02
C GLN A 36 3.53 -8.80 -8.56
N THR A 37 3.38 -8.92 -9.86
CA THR A 37 2.18 -9.68 -10.35
C THR A 37 2.03 -10.91 -9.45
N ASP A 38 3.02 -11.77 -9.45
CA ASP A 38 2.99 -12.95 -8.55
C ASP A 38 3.51 -12.56 -7.16
N CGU A 39 4.78 -12.24 -7.01
CA CGU A 39 5.31 -11.83 -5.67
C CGU A 39 4.24 -11.08 -4.90
O CGU A 39 3.87 -11.46 -3.79
CB CGU A 39 6.54 -10.94 -5.85
CG CGU A 39 7.80 -11.70 -5.46
CD1 CGU A 39 7.81 -11.93 -3.94
CD2 CGU A 39 7.82 -13.06 -6.18
OE11 CGU A 39 8.88 -12.01 -3.38
OE12 CGU A 39 6.73 -12.01 -3.38
OE21 CGU A 39 7.19 -13.97 -5.68
OE22 CGU A 39 8.45 -13.15 -7.21
H CGU A 39 5.37 -12.27 -7.79
HA CGU A 39 5.59 -12.71 -5.10
HB2 CGU A 39 6.44 -10.06 -5.23
HB3 CGU A 39 6.61 -10.63 -6.89
HG CGU A 39 8.67 -11.13 -5.74
N PHE A 40 3.70 -10.05 -5.46
CA PHE A 40 2.62 -9.31 -4.77
C PHE A 40 1.63 -10.35 -4.24
N TRP A 41 1.14 -11.21 -5.08
CA TRP A 41 0.16 -12.23 -4.61
C TRP A 41 0.87 -13.43 -3.93
N SER A 42 1.64 -14.21 -4.66
CA SER A 42 2.34 -15.40 -4.09
C SER A 42 3.47 -14.93 -3.18
N LYS A 43 3.10 -14.56 -2.01
CA LYS A 43 4.08 -14.06 -0.99
C LYS A 43 3.31 -13.14 -0.06
N TYR A 44 2.27 -12.54 -0.58
CA TYR A 44 1.43 -11.65 0.22
C TYR A 44 0.49 -12.49 1.05
N LYS A 45 -0.72 -12.68 0.61
CA LYS A 45 -1.69 -13.50 1.41
C LYS A 45 -1.42 -13.21 2.89
N ASP A 46 -1.03 -11.99 3.15
CA ASP A 46 -0.65 -11.61 4.54
C ASP A 46 -1.28 -10.27 4.91
N GLY A 47 -1.73 -9.50 3.94
CA GLY A 47 -2.29 -8.16 4.27
C GLY A 47 -1.33 -7.52 5.27
N ASP A 48 -0.11 -7.33 4.87
CA ASP A 48 0.90 -6.78 5.82
C ASP A 48 1.64 -5.58 5.23
N GLN A 49 2.94 -5.60 5.27
CA GLN A 49 3.74 -4.48 4.74
C GLN A 49 3.29 -3.14 5.33
N CYS A 50 2.31 -2.52 4.75
CA CYS A 50 1.86 -1.19 5.27
C CYS A 50 0.58 -1.33 6.11
N GLU A 51 0.19 -2.53 6.47
CA GLU A 51 -1.03 -2.69 7.29
C GLU A 51 -0.78 -2.15 8.70
N GLY A 52 -1.77 -1.57 9.33
CA GLY A 52 -1.57 -1.04 10.70
C GLY A 52 -1.13 0.43 10.63
N HIS A 53 -0.97 0.96 9.46
CA HIS A 53 -0.54 2.39 9.34
C HIS A 53 0.84 2.56 9.97
N PRO A 54 1.82 1.95 9.35
CA PRO A 54 3.22 2.01 9.83
C PRO A 54 3.75 3.45 9.82
N CYS A 55 3.65 4.13 8.70
CA CYS A 55 4.17 5.53 8.65
C CYS A 55 3.34 6.42 9.58
N LEU A 56 3.85 7.55 9.97
CA LEU A 56 3.10 8.44 10.88
C LEU A 56 3.38 9.90 10.54
N ASN A 57 2.87 10.79 11.35
CA ASN A 57 3.12 12.25 11.11
C ASN A 57 2.90 12.58 9.63
N GLN A 58 1.71 12.33 9.16
CA GLN A 58 1.39 12.67 7.76
C GLN A 58 2.41 12.04 6.82
N GLY A 59 2.95 10.92 7.21
CA GLY A 59 3.96 10.23 6.35
C GLY A 59 3.23 9.42 5.26
N HIS A 60 3.63 9.57 4.04
CA HIS A 60 2.96 8.80 2.95
C HIS A 60 3.51 7.37 2.94
N CYS A 61 2.66 6.40 3.06
CA CYS A 61 3.12 4.99 3.08
C CYS A 61 3.10 4.40 1.66
N LYS A 62 3.99 3.49 1.38
CA LYS A 62 4.01 2.86 0.03
C LYS A 62 4.21 1.36 0.23
N BHD A 63 3.18 0.60 0.11
CA BHD A 63 3.34 -0.86 0.32
CB BHD A 63 1.97 -1.50 0.61
OB BHD A 63 1.23 -0.69 1.52
CG BHD A 63 1.14 -1.59 -0.66
OD1 BHD A 63 1.10 -0.61 -1.39
OD2 BHD A 63 0.55 -2.63 -0.90
C BHD A 63 3.93 -1.50 -0.94
O BHD A 63 4.42 -0.82 -1.82
H BHD A 63 2.30 0.98 -0.09
HA BHD A 63 4.00 -1.04 1.15
HB BHD A 63 2.11 -2.48 1.04
HOB BHD A 63 1.74 0.10 1.69
N GLY A 64 3.89 -2.79 -1.03
CA GLY A 64 4.45 -3.45 -2.24
C GLY A 64 4.90 -4.89 -1.92
N ILE A 65 4.23 -5.56 -1.02
CA ILE A 65 4.63 -6.95 -0.65
C ILE A 65 6.11 -7.00 -0.22
N GLY A 66 6.44 -7.80 0.74
CA GLY A 66 7.86 -7.85 1.20
C GLY A 66 8.06 -6.75 2.23
N ASP A 67 7.55 -5.58 1.96
CA ASP A 67 7.68 -4.46 2.91
C ASP A 67 6.89 -3.25 2.38
N TYR A 68 7.24 -2.08 2.82
CA TYR A 68 6.49 -0.86 2.38
C TYR A 68 7.37 0.37 2.64
N THR A 69 7.63 1.19 1.65
CA THR A 69 8.47 2.39 1.89
C THR A 69 7.59 3.53 2.41
N CYS A 70 7.97 4.14 3.51
CA CYS A 70 7.17 5.27 4.04
C CYS A 70 7.74 6.57 3.48
N THR A 71 7.26 7.65 3.99
CA THR A 71 7.75 8.98 3.53
C THR A 71 7.40 10.04 4.57
N CYS A 72 8.38 10.61 5.23
CA CYS A 72 8.06 11.65 6.25
C CYS A 72 7.79 12.98 5.54
N ALA A 73 6.63 13.55 5.71
CA ALA A 73 6.33 14.83 5.03
C ALA A 73 7.43 15.84 5.30
N GLU A 74 7.36 16.99 4.70
CA GLU A 74 8.37 18.01 4.94
C GLU A 74 8.02 18.71 6.24
N GLY A 75 8.72 18.32 7.23
CA GLY A 75 8.50 18.89 8.58
C GLY A 75 8.40 17.77 9.62
N PHE A 76 8.61 16.55 9.21
CA PHE A 76 8.48 15.44 10.17
C PHE A 76 9.71 14.53 10.11
N GLU A 77 9.93 13.74 11.13
CA GLU A 77 11.12 12.84 11.12
C GLU A 77 10.93 11.69 12.10
N GLY A 78 11.80 10.70 12.05
CA GLY A 78 11.68 9.54 12.97
C GLY A 78 11.40 8.28 12.16
N LYS A 79 11.40 7.13 12.79
CA LYS A 79 11.12 5.88 12.06
C LYS A 79 9.87 6.06 11.22
N ASN A 80 8.80 6.40 11.86
CA ASN A 80 7.53 6.63 11.13
C ASN A 80 7.23 8.12 11.14
N CYS A 81 8.23 8.94 11.30
CA CYS A 81 7.99 10.40 11.34
C CYS A 81 7.32 10.76 12.66
N GLU A 82 7.36 9.85 13.60
CA GLU A 82 6.73 10.05 14.94
C GLU A 82 6.92 11.48 15.46
N PHE A 83 7.93 12.18 15.02
CA PHE A 83 8.14 13.55 15.51
C PHE A 83 7.67 14.56 14.48
N SER A 84 8.14 15.73 14.66
CA SER A 84 7.80 16.85 13.74
C SER A 84 8.89 17.92 13.81
N THR A 85 9.80 17.92 12.87
CA THR A 85 10.90 18.93 12.90
C THR A 85 10.31 20.33 12.89
N ARG A 86 9.51 20.59 11.91
CA ARG A 86 8.87 21.94 11.80
C ARG A 86 7.47 21.78 11.20
N ALA A 1 -20.27 -6.66 -4.88
CA ALA A 1 -18.84 -7.11 -4.85
C ALA A 1 -18.09 -6.50 -6.03
N ASN A 2 -18.33 -6.98 -7.22
CA ASN A 2 -17.62 -6.42 -8.40
C ASN A 2 -18.31 -5.12 -8.83
N SER A 3 -19.16 -5.17 -9.82
CA SER A 3 -19.86 -3.93 -10.26
C SER A 3 -18.83 -2.85 -10.60
N PHE A 4 -18.46 -2.05 -9.63
CA PHE A 4 -17.47 -0.96 -9.90
C PHE A 4 -16.14 -1.58 -10.33
N LEU A 5 -15.98 -2.86 -10.19
CA LEU A 5 -14.70 -3.50 -10.59
C LEU A 5 -14.52 -3.35 -12.11
N CGU A 6 -15.59 -3.34 -12.85
CA CGU A 6 -15.48 -3.19 -14.32
C CGU A 6 -14.53 -2.04 -14.63
O CGU A 6 -13.71 -2.11 -15.52
CB CGU A 6 -16.87 -2.90 -14.91
CG CGU A 6 -17.54 -4.21 -15.31
CD1 CGU A 6 -18.77 -4.44 -14.42
CD2 CGU A 6 -17.99 -4.13 -16.77
OE11 CGU A 6 -19.05 -5.59 -14.13
OE12 CGU A 6 -19.39 -3.47 -14.03
OE21 CGU A 6 -17.13 -4.03 -17.62
OE22 CGU A 6 -19.18 -4.16 -17.00
H CGU A 6 -16.47 -3.44 -12.42
HA CGU A 6 -15.09 -4.10 -14.75
HB2 CGU A 6 -16.75 -2.27 -15.78
HB3 CGU A 6 -17.47 -2.39 -14.17
HG CGU A 6 -16.85 -5.03 -15.18
N CGU A 7 -14.64 -0.96 -13.89
CA CGU A 7 -13.74 0.20 -14.12
C CGU A 7 -12.87 0.40 -12.89
O CGU A 7 -12.88 1.45 -12.27
CB CGU A 7 -14.59 1.46 -14.37
CG CGU A 7 -15.49 1.25 -15.58
CD1 CGU A 7 -16.88 1.83 -15.29
CD2 CGU A 7 -14.88 1.96 -16.80
OE11 CGU A 7 -17.53 2.25 -16.23
OE12 CGU A 7 -17.26 1.83 -14.13
OE21 CGU A 7 -15.44 1.82 -17.88
OE22 CGU A 7 -13.88 2.63 -16.62
H CGU A 7 -15.31 -0.92 -13.18
HA CGU A 7 -13.12 0.01 -14.98
HB2 CGU A 7 -13.93 2.30 -14.55
HB3 CGU A 7 -15.19 1.66 -13.49
HG CGU A 7 -15.58 0.19 -15.79
N VAL A 8 -12.11 -0.61 -12.51
CA VAL A 8 -11.25 -0.50 -11.31
C VAL A 8 -10.60 0.89 -11.27
N LYS A 9 -11.16 1.74 -10.49
CA LYS A 9 -10.61 3.11 -10.37
C LYS A 9 -9.11 3.01 -10.07
N GLN A 10 -8.28 2.95 -11.08
CA GLN A 10 -6.82 2.84 -10.84
C GLN A 10 -6.40 3.86 -9.78
N GLY A 11 -5.72 3.41 -8.75
CA GLY A 11 -5.29 4.36 -7.68
C GLY A 11 -3.78 4.34 -7.53
N ASN A 12 -3.20 3.18 -7.36
CA ASN A 12 -1.72 3.11 -7.18
C ASN A 12 -1.27 1.65 -7.24
N LEU A 13 -0.05 1.35 -6.86
CA LEU A 13 0.42 -0.05 -6.91
C LEU A 13 0.58 -0.57 -5.49
N CGU A 14 -0.06 -1.67 -5.17
CA CGU A 14 0.03 -2.25 -3.79
C CGU A 14 -0.96 -1.54 -2.88
O CGU A 14 -1.82 -2.16 -2.27
CB CGU A 14 1.46 -2.08 -3.24
CG CGU A 14 2.48 -2.44 -4.33
CD1 CGU A 14 3.45 -1.26 -4.53
CD2 CGU A 14 3.30 -3.66 -3.90
OE11 CGU A 14 3.86 -0.68 -3.54
OE12 CGU A 14 3.74 -0.95 -5.67
OE21 CGU A 14 4.28 -3.96 -4.55
OE22 CGU A 14 2.92 -4.28 -2.92
H CGU A 14 -0.61 -2.12 -5.85
HA CGU A 14 -0.21 -3.30 -3.84
HB2 CGU A 14 1.59 -2.74 -2.40
HB3 CGU A 14 1.61 -1.06 -2.92
HG CGU A 14 1.98 -2.65 -5.26
N ARG A 15 -0.87 -0.24 -2.78
CA ARG A 15 -1.81 0.54 -1.92
C ARG A 15 -3.10 0.81 -2.71
N CGU A 16 -3.32 0.05 -3.74
CA CGU A 16 -4.55 0.20 -4.56
C CGU A 16 -5.67 -0.52 -3.82
O CGU A 16 -6.81 -0.52 -4.23
CB CGU A 16 -4.35 -0.43 -5.94
CG CGU A 16 -5.68 -0.48 -6.69
CD1 CGU A 16 -6.41 0.85 -6.55
CD2 CGU A 16 -5.40 -0.76 -8.18
OE11 CGU A 16 -5.75 1.87 -6.63
OE12 CGU A 16 -7.61 0.83 -6.37
OE21 CGU A 16 -4.76 0.06 -8.80
OE22 CGU A 16 -5.85 -1.79 -8.66
H CGU A 16 -2.69 -0.65 -3.97
HA CGU A 16 -4.80 1.24 -4.67
HB2 CGU A 16 -3.96 -1.44 -5.82
HB3 CGU A 16 -3.64 0.16 -6.49
HG CGU A 16 -6.29 -1.27 -6.29
N CYS A 17 -5.33 -1.11 -2.70
CA CYS A 17 -6.33 -1.83 -1.88
C CYS A 17 -5.73 -2.04 -0.49
N LEU A 18 -5.43 -0.97 0.13
CA LEU A 18 -4.89 -0.98 1.53
C LEU A 18 -6.00 -0.53 2.46
N CGU A 19 -6.81 0.36 1.98
CA CGU A 19 -7.97 0.87 2.76
C CGU A 19 -9.13 -0.08 2.57
O CGU A 19 -9.33 -1.02 3.32
CB CGU A 19 -8.35 2.25 2.21
CG CGU A 19 -7.30 3.28 2.62
CD1 CGU A 19 -7.27 4.40 1.58
CD2 CGU A 19 -7.67 3.86 3.98
OE11 CGU A 19 -8.31 4.74 1.06
OE12 CGU A 19 -6.18 4.90 1.32
OE21 CGU A 19 -7.58 3.13 4.96
OE22 CGU A 19 -8.01 5.02 4.03
H CGU A 19 -6.66 0.68 1.08
HA CGU A 19 -7.72 0.95 3.79
HB2 CGU A 19 -9.31 2.54 2.61
HB3 CGU A 19 -8.41 2.19 1.12
HG CGU A 19 -6.33 2.80 2.66
N CGU A 20 -9.88 0.13 1.53
CA CGU A 20 -11.01 -0.76 1.22
C CGU A 20 -10.45 -2.09 0.74
O CGU A 20 -11.18 -3.04 0.48
CB CGU A 20 -11.88 -0.15 0.12
CG CGU A 20 -12.84 0.87 0.74
CD1 CGU A 20 -13.64 1.56 -0.37
CD2 CGU A 20 -13.81 0.13 1.67
OE11 CGU A 20 -13.57 2.77 -0.44
OE12 CGU A 20 -14.28 0.86 -1.14
OE21 CGU A 20 -14.54 0.81 2.38
OE22 CGU A 20 -13.80 -1.08 1.67
H CGU A 20 -9.67 0.88 0.94
HA CGU A 20 -11.60 -0.94 2.08
HB2 CGU A 20 -12.44 -0.92 -0.38
HB3 CGU A 20 -11.24 0.36 -0.59
HG CGU A 20 -12.28 1.61 1.30
N ALA A 21 -9.15 -2.17 0.59
CA ALA A 21 -8.53 -3.42 0.12
C ALA A 21 -9.34 -3.96 -1.03
N CYS A 22 -9.89 -3.02 -1.76
CA CYS A 22 -10.69 -3.32 -2.97
C CYS A 22 -11.21 -4.77 -2.99
N SER A 23 -11.24 -5.41 -4.15
CA SER A 23 -11.77 -6.79 -4.20
C SER A 23 -10.78 -7.74 -4.87
N LEU A 24 -9.59 -7.85 -4.34
CA LEU A 24 -8.58 -8.78 -4.92
C LEU A 24 -8.43 -8.58 -6.43
N CGU A 25 -9.21 -9.28 -7.21
CA CGU A 25 -9.11 -9.16 -8.70
C CGU A 25 -8.94 -7.69 -9.13
O CGU A 25 -8.41 -7.41 -10.19
CB CGU A 25 -10.39 -9.70 -9.34
CG CGU A 25 -10.49 -11.21 -9.09
CD1 CGU A 25 -11.93 -11.67 -9.32
CD2 CGU A 25 -9.56 -11.94 -10.06
OE11 CGU A 25 -12.12 -12.57 -10.13
OE12 CGU A 25 -12.81 -11.12 -8.69
OE21 CGU A 25 -9.37 -11.45 -11.16
OE22 CGU A 25 -9.03 -12.98 -9.69
H CGU A 25 -9.85 -9.90 -6.82
HA CGU A 25 -8.27 -9.74 -9.05
HB2 CGU A 25 -10.38 -9.51 -10.40
HB3 CGU A 25 -11.25 -9.22 -8.89
HG CGU A 25 -10.20 -11.43 -8.07
N CGU A 26 -9.37 -6.76 -8.33
CA CGU A 26 -9.23 -5.32 -8.74
C CGU A 26 -7.75 -4.93 -8.77
O CGU A 26 -7.30 -4.31 -9.72
CB CGU A 26 -9.98 -4.44 -7.73
CG CGU A 26 -10.10 -3.03 -8.30
CD1 CGU A 26 -11.36 -2.36 -7.73
CD2 CGU A 26 -8.87 -2.22 -7.90
OE11 CGU A 26 -11.21 -1.43 -6.97
OE12 CGU A 26 -12.44 -2.80 -8.08
OE21 CGU A 26 -8.37 -1.48 -8.75
OE22 CGU A 26 -8.44 -2.34 -6.77
H CGU A 26 -9.81 -6.99 -7.49
HA CGU A 26 -9.67 -5.19 -9.72
HB2 CGU A 26 -9.43 -4.42 -6.81
HB3 CGU A 26 -10.96 -4.85 -7.56
HG CGU A 26 -10.18 -3.08 -9.38
N ALA A 27 -6.99 -5.25 -7.77
CA ALA A 27 -5.56 -4.87 -7.76
C ALA A 27 -4.78 -5.69 -8.80
N ARG A 28 -5.28 -6.83 -9.17
CA ARG A 28 -4.55 -7.68 -10.16
C ARG A 28 -4.49 -6.97 -11.52
N CGU A 29 -5.30 -5.97 -11.68
CA CGU A 29 -5.34 -5.24 -12.97
C CGU A 29 -4.39 -4.03 -12.93
O CGU A 29 -4.13 -3.40 -13.93
CB CGU A 29 -6.77 -4.75 -13.24
CG CGU A 29 -7.58 -5.91 -13.82
CD1 CGU A 29 -9.05 -5.72 -13.46
CD2 CGU A 29 -7.43 -5.91 -15.34
OE11 CGU A 29 -9.60 -4.67 -13.74
OE12 CGU A 29 -9.63 -6.65 -12.90
OE21 CGU A 29 -8.37 -5.50 -16.02
OE22 CGU A 29 -6.38 -6.32 -15.81
H CGU A 29 -5.90 -5.72 -10.94
HA CGU A 29 -5.03 -5.89 -13.77
HB2 CGU A 29 -6.75 -3.93 -13.94
HB3 CGU A 29 -7.22 -4.43 -12.30
HG CGU A 29 -7.23 -6.84 -13.42
N VAL A 30 -3.86 -3.70 -11.77
CA VAL A 30 -2.94 -2.53 -11.69
C VAL A 30 -1.50 -2.98 -12.00
N PHE A 31 -1.08 -4.10 -11.47
CA PHE A 31 0.32 -4.56 -11.74
C PHE A 31 0.31 -5.89 -12.50
N CGU A 32 1.15 -6.01 -13.50
CA CGU A 32 1.25 -7.28 -14.27
C CGU A 32 2.09 -8.27 -13.48
O CGU A 32 2.29 -9.40 -13.89
CB CGU A 32 1.94 -7.04 -15.60
CG CGU A 32 1.04 -7.52 -16.75
CD1 CGU A 32 0.88 -9.04 -16.64
CD2 CGU A 32 -0.33 -6.86 -16.63
OE11 CGU A 32 0.64 -9.53 -15.55
OE12 CGU A 32 1.02 -9.70 -17.66
OE21 CGU A 32 -0.36 -5.67 -16.40
OE22 CGU A 32 -1.32 -7.56 -16.80
H CGU A 32 1.75 -5.27 -13.72
HA CGU A 32 0.25 -7.69 -14.44
HB2 CGU A 32 2.87 -7.57 -15.61
HB3 CGU A 32 2.13 -5.97 -15.71
HG CGU A 32 1.50 -7.28 -17.69
N ASP A 33 2.61 -7.85 -12.36
CA ASP A 33 3.47 -8.73 -11.55
C ASP A 33 2.93 -10.16 -11.51
N ALA A 34 3.69 -11.08 -12.06
CA ALA A 34 3.26 -12.50 -12.01
C ALA A 34 3.56 -13.00 -10.61
N CGU A 35 4.54 -12.40 -9.98
CA CGU A 35 4.88 -12.78 -8.60
C CGU A 35 3.91 -12.06 -7.68
O CGU A 35 3.12 -12.68 -6.99
CB CGU A 35 6.31 -12.33 -8.29
CG CGU A 35 7.34 -13.22 -9.01
CD1 CGU A 35 7.67 -14.43 -8.13
CD2 CGU A 35 6.78 -13.72 -10.36
OE11 CGU A 35 7.08 -14.55 -7.07
OE12 CGU A 35 8.51 -15.22 -8.53
OE21 CGU A 35 6.84 -12.96 -11.31
OE22 CGU A 35 6.31 -14.84 -10.39
H CGU A 35 5.03 -11.68 -10.44
HA CGU A 35 4.79 -13.85 -8.46
HB2 CGU A 35 6.48 -12.40 -7.22
HB3 CGU A 35 6.45 -11.31 -8.61
HG CGU A 35 8.24 -12.66 -9.19
N GLN A 36 3.90 -10.75 -7.67
CA GLN A 36 2.94 -10.05 -6.79
C GLN A 36 1.56 -10.64 -7.02
N THR A 37 1.23 -11.03 -8.23
CA THR A 37 -0.13 -11.64 -8.41
C THR A 37 -0.35 -12.60 -7.25
N ASP A 38 0.49 -13.58 -7.11
CA ASP A 38 0.38 -14.53 -5.95
C ASP A 38 1.03 -13.90 -4.70
N CGU A 39 2.33 -13.74 -4.70
CA CGU A 39 3.03 -13.12 -3.52
C CGU A 39 2.14 -12.06 -2.90
O CGU A 39 1.75 -12.16 -1.75
CB CGU A 39 4.33 -12.47 -3.99
CG CGU A 39 5.49 -12.98 -3.14
CD1 CGU A 39 6.71 -13.25 -4.04
CD2 CGU A 39 5.86 -11.93 -2.09
OE11 CGU A 39 7.66 -12.48 -3.95
OE12 CGU A 39 6.66 -14.19 -4.80
OE21 CGU A 39 5.69 -10.76 -2.37
OE22 CGU A 39 6.29 -12.33 -1.01
H CGU A 39 2.85 -14.02 -5.48
HA CGU A 39 3.25 -13.88 -2.79
HB2 CGU A 39 4.25 -11.40 -3.88
HB3 CGU A 39 4.51 -12.71 -5.03
HG CGU A 39 5.21 -13.90 -2.65
N PHE A 40 1.78 -11.06 -3.66
CA PHE A 40 0.87 -10.01 -3.12
C PHE A 40 -0.23 -10.71 -2.33
N TRP A 41 -0.93 -11.61 -2.97
CA TRP A 41 -1.98 -12.38 -2.26
C TRP A 41 -1.27 -13.46 -1.42
N SER A 42 -1.99 -14.24 -0.67
CA SER A 42 -1.33 -15.29 0.14
C SER A 42 -0.39 -14.60 1.15
N LYS A 43 -0.72 -14.66 2.40
CA LYS A 43 0.10 -14.00 3.47
C LYS A 43 -0.34 -12.56 3.57
N TYR A 44 -0.85 -12.04 2.50
CA TYR A 44 -1.30 -10.64 2.48
C TYR A 44 -2.00 -10.30 3.80
N LYS A 45 -3.11 -10.96 4.08
CA LYS A 45 -3.90 -10.72 5.33
C LYS A 45 -3.03 -10.06 6.42
N ASP A 46 -2.73 -8.79 6.27
CA ASP A 46 -1.87 -8.11 7.26
C ASP A 46 -2.04 -6.60 7.14
N GLY A 47 -3.10 -6.15 6.53
CA GLY A 47 -3.25 -4.67 6.35
C GLY A 47 -2.17 -4.19 5.37
N ASP A 48 -1.50 -5.12 4.74
CA ASP A 48 -0.41 -4.76 3.78
C ASP A 48 0.80 -4.24 4.54
N GLN A 49 0.77 -4.30 5.85
CA GLN A 49 1.93 -3.85 6.67
C GLN A 49 1.97 -2.32 6.77
N CYS A 50 1.30 -1.62 5.91
CA CYS A 50 1.33 -0.13 5.98
C CYS A 50 -0.01 0.40 6.48
N GLU A 51 -1.04 -0.38 6.40
CA GLU A 51 -2.39 0.08 6.85
C GLU A 51 -2.33 0.68 8.26
N GLY A 52 -1.32 0.38 9.02
CA GLY A 52 -1.24 0.93 10.40
C GLY A 52 -0.60 2.33 10.40
N HIS A 53 -0.58 3.00 9.28
CA HIS A 53 0.05 4.36 9.24
C HIS A 53 1.38 4.31 9.98
N PRO A 54 2.26 3.47 9.50
CA PRO A 54 3.61 3.30 10.10
C PRO A 54 4.39 4.62 10.13
N CYS A 55 4.52 5.29 9.02
CA CYS A 55 5.30 6.57 9.02
C CYS A 55 4.66 7.57 9.98
N LEU A 56 5.29 8.70 10.16
CA LEU A 56 4.74 9.75 11.06
C LEU A 56 5.14 11.12 10.55
N ASN A 57 4.81 12.13 11.29
CA ASN A 57 5.15 13.52 10.87
C ASN A 57 4.95 13.66 9.38
N GLN A 58 3.73 13.52 8.94
CA GLN A 58 3.44 13.68 7.49
C GLN A 58 4.39 12.81 6.68
N GLY A 59 4.71 11.67 7.19
CA GLY A 59 5.63 10.75 6.47
C GLY A 59 4.84 9.88 5.50
N HIS A 60 5.27 9.79 4.27
CA HIS A 60 4.55 8.94 3.28
C HIS A 60 4.96 7.48 3.51
N CYS A 61 4.03 6.57 3.37
CA CYS A 61 4.37 5.14 3.61
C CYS A 61 4.21 4.34 2.31
N LYS A 62 5.22 3.62 1.90
CA LYS A 62 5.07 2.79 0.68
C LYS A 62 4.30 1.54 1.09
N BHD A 63 4.44 0.43 0.41
CA BHD A 63 3.65 -0.75 0.85
CB BHD A 63 2.20 -0.56 0.40
OB BHD A 63 2.16 -0.25 -0.98
CG BHD A 63 1.40 -1.84 0.59
OD1 BHD A 63 1.20 -2.23 1.72
OD2 BHD A 63 0.98 -2.40 -0.41
C BHD A 63 4.21 -2.07 0.31
O BHD A 63 5.05 -2.09 -0.58
H BHD A 63 5.04 0.37 -0.37
HA BHD A 63 3.67 -0.80 1.93
HB BHD A 63 1.77 0.24 0.98
HOB BHD A 63 2.64 0.58 -1.12
N GLY A 64 3.74 -3.17 0.85
CA GLY A 64 4.20 -4.52 0.42
C GLY A 64 3.47 -5.57 1.27
N ILE A 65 3.66 -6.84 1.00
CA ILE A 65 2.96 -7.88 1.81
C ILE A 65 3.77 -8.22 3.06
N GLY A 66 4.92 -8.81 2.89
CA GLY A 66 5.76 -9.18 4.08
C GLY A 66 6.13 -7.91 4.84
N ASP A 67 5.91 -6.76 4.26
CA ASP A 67 6.25 -5.51 4.99
C ASP A 67 5.87 -4.29 4.13
N TYR A 68 6.49 -3.19 4.40
CA TYR A 68 6.19 -1.94 3.66
C TYR A 68 7.42 -1.04 3.75
N THR A 69 7.25 0.23 3.53
CA THR A 69 8.40 1.17 3.65
C THR A 69 7.84 2.54 4.04
N CYS A 70 8.68 3.52 4.26
CA CYS A 70 8.15 4.83 4.64
C CYS A 70 8.89 5.92 3.87
N THR A 71 8.61 7.15 4.19
CA THR A 71 9.28 8.29 3.51
C THR A 71 9.12 9.55 4.37
N CYS A 72 10.21 10.18 4.74
CA CYS A 72 10.10 11.41 5.58
C CYS A 72 10.19 12.65 4.68
N ALA A 73 9.41 13.66 4.96
CA ALA A 73 9.45 14.90 4.12
C ALA A 73 10.71 15.70 4.42
N GLU A 74 10.83 16.84 3.79
CA GLU A 74 11.97 17.71 4.02
C GLU A 74 11.73 18.49 5.28
N GLY A 75 12.37 18.06 6.30
CA GLY A 75 12.24 18.69 7.63
C GLY A 75 11.79 17.64 8.65
N PHE A 76 11.92 16.40 8.31
CA PHE A 76 11.47 15.34 9.23
C PHE A 76 12.66 14.45 9.60
N GLU A 77 12.50 13.61 10.59
CA GLU A 77 13.64 12.73 10.99
C GLU A 77 13.14 11.53 11.79
N GLY A 78 13.99 10.58 12.06
CA GLY A 78 13.56 9.40 12.84
C GLY A 78 13.10 8.28 11.89
N LYS A 79 12.90 7.10 12.39
CA LYS A 79 12.47 5.98 11.52
C LYS A 79 11.16 6.36 10.85
N ASN A 80 10.19 6.70 11.64
CA ASN A 80 8.87 7.10 11.09
C ASN A 80 8.79 8.62 10.96
N CYS A 81 9.90 9.29 10.83
CA CYS A 81 9.87 10.77 10.72
C CYS A 81 9.46 11.37 12.06
N GLU A 82 9.45 10.55 13.09
CA GLU A 82 9.05 11.02 14.45
C GLU A 82 9.65 12.39 14.77
N PHE A 83 10.92 12.56 14.52
CA PHE A 83 11.58 13.85 14.83
C PHE A 83 11.29 14.89 13.76
N SER A 84 10.17 15.56 13.85
CA SER A 84 9.85 16.61 12.84
C SER A 84 10.84 17.76 13.00
N THR A 85 11.90 17.75 12.24
CA THR A 85 12.92 18.84 12.36
C THR A 85 12.26 20.19 12.19
N ARG A 86 11.12 20.20 11.57
CA ARG A 86 10.40 21.48 11.37
C ARG A 86 8.99 21.38 11.94
N ALA A 1 -18.29 -9.44 -10.97
CA ALA A 1 -19.08 -8.19 -11.14
C ALA A 1 -20.02 -8.01 -9.95
N ASN A 2 -20.91 -7.05 -10.02
CA ASN A 2 -21.85 -6.83 -8.88
C ASN A 2 -21.05 -6.47 -7.63
N SER A 3 -20.59 -5.25 -7.55
CA SER A 3 -19.80 -4.84 -6.35
C SER A 3 -19.14 -3.48 -6.62
N PHE A 4 -18.25 -3.05 -5.76
CA PHE A 4 -17.58 -1.74 -5.97
C PHE A 4 -16.76 -1.80 -7.27
N LEU A 5 -16.39 -2.98 -7.70
CA LEU A 5 -15.59 -3.09 -8.94
C LEU A 5 -16.45 -2.71 -10.14
N CGU A 6 -17.75 -2.84 -10.03
CA CGU A 6 -18.64 -2.47 -11.17
C CGU A 6 -18.33 -1.04 -11.58
O CGU A 6 -18.56 -0.63 -12.70
CB CGU A 6 -20.10 -2.58 -10.72
CG CGU A 6 -20.71 -3.85 -11.30
CD1 CGU A 6 -22.09 -4.09 -10.69
CD2 CGU A 6 -20.86 -3.70 -12.82
OE11 CGU A 6 -22.28 -3.70 -9.54
OE12 CGU A 6 -22.94 -4.65 -11.37
OE21 CGU A 6 -20.08 -2.97 -13.40
OE22 CGU A 6 -21.75 -4.33 -13.38
H CGU A 6 -18.14 -3.20 -9.19
HA CGU A 6 -18.46 -3.14 -12.00
HB2 CGU A 6 -20.64 -1.72 -11.08
HB3 CGU A 6 -20.15 -2.62 -9.64
HG CGU A 6 -20.07 -4.70 -11.08
N CGU A 7 -17.78 -0.26 -10.67
CA CGU A 7 -17.44 1.15 -11.00
C CGU A 7 -16.02 1.42 -10.50
O CGU A 7 -15.74 2.42 -9.87
CB CGU A 7 -18.42 2.09 -10.29
CG CGU A 7 -19.84 1.81 -10.81
CD1 CGU A 7 -20.72 1.36 -9.65
CD2 CGU A 7 -20.42 3.08 -11.42
OE11 CGU A 7 -21.54 0.47 -9.86
OE12 CGU A 7 -20.58 1.90 -8.56
OE21 CGU A 7 -19.67 4.00 -11.66
OE22 CGU A 7 -21.62 3.11 -11.65
H CGU A 7 -17.60 -0.61 -9.78
HA CGU A 7 -17.50 1.30 -12.06
HB2 CGU A 7 -18.16 3.12 -10.51
HB3 CGU A 7 -18.39 1.92 -9.22
HG CGU A 7 -19.80 1.04 -11.55
N VAL A 8 -15.12 0.52 -10.80
CA VAL A 8 -13.71 0.68 -10.35
C VAL A 8 -13.29 2.13 -10.49
N LYS A 9 -13.23 2.80 -9.40
CA LYS A 9 -12.80 4.22 -9.43
C LYS A 9 -11.34 4.22 -9.91
N GLN A 10 -11.14 4.22 -11.19
CA GLN A 10 -9.76 4.17 -11.74
C GLN A 10 -9.02 2.96 -11.19
N GLY A 11 -7.98 2.52 -11.85
CA GLY A 11 -7.24 1.33 -11.36
C GLY A 11 -5.92 1.75 -10.70
N ASN A 12 -5.09 0.80 -10.39
CA ASN A 12 -3.79 1.11 -9.74
C ASN A 12 -3.15 -0.22 -9.27
N LEU A 13 -1.99 -0.21 -8.67
CA LEU A 13 -1.38 -1.47 -8.24
C LEU A 13 -1.95 -1.85 -6.88
N CGU A 14 -1.42 -2.89 -6.29
CA CGU A 14 -1.90 -3.31 -4.96
C CGU A 14 -1.61 -2.19 -3.97
O CGU A 14 -2.09 -2.22 -2.85
CB CGU A 14 -1.15 -4.60 -4.53
CG CGU A 14 0.31 -4.31 -4.14
CD1 CGU A 14 1.00 -3.43 -5.19
CD2 CGU A 14 0.37 -3.60 -2.78
OE11 CGU A 14 1.23 -3.92 -6.28
OE12 CGU A 14 1.30 -2.30 -4.88
OE21 CGU A 14 1.30 -2.84 -2.57
OE22 CGU A 14 -0.52 -3.84 -1.97
H CGU A 14 -0.70 -3.36 -6.74
HA CGU A 14 -2.96 -3.51 -5.00
HB2 CGU A 14 -1.17 -5.30 -5.35
HB3 CGU A 14 -1.66 -5.03 -3.68
HG CGU A 14 0.84 -5.25 -4.08
N ARG A 15 -0.83 -1.23 -4.34
CA ARG A 15 -0.51 -0.14 -3.39
C ARG A 15 -1.68 0.82 -3.28
N CGU A 16 -2.33 1.14 -4.38
CA CGU A 16 -3.47 2.09 -4.31
C CGU A 16 -4.76 1.37 -3.86
O CGU A 16 -5.50 1.88 -3.06
CB CGU A 16 -3.69 2.72 -5.68
CG CGU A 16 -3.76 4.24 -5.54
CD1 CGU A 16 -4.89 4.61 -4.56
CD2 CGU A 16 -2.44 4.77 -4.99
OE11 CGU A 16 -6.00 4.80 -5.03
OE12 CGU A 16 -4.61 4.69 -3.38
OE21 CGU A 16 -2.47 5.56 -4.07
OE22 CGU A 16 -1.41 4.36 -5.51
H CGU A 16 -2.06 0.76 -5.24
HA CGU A 16 -3.24 2.87 -3.60
HB2 CGU A 16 -4.62 2.35 -6.10
HB3 CGU A 16 -2.87 2.45 -6.32
HG CGU A 16 -3.96 4.68 -6.51
N CYS A 17 -5.04 0.22 -4.41
CA CYS A 17 -6.31 -0.47 -4.03
C CYS A 17 -6.32 -0.82 -2.54
N LEU A 18 -5.18 -1.03 -1.94
CA LEU A 18 -5.20 -1.34 -0.48
C LEU A 18 -6.09 -0.33 0.22
N CGU A 19 -6.23 0.81 -0.39
CA CGU A 19 -7.09 1.88 0.16
C CGU A 19 -8.43 1.87 -0.59
O CGU A 19 -8.94 0.83 -0.96
CB CGU A 19 -6.41 3.22 -0.04
CG CGU A 19 -5.01 3.17 0.60
CD1 CGU A 19 -4.17 4.33 0.07
CD2 CGU A 19 -5.15 3.28 2.12
OE11 CGU A 19 -3.11 4.57 0.63
OE12 CGU A 19 -4.60 4.98 -0.87
OE21 CGU A 19 -5.59 4.32 2.58
OE22 CGU A 19 -4.81 2.32 2.80
H CGU A 19 -5.77 0.94 -1.24
HA CGU A 19 -7.27 1.70 1.21
HB2 CGU A 19 -6.99 4.00 0.43
HB3 CGU A 19 -6.31 3.43 -1.09
HG CGU A 19 -4.53 2.24 0.35
N CGU A 20 -9.02 3.02 -0.81
CA CGU A 20 -10.33 3.07 -1.53
C CGU A 20 -10.13 2.98 -3.05
O CGU A 20 -11.03 3.27 -3.81
CB CGU A 20 -11.03 4.39 -1.19
CG CGU A 20 -11.22 4.49 0.32
CD1 CGU A 20 -10.01 5.19 0.94
CD2 CGU A 20 -12.49 5.30 0.62
OE11 CGU A 20 -9.27 5.81 0.21
OE12 CGU A 20 -9.86 5.11 2.15
OE21 CGU A 20 -12.57 5.85 1.70
OE22 CGU A 20 -13.34 5.37 -0.24
H CGU A 20 -8.60 3.85 -0.49
HA CGU A 20 -10.95 2.25 -1.20
HB2 CGU A 20 -11.99 4.42 -1.68
HB3 CGU A 20 -10.42 5.21 -1.53
HG CGU A 20 -11.32 3.50 0.74
N ALA A 21 -8.97 2.59 -3.52
CA ALA A 21 -8.78 2.51 -5.00
C ALA A 21 -9.50 1.30 -5.57
N CYS A 22 -9.42 0.21 -4.88
CA CYS A 22 -10.13 -1.03 -5.35
C CYS A 22 -10.53 -1.88 -4.13
N SER A 23 -11.34 -2.87 -4.33
CA SER A 23 -11.79 -3.71 -3.18
C SER A 23 -10.78 -4.82 -2.91
N LEU A 24 -9.51 -4.57 -3.16
CA LEU A 24 -8.47 -5.61 -2.91
C LEU A 24 -8.42 -6.61 -4.07
N CGU A 25 -9.55 -7.00 -4.60
CA CGU A 25 -9.56 -7.97 -5.72
C CGU A 25 -8.88 -7.36 -6.96
O CGU A 25 -8.12 -8.01 -7.65
CB CGU A 25 -11.02 -8.32 -6.07
CG CGU A 25 -11.52 -9.40 -5.10
CD1 CGU A 25 -12.89 -8.99 -4.56
CD2 CGU A 25 -11.64 -10.73 -5.84
OE11 CGU A 25 -13.04 -7.84 -4.18
OE12 CGU A 25 -13.77 -9.84 -4.53
OE21 CGU A 25 -11.82 -10.70 -7.05
OE22 CGU A 25 -11.56 -11.76 -5.19
H CGU A 25 -10.40 -6.65 -4.25
HA CGU A 25 -9.04 -8.87 -5.44
HB2 CGU A 25 -11.06 -8.70 -7.08
HB3 CGU A 25 -11.63 -7.44 -5.98
HG CGU A 25 -10.83 -9.50 -4.28
N CGU A 26 -9.18 -6.12 -7.25
CA CGU A 26 -8.57 -5.48 -8.46
C CGU A 26 -7.04 -5.57 -8.39
O CGU A 26 -6.36 -5.41 -9.38
CB CGU A 26 -8.98 -4.01 -8.53
CG CGU A 26 -8.97 -3.56 -9.99
CD1 CGU A 26 -10.34 -2.98 -10.36
CD2 CGU A 26 -7.90 -2.48 -10.18
OE11 CGU A 26 -11.32 -3.68 -10.17
OE12 CGU A 26 -10.38 -1.86 -10.83
OE21 CGU A 26 -8.00 -1.73 -11.14
OE22 CGU A 26 -6.99 -2.42 -9.37
H CGU A 26 -9.81 -5.61 -6.69
HA CGU A 26 -8.91 -5.98 -9.35
HB2 CGU A 26 -8.29 -3.40 -7.96
HB3 CGU A 26 -9.97 -3.89 -8.12
HG CGU A 26 -8.75 -4.39 -10.62
N ALA A 27 -6.48 -5.81 -7.23
CA ALA A 27 -4.99 -5.90 -7.13
C ALA A 27 -4.52 -7.30 -7.55
N ARG A 28 -4.77 -7.66 -8.77
CA ARG A 28 -4.30 -8.99 -9.25
C ARG A 28 -4.24 -8.94 -10.77
N CGU A 29 -3.07 -8.98 -11.31
CA CGU A 29 -2.92 -8.91 -12.78
C CGU A 29 -3.12 -7.46 -13.24
O CGU A 29 -2.95 -7.15 -14.40
CB CGU A 29 -3.97 -9.81 -13.46
CG CGU A 29 -4.06 -11.15 -12.73
CD1 CGU A 29 -5.54 -11.54 -12.56
CD2 CGU A 29 -3.34 -12.22 -13.56
OE11 CGU A 29 -5.80 -12.37 -11.71
OE12 CGU A 29 -6.35 -11.00 -13.28
OE21 CGU A 29 -2.40 -11.87 -14.25
OE22 CGU A 29 -3.75 -13.36 -13.48
H CGU A 29 -2.27 -9.04 -10.75
HA CGU A 29 -1.93 -9.24 -13.07
HB2 CGU A 29 -3.69 -9.98 -14.49
HB3 CGU A 29 -4.93 -9.32 -13.44
HG CGU A 29 -3.60 -11.06 -11.76
N VAL A 30 -3.46 -6.57 -12.35
CA VAL A 30 -3.65 -5.15 -12.77
C VAL A 30 -2.26 -4.50 -12.85
N PHE A 31 -1.26 -5.13 -12.30
CA PHE A 31 0.10 -4.55 -12.35
C PHE A 31 1.08 -5.58 -12.90
N CGU A 32 1.99 -5.15 -13.74
CA CGU A 32 2.99 -6.09 -14.32
C CGU A 32 3.60 -6.94 -13.20
O CGU A 32 4.12 -8.01 -13.45
CB CGU A 32 4.11 -5.27 -14.99
CG CGU A 32 4.11 -5.55 -16.49
CD1 CGU A 32 2.91 -4.86 -17.14
CD2 CGU A 32 5.40 -5.01 -17.11
OE11 CGU A 32 3.06 -3.71 -17.55
OE12 CGU A 32 1.86 -5.47 -17.22
OE21 CGU A 32 5.36 -4.61 -18.25
OE22 CGU A 32 6.41 -5.02 -16.42
H CGU A 32 2.02 -4.20 -13.98
HA CGU A 32 2.51 -6.72 -15.05
HB2 CGU A 32 5.06 -5.57 -14.57
HB3 CGU A 32 3.94 -4.23 -14.81
HG CGU A 32 4.03 -6.62 -16.66
N ASP A 33 3.51 -6.47 -12.00
CA ASP A 33 4.08 -7.23 -10.84
C ASP A 33 3.82 -8.72 -11.01
N ALA A 34 4.74 -9.42 -11.63
CA ALA A 34 4.57 -10.89 -11.80
C ALA A 34 4.94 -11.58 -10.50
N CGU A 35 5.82 -10.99 -9.75
CA CGU A 35 6.22 -11.58 -8.45
C CGU A 35 5.16 -11.23 -7.42
O CGU A 35 4.52 -12.10 -6.87
CB CGU A 35 7.57 -11.03 -8.01
CG CGU A 35 8.68 -11.76 -8.77
CD1 CGU A 35 9.30 -10.82 -9.80
CD2 CGU A 35 9.75 -12.22 -7.77
OE11 CGU A 35 9.09 -11.04 -10.98
OE12 CGU A 35 9.99 -9.89 -9.40
OE21 CGU A 35 10.75 -11.51 -7.64
OE22 CGU A 35 9.57 -13.26 -7.17
H CGU A 35 6.21 -10.13 -10.03
HA CGU A 35 6.28 -12.66 -8.55
HB2 CGU A 35 7.70 -11.20 -6.95
HB3 CGU A 35 7.62 -9.98 -8.22
HG CGU A 35 8.26 -12.63 -9.27
N GLN A 36 4.93 -9.97 -7.16
CA GLN A 36 3.88 -9.63 -6.18
C GLN A 36 2.60 -10.35 -6.58
N THR A 37 2.32 -10.50 -7.86
CA THR A 37 1.07 -11.25 -8.22
C THR A 37 0.96 -12.46 -7.29
N ASP A 38 1.94 -13.32 -7.34
CA ASP A 38 1.95 -14.50 -6.43
C ASP A 38 2.50 -14.08 -5.05
N CGU A 39 3.77 -13.74 -4.97
CA CGU A 39 4.37 -13.30 -3.66
C CGU A 39 3.31 -12.54 -2.86
O CGU A 39 2.91 -12.96 -1.79
CB CGU A 39 5.56 -12.39 -3.94
CG CGU A 39 6.81 -12.97 -3.31
CD1 CGU A 39 6.70 -12.93 -1.79
CD2 CGU A 39 6.98 -14.43 -3.76
OE11 CGU A 39 5.59 -12.78 -1.30
OE12 CGU A 39 7.71 -13.05 -1.13
OE21 CGU A 39 7.49 -15.22 -2.99
OE22 CGU A 39 6.58 -14.73 -4.88
H CGU A 39 4.33 -13.77 -5.77
HA CGU A 39 4.70 -14.16 -3.10
HB2 CGU A 39 5.37 -11.41 -3.50
HB3 CGU A 39 5.69 -12.28 -5.00
HG CGU A 39 7.68 -12.40 -3.62
N PHE A 40 2.84 -11.44 -3.39
CA PHE A 40 1.78 -10.66 -2.70
C PHE A 40 0.79 -11.64 -2.10
N TRP A 41 0.24 -12.50 -2.92
CA TRP A 41 -0.71 -13.51 -2.41
C TRP A 41 0.07 -14.70 -1.80
N SER A 42 -0.64 -15.62 -1.17
CA SER A 42 0.00 -16.85 -0.58
C SER A 42 0.74 -16.54 0.72
N LYS A 43 1.68 -15.69 0.69
CA LYS A 43 2.40 -15.34 1.94
C LYS A 43 1.86 -14.01 2.40
N TYR A 44 0.79 -13.57 1.80
CA TYR A 44 0.20 -12.27 2.20
C TYR A 44 -0.13 -12.34 3.68
N LYS A 45 -1.20 -13.03 4.03
CA LYS A 45 -1.62 -13.19 5.47
C LYS A 45 -0.82 -12.28 6.42
N ASP A 46 -0.83 -11.01 6.17
CA ASP A 46 -0.06 -10.08 7.05
C ASP A 46 -0.64 -8.67 6.96
N GLY A 47 -1.76 -8.50 6.31
CA GLY A 47 -2.35 -7.13 6.19
C GLY A 47 -1.73 -6.44 4.97
N ASP A 48 -0.41 -6.49 4.88
CA ASP A 48 0.35 -5.86 3.74
C ASP A 48 1.61 -5.23 4.31
N GLN A 49 1.69 -5.14 5.61
CA GLN A 49 2.88 -4.53 6.26
C GLN A 49 2.81 -3.00 6.19
N CYS A 50 1.97 -2.46 5.35
CA CYS A 50 1.83 -0.97 5.32
C CYS A 50 0.58 -0.61 6.12
N GLU A 51 -0.32 -1.55 6.30
CA GLU A 51 -1.55 -1.26 7.10
C GLU A 51 -1.14 -0.82 8.51
N GLY A 52 -1.91 0.02 9.13
CA GLY A 52 -1.55 0.48 10.50
C GLY A 52 -0.95 1.88 10.44
N HIS A 53 -0.44 2.25 9.29
CA HIS A 53 0.17 3.61 9.15
C HIS A 53 1.46 3.69 9.97
N PRO A 54 2.38 2.81 9.67
CA PRO A 54 3.69 2.77 10.37
C PRO A 54 4.39 4.12 10.25
N CYS A 55 4.23 4.77 9.13
CA CYS A 55 4.89 6.09 8.93
C CYS A 55 4.16 7.16 9.74
N LEU A 56 4.77 8.30 9.93
CA LEU A 56 4.10 9.38 10.72
C LEU A 56 4.48 10.74 10.15
N ASN A 57 4.03 11.76 10.80
CA ASN A 57 4.35 13.14 10.34
C ASN A 57 4.19 13.21 8.83
N GLN A 58 3.00 12.99 8.36
CA GLN A 58 2.76 13.07 6.90
C GLN A 58 3.77 12.22 6.15
N GLY A 59 4.18 11.13 6.74
CA GLY A 59 5.16 10.24 6.07
C GLY A 59 4.43 9.33 5.09
N HIS A 60 5.00 9.10 3.93
CA HIS A 60 4.34 8.23 2.93
C HIS A 60 4.60 6.77 3.29
N CYS A 61 3.69 5.89 2.97
CA CYS A 61 3.89 4.46 3.32
C CYS A 61 4.00 3.62 2.05
N LYS A 62 5.05 2.88 1.90
CA LYS A 62 5.20 2.01 0.70
C LYS A 62 4.88 0.59 1.17
N BHD A 63 5.11 -0.42 0.41
CA BHD A 63 4.76 -1.78 0.90
CB BHD A 63 3.25 -1.98 0.71
OB BHD A 63 3.00 -2.57 -0.56
CG BHD A 63 2.72 -2.94 1.77
OD1 BHD A 63 2.86 -2.63 2.94
OD2 BHD A 63 2.16 -3.96 1.39
C BHD A 63 5.55 -2.87 0.17
O BHD A 63 6.69 -2.67 -0.22
H BHD A 63 5.51 -0.29 -0.49
HA BHD A 63 4.99 -1.83 1.95
HB BHD A 63 2.76 -1.03 0.78
HOB BHD A 63 2.12 -2.93 -0.54
N GLY A 64 4.95 -4.01 -0.01
CA GLY A 64 5.67 -5.13 -0.70
C GLY A 64 5.77 -6.33 0.27
N ILE A 65 4.63 -6.87 0.66
CA ILE A 65 4.56 -8.04 1.62
C ILE A 65 5.84 -8.20 2.46
N GLY A 66 6.95 -8.64 1.89
CA GLY A 66 8.20 -8.83 2.69
C GLY A 66 8.25 -7.79 3.80
N ASP A 67 7.77 -6.61 3.50
CA ASP A 67 7.71 -5.52 4.50
C ASP A 67 7.21 -4.28 3.78
N TYR A 68 7.39 -3.14 4.35
CA TYR A 68 6.91 -1.90 3.68
C TYR A 68 8.05 -0.88 3.70
N THR A 69 7.83 0.30 3.22
CA THR A 69 8.90 1.33 3.23
C THR A 69 8.29 2.70 3.38
N CYS A 70 8.47 3.32 4.50
CA CYS A 70 7.90 4.66 4.72
C CYS A 70 8.84 5.70 4.14
N THR A 71 8.51 6.93 4.37
CA THR A 71 9.36 8.05 3.86
C THR A 71 9.02 9.32 4.64
N CYS A 72 9.98 10.15 4.90
CA CYS A 72 9.71 11.41 5.65
C CYS A 72 9.78 12.60 4.66
N ALA A 73 8.83 13.50 4.71
CA ALA A 73 8.86 14.66 3.76
C ALA A 73 10.06 15.55 4.03
N GLU A 74 10.12 16.66 3.32
CA GLU A 74 11.21 17.61 3.50
C GLU A 74 10.89 18.48 4.71
N GLY A 75 11.51 18.15 5.76
CA GLY A 75 11.32 18.86 7.05
C GLY A 75 10.81 17.88 8.10
N PHE A 76 10.96 16.62 7.84
CA PHE A 76 10.46 15.60 8.78
C PHE A 76 11.66 14.85 9.37
N GLU A 77 11.46 14.14 10.44
CA GLU A 77 12.61 13.40 11.05
C GLU A 77 12.11 12.28 11.95
N GLY A 78 12.99 11.43 12.40
CA GLY A 78 12.56 10.32 13.29
C GLY A 78 12.35 9.05 12.48
N LYS A 79 12.11 7.95 13.13
CA LYS A 79 11.89 6.67 12.39
C LYS A 79 10.70 6.83 11.47
N ASN A 80 9.58 7.16 12.03
CA ASN A 80 8.34 7.35 11.24
C ASN A 80 8.14 8.85 10.99
N CYS A 81 9.20 9.60 10.96
CA CYS A 81 9.07 11.07 10.72
C CYS A 81 8.45 11.73 11.96
N GLU A 82 8.31 10.98 13.04
CA GLU A 82 7.72 11.53 14.29
C GLU A 82 8.14 13.00 14.51
N PHE A 83 9.39 13.29 14.32
CA PHE A 83 9.88 14.68 14.55
C PHE A 83 9.55 15.57 13.35
N SER A 84 8.39 16.15 13.34
CA SER A 84 8.01 17.03 12.20
C SER A 84 8.75 18.37 12.34
N THR A 85 9.90 18.48 11.74
CA THR A 85 10.67 19.75 11.83
C THR A 85 9.99 20.82 11.00
N ARG A 86 9.09 20.43 10.16
CA ARG A 86 8.37 21.41 9.29
C ARG A 86 7.78 22.52 10.17
N ALA A 1 -18.98 -5.74 -2.75
CA ALA A 1 -20.34 -5.25 -2.40
C ALA A 1 -20.57 -3.87 -3.03
N ASN A 2 -20.91 -3.83 -4.29
CA ASN A 2 -21.14 -2.52 -4.95
C ASN A 2 -19.90 -1.63 -4.78
N SER A 3 -18.94 -1.75 -5.65
CA SER A 3 -17.71 -0.92 -5.52
C SER A 3 -17.39 -0.26 -6.86
N PHE A 4 -16.24 0.36 -6.97
CA PHE A 4 -15.86 1.02 -8.25
C PHE A 4 -15.32 -0.02 -9.25
N LEU A 5 -15.52 -1.28 -8.99
CA LEU A 5 -15.00 -2.32 -9.92
C LEU A 5 -15.69 -2.18 -11.28
N CGU A 6 -16.91 -1.74 -11.31
CA CGU A 6 -17.61 -1.57 -12.62
C CGU A 6 -16.73 -0.72 -13.52
O CGU A 6 -16.72 -0.88 -14.74
CB CGU A 6 -18.96 -0.86 -12.40
CG CGU A 6 -18.72 0.59 -11.99
CD1 CGU A 6 -18.72 1.48 -13.24
CD2 CGU A 6 -19.82 1.04 -11.04
OE11 CGU A 6 -18.84 0.93 -14.32
OE12 CGU A 6 -18.62 2.68 -13.09
OE21 CGU A 6 -20.96 0.66 -11.25
OE22 CGU A 6 -19.53 1.77 -10.10
H CGU A 6 -17.36 -1.49 -10.47
HA CGU A 6 -17.78 -2.54 -13.07
HB2 CGU A 6 -19.50 -1.37 -11.62
HB3 CGU A 6 -19.53 -0.89 -13.31
HG CGU A 6 -17.75 0.67 -11.50
N CGU A 7 -15.96 0.17 -12.95
CA CGU A 7 -15.05 1.02 -13.76
C CGU A 7 -13.63 0.85 -13.22
O CGU A 7 -12.94 1.81 -12.93
CB CGU A 7 -15.47 2.49 -13.63
CG CGU A 7 -14.99 3.27 -14.85
CD1 CGU A 7 -15.94 3.03 -16.02
CD2 CGU A 7 -14.98 4.77 -14.51
OE11 CGU A 7 -17.11 2.81 -15.78
OE12 CGU A 7 -15.47 3.06 -17.14
OE21 CGU A 7 -14.33 5.14 -13.54
OE22 CGU A 7 -15.61 5.52 -15.23
H CGU A 7 -15.98 0.26 -11.97
HA CGU A 7 -15.09 0.72 -14.80
HB2 CGU A 7 -15.04 2.91 -12.73
HB3 CGU A 7 -16.55 2.54 -13.56
HG CGU A 7 -14.00 2.95 -15.11
N VAL A 8 -13.21 -0.38 -13.07
CA VAL A 8 -11.85 -0.63 -12.52
C VAL A 8 -10.85 0.36 -13.09
N LYS A 9 -10.59 1.35 -12.33
CA LYS A 9 -9.60 2.38 -12.75
C LYS A 9 -8.29 1.69 -13.09
N GLN A 10 -8.13 0.47 -12.63
CA GLN A 10 -6.88 -0.30 -12.90
C GLN A 10 -5.81 0.06 -11.86
N GLY A 11 -5.50 -0.85 -10.98
CA GLY A 11 -4.47 -0.58 -9.94
C GLY A 11 -3.13 -0.28 -10.63
N ASN A 12 -2.05 -0.84 -10.15
CA ASN A 12 -0.76 -0.57 -10.82
C ASN A 12 0.33 -1.50 -10.29
N LEU A 13 0.46 -1.67 -8.99
CA LEU A 13 1.52 -2.58 -8.49
C LEU A 13 1.31 -2.92 -7.01
N CGU A 14 0.60 -2.11 -6.28
CA CGU A 14 0.36 -2.40 -4.84
C CGU A 14 -0.33 -1.20 -4.21
O CGU A 14 -1.33 -1.34 -3.53
CB CGU A 14 1.70 -2.63 -4.15
CG CGU A 14 1.96 -4.13 -4.00
CD1 CGU A 14 3.38 -4.46 -4.47
CD2 CGU A 14 1.81 -4.53 -2.53
OE11 CGU A 14 4.24 -3.61 -4.33
OE12 CGU A 14 3.57 -5.56 -4.96
OE21 CGU A 14 0.95 -3.96 -1.87
OE22 CGU A 14 2.56 -5.38 -2.09
H CGU A 14 0.22 -1.30 -6.69
HA CGU A 14 -0.25 -3.28 -4.74
HB2 CGU A 14 1.69 -2.17 -3.17
HB3 CGU A 14 2.50 -2.19 -4.73
HG CGU A 14 1.25 -4.67 -4.60
N ARG A 15 0.20 -0.03 -4.41
CA ARG A 15 -0.41 1.19 -3.79
C ARG A 15 -1.62 1.68 -4.61
N CGU A 16 -1.72 1.32 -5.87
CA CGU A 16 -2.87 1.76 -6.70
C CGU A 16 -4.07 0.85 -6.44
O CGU A 16 -5.04 0.86 -7.17
CB CGU A 16 -2.48 1.70 -8.17
CG CGU A 16 -2.76 3.05 -8.83
CD1 CGU A 16 -1.45 3.66 -9.32
CD2 CGU A 16 -3.72 2.86 -10.02
OE11 CGU A 16 -1.51 4.44 -10.26
OE12 CGU A 16 -0.42 3.34 -8.76
OE21 CGU A 16 -4.80 2.33 -9.81
OE22 CGU A 16 -3.35 3.25 -11.12
H CGU A 16 -1.04 0.75 -6.26
HA CGU A 16 -3.13 2.77 -6.44
HB2 CGU A 16 -3.07 0.94 -8.67
HB3 CGU A 16 -1.44 1.46 -8.26
HG CGU A 16 -3.22 3.71 -8.11
N CYS A 17 -4.00 0.04 -5.43
CA CYS A 17 -5.11 -0.90 -5.12
C CYS A 17 -4.89 -1.45 -3.71
N LEU A 18 -4.51 -0.59 -2.83
CA LEU A 18 -4.28 -1.01 -1.42
C LEU A 18 -5.29 -0.29 -0.52
N CGU A 19 -6.11 0.54 -1.08
CA CGU A 19 -7.13 1.27 -0.27
C CGU A 19 -8.52 0.89 -0.74
O CGU A 19 -8.75 -0.19 -1.25
CB CGU A 19 -6.93 2.77 -0.49
CG CGU A 19 -5.47 3.15 -0.22
CD1 CGU A 19 -4.75 3.37 -1.56
CD2 CGU A 19 -5.41 4.43 0.60
OE11 CGU A 19 -5.11 4.30 -2.26
OE12 CGU A 19 -3.84 2.60 -1.85
OE21 CGU A 19 -4.32 4.95 0.78
OE22 CGU A 19 -6.46 4.88 1.04
H CGU A 19 -6.06 0.71 -2.04
HA CGU A 19 -7.00 1.03 0.77
HB2 CGU A 19 -7.56 3.31 0.19
HB3 CGU A 19 -7.19 3.02 -1.50
HG CGU A 19 -4.98 2.35 0.31
N CGU A 20 -9.47 1.78 -0.59
CA CGU A 20 -10.85 1.48 -1.05
C CGU A 20 -10.92 1.63 -2.57
O CGU A 20 -11.95 1.46 -3.19
CB CGU A 20 -11.83 2.45 -0.40
CG CGU A 20 -11.42 2.71 1.06
CD1 CGU A 20 -11.08 4.18 1.24
CD2 CGU A 20 -12.57 2.33 1.99
OE11 CGU A 20 -11.15 4.65 2.37
OE12 CGU A 20 -10.77 4.83 0.26
OE21 CGU A 20 -13.50 1.67 1.53
OE22 CGU A 20 -12.53 2.71 3.14
H CGU A 20 -9.26 2.65 -0.20
HA CGU A 20 -11.11 0.46 -0.77
HB2 CGU A 20 -12.82 2.04 -0.42
HB3 CGU A 20 -11.82 3.39 -0.94
HG CGU A 20 -10.55 2.10 1.29
N ALA A 21 -9.81 1.97 -3.18
CA ALA A 21 -9.81 2.15 -4.66
C ALA A 21 -9.48 0.82 -5.35
N CYS A 22 -9.89 -0.27 -4.75
CA CYS A 22 -9.60 -1.59 -5.37
C CYS A 22 -10.68 -2.60 -5.00
N SER A 23 -11.04 -2.67 -3.74
CA SER A 23 -12.07 -3.65 -3.28
C SER A 23 -11.42 -5.01 -3.02
N LEU A 24 -10.13 -5.11 -3.29
CA LEU A 24 -9.42 -6.41 -3.06
C LEU A 24 -9.59 -7.33 -4.27
N CGU A 25 -10.81 -7.60 -4.65
CA CGU A 25 -11.04 -8.51 -5.81
C CGU A 25 -10.40 -7.92 -7.07
O CGU A 25 -9.91 -8.64 -7.92
CB CGU A 25 -12.53 -8.71 -6.03
CG CGU A 25 -12.89 -10.19 -5.89
CD1 CGU A 25 -13.13 -10.52 -4.41
CD2 CGU A 25 -14.14 -10.50 -6.69
OE11 CGU A 25 -12.99 -9.62 -3.59
OE12 CGU A 25 -13.44 -11.66 -4.12
OE21 CGU A 25 -15.17 -10.78 -6.07
OE22 CGU A 25 -14.07 -10.45 -7.91
H CGU A 25 -11.58 -7.21 -4.17
HA CGU A 25 -10.58 -9.47 -5.60
HB2 CGU A 25 -12.80 -8.37 -7.02
HB3 CGU A 25 -13.09 -8.13 -5.29
HG CGU A 25 -12.06 -10.79 -6.25
N CGU A 26 -10.42 -6.62 -7.20
CA CGU A 26 -9.82 -5.99 -8.42
C CGU A 26 -8.30 -6.12 -8.39
O CGU A 26 -7.63 -5.99 -9.40
CB CGU A 26 -10.20 -4.51 -8.46
CG CGU A 26 -9.34 -3.78 -9.49
CD1 CGU A 26 -9.61 -4.35 -10.88
CD2 CGU A 26 -9.68 -2.29 -9.48
OE11 CGU A 26 -10.45 -5.24 -10.98
OE12 CGU A 26 -8.98 -3.90 -11.83
OE21 CGU A 26 -10.85 -1.97 -9.34
OE22 CGU A 26 -8.76 -1.49 -9.60
H CGU A 26 -10.82 -6.06 -6.51
HA CGU A 26 -10.21 -6.48 -9.30
HB2 CGU A 26 -10.05 -4.07 -7.48
HB3 CGU A 26 -11.24 -4.41 -8.73
HG CGU A 26 -8.29 -3.91 -9.24
N ALA A 27 -7.74 -6.40 -7.24
CA ALA A 27 -6.25 -6.53 -7.14
C ALA A 27 -5.80 -7.80 -7.87
N ARG A 28 -6.65 -8.78 -7.98
CA ARG A 28 -6.25 -10.04 -8.67
C ARG A 28 -6.61 -9.98 -10.15
N CGU A 29 -7.48 -9.09 -10.50
CA CGU A 29 -7.92 -8.97 -11.92
C CGU A 29 -6.96 -8.07 -12.72
O CGU A 29 -6.66 -8.34 -13.86
CB CGU A 29 -9.33 -8.38 -11.96
CG CGU A 29 -10.25 -9.20 -11.05
CD1 CGU A 29 -11.38 -8.30 -10.54
CD2 CGU A 29 -10.84 -10.37 -11.83
OE11 CGU A 29 -11.71 -8.41 -9.37
OE12 CGU A 29 -11.89 -7.52 -11.33
OE21 CGU A 29 -12.04 -10.58 -11.73
OE22 CGU A 29 -10.09 -11.04 -12.51
H CGU A 29 -7.86 -8.51 -9.81
HA CGU A 29 -7.93 -9.96 -12.38
HB2 CGU A 29 -9.72 -8.42 -12.97
HB3 CGU A 29 -9.30 -7.36 -11.63
HG CGU A 29 -9.68 -9.57 -10.21
N VAL A 30 -6.50 -7.00 -12.13
CA VAL A 30 -5.59 -6.08 -12.89
C VAL A 30 -4.13 -6.46 -12.62
N PHE A 31 -3.88 -7.37 -11.73
CA PHE A 31 -2.47 -7.74 -11.43
C PHE A 31 -2.07 -9.02 -12.16
N CGU A 32 -1.45 -8.90 -13.29
CA CGU A 32 -0.99 -10.12 -14.02
C CGU A 32 0.04 -10.82 -13.14
O CGU A 32 0.37 -11.97 -13.34
CB CGU A 32 -0.33 -9.71 -15.33
CG CGU A 32 -1.33 -8.96 -16.21
CD1 CGU A 32 -0.90 -7.51 -16.33
CD2 CGU A 32 -1.37 -9.61 -17.59
OE11 CGU A 32 -1.09 -6.94 -17.40
OE12 CGU A 32 -0.39 -6.97 -15.37
OE21 CGU A 32 -0.99 -10.77 -17.69
OE22 CGU A 32 -1.78 -8.94 -18.52
H CGU A 32 -1.25 -8.02 -13.65
HA CGU A 32 -1.83 -10.78 -14.20
HB2 CGU A 32 0.01 -10.60 -15.84
HB3 CGU A 32 0.52 -9.08 -15.12
HG CGU A 32 -2.31 -9.01 -15.75
N ASP A 33 0.55 -10.11 -12.17
CA ASP A 33 1.58 -10.68 -11.27
C ASP A 33 1.23 -12.13 -10.93
N ALA A 34 2.01 -13.07 -11.40
CA ALA A 34 1.72 -14.49 -11.08
C ALA A 34 2.23 -14.76 -9.66
N CGU A 35 3.26 -14.07 -9.26
CA CGU A 35 3.78 -14.26 -7.88
C CGU A 35 2.91 -13.41 -6.95
O CGU A 35 2.29 -13.93 -6.05
CB CGU A 35 5.23 -13.79 -7.81
CG CGU A 35 6.07 -14.57 -8.82
CD1 CGU A 35 7.53 -14.09 -8.77
CD2 CGU A 35 6.03 -16.05 -8.47
OE11 CGU A 35 7.80 -13.19 -7.99
OE12 CGU A 35 8.33 -14.60 -9.52
OE21 CGU A 35 5.10 -16.72 -8.90
OE22 CGU A 35 6.92 -16.51 -7.77
H CGU A 35 3.68 -13.43 -9.86
HA CGU A 35 3.71 -15.29 -7.60
HB2 CGU A 35 5.62 -13.95 -6.82
HB3 CGU A 35 5.28 -12.73 -8.04
HG CGU A 35 5.68 -14.42 -9.81
N GLN A 36 2.84 -12.13 -7.17
CA GLN A 36 1.98 -11.30 -6.29
C GLN A 36 0.58 -11.89 -6.28
N THR A 37 0.12 -12.44 -7.36
CA THR A 37 -1.25 -13.03 -7.32
C THR A 37 -1.36 -13.88 -6.05
N ASP A 38 -0.51 -14.85 -5.91
CA ASP A 38 -0.53 -15.69 -4.67
C ASP A 38 0.19 -14.97 -3.53
N CGU A 39 1.48 -14.78 -3.64
CA CGU A 39 2.24 -14.07 -2.56
C CGU A 39 1.37 -12.96 -1.96
O CGU A 39 1.05 -12.96 -0.79
CB CGU A 39 3.50 -13.44 -3.15
CG CGU A 39 4.74 -14.16 -2.61
CD1 CGU A 39 4.86 -15.53 -3.28
CD2 CGU A 39 5.98 -13.33 -2.91
OE11 CGU A 39 4.68 -16.52 -2.59
OE12 CGU A 39 5.14 -15.56 -4.46
OE21 CGU A 39 5.84 -12.29 -3.52
OE22 CGU A 39 7.06 -13.75 -2.51
H CGU A 39 1.96 -15.09 -4.43
HA CGU A 39 2.51 -14.76 -1.78
HB2 CGU A 39 3.55 -12.40 -2.88
HB3 CGU A 39 3.47 -13.53 -4.23
HG CGU A 39 4.64 -14.29 -1.54
N PHE A 40 0.97 -12.03 -2.78
CA PHE A 40 0.10 -10.92 -2.30
C PHE A 40 -1.05 -11.46 -1.45
N TRP A 41 -1.72 -12.50 -1.92
CA TRP A 41 -2.88 -13.06 -1.16
C TRP A 41 -2.43 -13.99 -0.01
N SER A 42 -1.86 -15.13 -0.31
CA SER A 42 -1.46 -16.07 0.77
C SER A 42 -0.51 -15.39 1.75
N LYS A 43 0.50 -14.77 1.22
CA LYS A 43 1.47 -14.07 2.10
C LYS A 43 0.90 -12.69 2.46
N TYR A 44 -0.29 -12.40 2.01
CA TYR A 44 -0.90 -11.09 2.31
C TYR A 44 -0.73 -10.79 3.79
N LYS A 45 -1.44 -11.52 4.63
CA LYS A 45 -1.40 -11.32 6.13
C LYS A 45 -0.26 -10.39 6.55
N ASP A 46 -0.39 -9.13 6.23
CA ASP A 46 0.68 -8.15 6.58
C ASP A 46 0.12 -6.72 6.52
N GLY A 47 -0.83 -6.49 5.65
CA GLY A 47 -1.37 -5.11 5.51
C GLY A 47 -0.70 -4.47 4.29
N ASP A 48 -0.05 -5.27 3.49
CA ASP A 48 0.66 -4.75 2.27
C ASP A 48 1.93 -4.02 2.71
N GLN A 49 2.33 -4.16 3.95
CA GLN A 49 3.56 -3.50 4.44
C GLN A 49 3.35 -1.99 4.63
N CYS A 50 2.25 -1.46 4.16
CA CYS A 50 2.01 0.01 4.33
C CYS A 50 0.79 0.24 5.23
N GLU A 51 0.04 -0.79 5.52
CA GLU A 51 -1.15 -0.61 6.39
C GLU A 51 -0.69 -0.45 7.84
N GLY A 52 -1.45 0.24 8.65
CA GLY A 52 -1.05 0.44 10.07
C GLY A 52 -0.31 1.77 10.21
N HIS A 53 0.09 2.35 9.12
CA HIS A 53 0.82 3.65 9.19
C HIS A 53 2.20 3.42 9.82
N PRO A 54 3.05 2.75 9.09
CA PRO A 54 4.42 2.44 9.56
C PRO A 54 5.19 3.73 9.84
N CYS A 55 5.02 4.72 9.03
CA CYS A 55 5.75 6.02 9.26
C CYS A 55 4.96 6.88 10.24
N LEU A 56 5.48 8.02 10.58
CA LEU A 56 4.76 8.92 11.52
C LEU A 56 4.92 10.36 11.05
N ASN A 57 4.44 11.28 11.82
CA ASN A 57 4.59 12.71 11.45
C ASN A 57 4.19 12.94 10.00
N GLN A 58 2.99 12.57 9.66
CA GLN A 58 2.50 12.81 8.28
C GLN A 58 3.55 12.37 7.27
N GLY A 59 4.33 11.39 7.62
CA GLY A 59 5.38 10.90 6.67
C GLY A 59 4.73 10.00 5.63
N HIS A 60 5.29 9.93 4.44
CA HIS A 60 4.69 9.06 3.39
C HIS A 60 5.12 7.61 3.66
N CYS A 61 4.38 6.65 3.18
CA CYS A 61 4.75 5.24 3.43
C CYS A 61 4.88 4.49 2.10
N LYS A 62 6.05 4.02 1.78
CA LYS A 62 6.21 3.24 0.52
C LYS A 62 5.69 1.83 0.79
N BHD A 63 5.85 0.90 -0.10
CA BHD A 63 5.32 -0.45 0.19
CB BHD A 63 3.85 -0.51 -0.24
OB BHD A 63 3.25 0.77 -0.08
CG BHD A 63 3.73 -0.86 -1.73
OD1 BHD A 63 3.43 -2.00 -2.01
OD2 BHD A 63 3.93 0.02 -2.54
C BHD A 63 6.11 -1.55 -0.53
O BHD A 63 7.26 -1.38 -0.89
H BHD A 63 6.28 1.09 -0.95
HA BHD A 63 5.38 -0.62 1.26
HB BHD A 63 3.33 -1.23 0.36
HOB BHD A 63 2.33 0.70 -0.37
N GLY A 64 5.47 -2.67 -0.72
CA GLY A 64 6.11 -3.83 -1.40
C GLY A 64 5.74 -5.10 -0.61
N ILE A 65 5.35 -6.16 -1.26
CA ILE A 65 4.97 -7.37 -0.48
C ILE A 65 6.12 -7.72 0.50
N GLY A 66 7.28 -8.01 -0.01
CA GLY A 66 8.42 -8.38 0.88
C GLY A 66 8.47 -7.43 2.08
N ASP A 67 8.42 -6.16 1.83
CA ASP A 67 8.46 -5.17 2.95
C ASP A 67 8.02 -3.79 2.42
N TYR A 68 8.54 -2.74 2.95
CA TYR A 68 8.13 -1.40 2.48
C TYR A 68 9.19 -0.37 2.86
N THR A 69 8.84 0.88 2.78
CA THR A 69 9.79 1.96 3.15
C THR A 69 8.95 3.12 3.68
N CYS A 70 9.56 4.22 4.03
CA CYS A 70 8.76 5.35 4.53
C CYS A 70 9.33 6.64 3.95
N THR A 71 8.82 7.75 4.38
CA THR A 71 9.33 9.05 3.88
C THR A 71 8.92 10.15 4.87
N CYS A 72 9.79 11.09 5.13
CA CYS A 72 9.42 12.17 6.09
C CYS A 72 9.11 13.45 5.31
N ALA A 73 8.12 14.20 5.73
CA ALA A 73 7.77 15.45 5.02
C ALA A 73 8.77 16.54 5.35
N GLU A 74 8.62 17.69 4.76
CA GLU A 74 9.52 18.79 5.05
C GLU A 74 9.06 19.43 6.35
N GLY A 75 9.77 19.10 7.35
CA GLY A 75 9.48 19.60 8.71
C GLY A 75 9.36 18.45 9.67
N PHE A 76 9.99 17.36 9.38
CA PHE A 76 9.86 16.20 10.27
C PHE A 76 11.20 15.47 10.37
N GLU A 77 11.38 14.69 11.39
CA GLU A 77 12.69 13.98 11.56
C GLU A 77 12.48 12.65 12.28
N GLY A 78 13.52 11.87 12.42
CA GLY A 78 13.38 10.57 13.13
C GLY A 78 13.14 9.44 12.14
N LYS A 79 13.24 8.22 12.58
CA LYS A 79 13.01 7.06 11.67
C LYS A 79 11.64 7.20 11.04
N ASN A 80 10.64 7.25 11.85
CA ASN A 80 9.26 7.39 11.34
C ASN A 80 8.89 8.88 11.33
N CYS A 81 9.85 9.74 11.22
CA CYS A 81 9.54 11.20 11.21
C CYS A 81 8.98 11.57 12.60
N GLU A 82 9.17 10.70 13.55
CA GLU A 82 8.67 10.94 14.94
C GLU A 82 8.99 12.35 15.44
N PHE A 83 10.17 12.82 15.18
CA PHE A 83 10.56 14.18 15.68
C PHE A 83 9.99 15.28 14.79
N SER A 84 8.78 15.67 15.04
CA SER A 84 8.18 16.78 14.24
C SER A 84 8.92 18.08 14.58
N THR A 85 9.70 18.59 13.67
CA THR A 85 10.45 19.85 13.96
C THR A 85 9.63 21.06 13.51
N ARG A 86 8.90 20.87 12.46
CA ARG A 86 8.05 21.96 11.92
C ARG A 86 8.76 23.31 12.06
#